data_3BZ4
#
_entry.id   3BZ4
#
_cell.length_a   67.060
_cell.length_b   137.600
_cell.length_c   109.800
_cell.angle_alpha   90.000
_cell.angle_beta   95.150
_cell.angle_gamma   90.000
#
_symmetry.space_group_name_H-M   'P 1 21 1'
#
loop_
_entity.id
_entity.type
_entity.pdbx_description
1 polymer 'Fab F22-4 light chain'
2 polymer 'Fab F22-4 heavy chain'
3 branched 'alpha-L-rhamnopyranose-(1-2)-alpha-L-rhamnopyranose-(1-3)-[alpha-D-glucopyranose-(1-4)]alpha-L-rhamnopyranose-(1-3)-2-acetamido-2-deoxy-beta-D-glucopyranose-(1-2)-alpha-L-rhamnopyranose-(1-2)-alpha-L-rhamnopyranose-(1-3)-[alpha-D-glucopyranose-(1-4)]alpha-L-rhamnopyranose-(1-3)-2-aminoethyl 2-acetamido-2-deoxy-beta-D-glucopyranoside'
4 non-polymer 'PALLADIUM ION'
5 water water
#
loop_
_entity_poly.entity_id
_entity_poly.type
_entity_poly.pdbx_seq_one_letter_code
_entity_poly.pdbx_strand_id
1 'polypeptide(L)'
;DIVMTQAAFSNPVTLGTSASISCRSSKSLLHSDGITYLYWYLQKPGQSPHLLIYHLSNLASGVPDRFSSSGSGTDFTLRI
SRVEAEDVGIYYCAHNVELPRTFGGGTKLEIKRADAAPTVSIFPPSSEQLTSGGASVVCFLNNFYPKDINVKWKIDGSER
QNGVLNSWTDQDSKDSTYSMSSTLTLTKDEYERHNSYTCEATHKTSTSPIVKSFNRNEC
;
A,C,E,G
2 'polypeptide(L)'
;EVKVEESGGGLVQPGGSMKISCVVSGLTFSNYWMSWVRQSPEKGLEWVAEIRLKSDNYATYYAESVKGKFTISRDDSKSR
LYLQMNNLRTEDTGIYYCFLPMDYWGQGTSVTVSSAKTTPPSVYPLAPGSAAQTNSMVTLGCLVKGYFPEPVTVTWNSGS
LSSGVHTFPAVLQSDLYTLSSSVTVPSSTWPSETVTCNVAHPASSTKVDKKIVPRDC
;
B,D,F,H
#
# COMPACT_ATOMS: atom_id res chain seq x y z
N ASP A 1 -1.58 28.25 -8.53
CA ASP A 1 -0.53 27.37 -8.00
C ASP A 1 0.77 28.12 -7.93
N ILE A 2 1.46 27.94 -6.80
CA ILE A 2 2.82 28.42 -6.58
C ILE A 2 3.61 27.19 -6.11
N VAL A 3 4.80 27.02 -6.67
CA VAL A 3 5.77 26.01 -6.26
C VAL A 3 6.82 26.70 -5.37
N MET A 4 7.01 26.14 -4.18
CA MET A 4 8.06 26.57 -3.24
C MET A 4 9.17 25.56 -3.28
N THR A 5 10.38 26.00 -3.57
CA THR A 5 11.50 25.08 -3.77
C THR A 5 12.56 25.23 -2.70
N GLN A 6 12.82 24.15 -1.97
CA GLN A 6 13.97 24.11 -1.07
C GLN A 6 14.66 22.75 -1.11
N ALA A 7 15.94 22.76 -0.79
CA ALA A 7 16.77 21.56 -0.73
C ALA A 7 16.35 20.64 0.40
N ALA A 8 16.30 19.33 0.14
CA ALA A 8 15.95 18.36 1.20
C ALA A 8 16.96 18.41 2.36
N PHE A 9 18.23 18.66 2.06
CA PHE A 9 19.28 18.64 3.09
C PHE A 9 20.20 19.86 3.07
N SER A 10 20.90 20.05 4.19
CA SER A 10 21.92 21.09 4.31
C SER A 10 23.23 20.48 4.85
N ASN A 11 24.34 21.19 4.69
CA ASN A 11 25.61 20.72 5.25
C ASN A 11 25.46 20.61 6.76
N PRO A 12 25.93 19.49 7.34
CA PRO A 12 25.91 19.39 8.80
C PRO A 12 26.62 20.59 9.41
N VAL A 13 26.03 21.13 10.47
CA VAL A 13 26.49 22.36 11.09
C VAL A 13 26.98 22.07 12.50
N THR A 14 28.16 22.60 12.81
CA THR A 14 28.74 22.46 14.12
C THR A 14 27.95 23.26 15.15
N LEU A 15 27.79 22.69 16.34
CA LEU A 15 27.11 23.43 17.37
C LEU A 15 27.76 24.79 17.59
N GLY A 16 26.94 25.82 17.73
CA GLY A 16 27.43 27.16 18.05
C GLY A 16 27.82 27.98 16.84
N THR A 17 27.71 27.39 15.65
CA THR A 17 27.94 28.11 14.41
C THR A 17 26.65 28.26 13.60
N SER A 18 26.73 28.97 12.47
CA SER A 18 25.54 29.43 11.79
C SER A 18 25.07 28.45 10.73
N ALA A 19 23.75 28.33 10.59
CA ALA A 19 23.17 27.60 9.48
C ALA A 19 22.42 28.58 8.58
N SER A 20 22.25 28.22 7.31
CA SER A 20 21.56 29.05 6.32
C SER A 20 20.71 28.16 5.39
N ILE A 21 19.41 28.38 5.42
CA ILE A 21 18.47 27.57 4.64
C ILE A 21 17.77 28.46 3.62
N SER A 22 17.76 28.02 2.37
CA SER A 22 17.24 28.79 1.26
C SER A 22 15.91 28.24 0.80
N CYS A 23 15.16 29.12 0.15
CA CYS A 23 13.89 28.75 -0.48
C CYS A 23 13.69 29.72 -1.62
N ARG A 24 12.92 29.29 -2.61
CA ARG A 24 12.52 30.18 -3.65
C ARG A 24 11.11 29.85 -4.08
N SER A 25 10.44 30.83 -4.68
CA SER A 25 9.07 30.66 -5.11
C SER A 25 8.95 30.88 -6.62
N SER A 26 7.92 30.28 -7.20
CA SER A 26 7.65 30.37 -8.62
C SER A 26 6.98 31.70 -9.00
N LYS A 27 6.61 32.50 -8.01
CA LYS A 27 5.90 33.74 -8.22
C LYS A 27 6.34 34.66 -7.09
N SER A 28 6.41 35.96 -7.36
CA SER A 28 6.69 36.92 -6.30
C SER A 28 5.65 36.91 -5.19
N LEU A 29 6.14 36.92 -3.96
CA LEU A 29 5.31 36.97 -2.75
C LEU A 29 5.28 38.37 -2.15
N LEU A 30 5.91 39.32 -2.84
CA LEU A 30 5.89 40.74 -2.45
C LEU A 30 4.58 41.35 -2.94
N HIS A 31 3.73 41.73 -1.97
CA HIS A 31 2.40 42.28 -2.24
C HIS A 31 2.47 43.79 -2.49
N SER A 32 1.43 44.34 -3.10
CA SER A 32 1.34 45.79 -3.31
C SER A 32 1.36 46.58 -1.98
N ASP A 33 0.95 45.94 -0.87
CA ASP A 33 0.99 46.57 0.45
C ASP A 33 2.36 46.63 1.09
N GLY A 34 3.38 46.13 0.40
CA GLY A 34 4.77 46.23 0.85
C GLY A 34 5.26 45.01 1.61
N ILE A 35 4.34 44.10 1.95
CA ILE A 35 4.70 42.93 2.74
C ILE A 35 5.07 41.79 1.82
N THR A 36 6.13 41.07 2.18
CA THR A 36 6.50 39.84 1.47
C THR A 36 5.93 38.66 2.28
N TYR A 37 4.93 37.99 1.71
CA TYR A 37 4.15 36.98 2.43
C TYR A 37 4.78 35.58 2.43
N LEU A 38 5.94 35.50 3.07
CA LEU A 38 6.78 34.32 3.13
C LEU A 38 6.84 33.92 4.60
N TYR A 39 6.69 32.61 4.86
CA TYR A 39 6.62 32.09 6.21
C TYR A 39 7.57 30.93 6.35
N TRP A 40 8.14 30.79 7.54
CA TRP A 40 8.92 29.62 7.89
C TRP A 40 8.30 28.87 9.08
N TYR A 41 8.25 27.54 8.96
CA TYR A 41 7.79 26.62 9.98
C TYR A 41 8.90 25.62 10.32
N LEU A 42 8.99 25.23 11.58
CA LEU A 42 9.88 24.14 11.99
C LEU A 42 9.03 22.99 12.50
N GLN A 43 9.39 21.80 12.05
CA GLN A 43 8.84 20.54 12.56
C GLN A 43 9.99 19.73 13.18
N LYS A 44 10.05 19.77 14.51
CA LYS A 44 11.02 19.00 15.28
C LYS A 44 10.64 17.52 15.28
N PRO A 45 11.62 16.62 15.46
CA PRO A 45 11.22 15.20 15.35
C PRO A 45 10.11 14.80 16.34
N GLY A 46 9.10 14.12 15.81
CA GLY A 46 7.93 13.70 16.58
C GLY A 46 6.88 14.77 16.91
N GLN A 47 7.06 15.98 16.40
CA GLN A 47 6.18 17.09 16.73
C GLN A 47 5.41 17.56 15.51
N SER A 48 4.41 18.41 15.74
CA SER A 48 3.75 19.16 14.67
C SER A 48 4.64 20.32 14.17
N PRO A 49 4.35 20.85 12.96
CA PRO A 49 4.99 22.12 12.58
C PRO A 49 4.64 23.24 13.55
N HIS A 50 5.55 24.19 13.75
CA HIS A 50 5.24 25.42 14.49
C HIS A 50 5.83 26.62 13.73
N LEU A 51 5.12 27.73 13.80
CA LEU A 51 5.48 28.96 13.10
C LEU A 51 6.75 29.51 13.71
N LEU A 52 7.74 29.80 12.87
CA LEU A 52 8.97 30.49 13.27
C LEU A 52 8.97 31.96 12.84
N ILE A 53 8.73 32.16 11.54
CA ILE A 53 8.83 33.45 10.91
C ILE A 53 7.59 33.75 10.09
N TYR A 54 7.05 34.96 10.16
CA TYR A 54 5.96 35.36 9.26
C TYR A 54 6.30 36.66 8.59
N HIS A 55 5.62 36.92 7.48
CA HIS A 55 5.86 38.11 6.69
C HIS A 55 7.34 38.37 6.43
N LEU A 56 8.04 37.30 6.05
CA LEU A 56 9.45 37.30 5.62
C LEU A 56 10.48 37.45 6.73
N SER A 57 10.26 38.37 7.66
CA SER A 57 11.31 38.72 8.63
C SER A 57 10.87 38.84 10.07
N ASN A 58 9.61 38.61 10.36
CA ASN A 58 9.11 38.82 11.73
C ASN A 58 9.09 37.54 12.52
N LEU A 59 9.66 37.57 13.72
CA LEU A 59 9.77 36.37 14.54
C LEU A 59 8.44 36.11 15.25
N ALA A 60 8.06 34.84 15.30
CA ALA A 60 6.89 34.47 16.04
C ALA A 60 7.21 34.61 17.53
N SER A 61 6.17 34.75 18.32
CA SER A 61 6.30 34.96 19.75
C SER A 61 7.01 33.76 20.37
N GLY A 62 8.04 34.01 21.18
CA GLY A 62 8.83 32.93 21.80
C GLY A 62 10.04 32.45 21.01
N VAL A 63 10.05 32.72 19.70
CA VAL A 63 11.17 32.31 18.87
C VAL A 63 12.42 33.13 19.25
N PRO A 64 13.55 32.46 19.55
CA PRO A 64 14.85 33.11 19.86
C PRO A 64 15.38 34.00 18.76
N ASP A 65 16.15 35.05 19.09
CA ASP A 65 16.62 35.98 18.04
C ASP A 65 17.86 35.50 17.31
N ARG A 66 18.29 34.29 17.64
CA ARG A 66 19.21 33.52 16.81
C ARG A 66 18.62 33.28 15.41
N PHE A 67 17.29 33.21 15.33
CA PHE A 67 16.59 33.07 14.06
C PHE A 67 16.36 34.43 13.38
N SER A 68 16.61 34.50 12.08
CA SER A 68 16.37 35.71 11.29
C SER A 68 16.07 35.29 9.86
N SER A 69 15.37 36.12 9.10
CA SER A 69 15.08 35.77 7.71
C SER A 69 15.04 37.00 6.82
N SER A 70 15.44 36.82 5.58
CA SER A 70 15.48 37.91 4.63
C SER A 70 15.15 37.37 3.27
N GLY A 71 14.82 38.27 2.35
CA GLY A 71 14.61 37.84 0.99
C GLY A 71 13.94 38.87 0.11
N SER A 72 13.89 38.53 -1.17
CA SER A 72 13.17 39.32 -2.15
C SER A 72 11.72 38.82 -2.26
N GLY A 73 11.03 39.14 -3.35
CA GLY A 73 9.75 38.48 -3.62
C GLY A 73 9.86 36.99 -3.98
N THR A 74 11.02 36.51 -4.39
CA THR A 74 11.19 35.17 -4.93
C THR A 74 12.29 34.32 -4.34
N ASP A 75 13.25 34.93 -3.63
CA ASP A 75 14.37 34.19 -3.03
C ASP A 75 14.53 34.59 -1.57
N PHE A 76 14.66 33.58 -0.70
CA PHE A 76 14.57 33.78 0.74
C PHE A 76 15.64 32.98 1.47
N THR A 77 16.06 33.50 2.62
CA THR A 77 17.10 32.86 3.40
C THR A 77 16.77 32.92 4.86
N LEU A 78 16.69 31.75 5.51
CA LEU A 78 16.60 31.63 6.95
C LEU A 78 18.01 31.45 7.54
N ARG A 79 18.35 32.23 8.56
CA ARG A 79 19.64 32.10 9.21
C ARG A 79 19.41 31.76 10.66
N ILE A 80 20.16 30.78 11.16
CA ILE A 80 20.24 30.46 12.58
C ILE A 80 21.68 30.69 12.96
N SER A 81 21.91 31.65 13.85
CA SER A 81 23.25 32.26 14.02
C SER A 81 24.23 31.40 14.82
N ARG A 82 23.72 30.75 15.85
CA ARG A 82 24.49 29.90 16.77
C ARG A 82 23.67 28.67 17.14
N VAL A 83 23.70 27.70 16.25
CA VAL A 83 22.80 26.56 16.28
C VAL A 83 22.96 25.79 17.60
N GLU A 84 21.83 25.34 18.14
CA GLU A 84 21.80 24.48 19.31
C GLU A 84 21.25 23.11 18.94
N ALA A 85 21.48 22.10 19.78
CA ALA A 85 21.06 20.72 19.46
C ALA A 85 19.55 20.66 19.25
N GLU A 86 18.82 21.46 20.05
CA GLU A 86 17.36 21.55 19.99
C GLU A 86 16.79 22.03 18.64
N ASP A 87 17.63 22.61 17.79
CA ASP A 87 17.19 23.19 16.54
C ASP A 87 17.02 22.18 15.40
N VAL A 88 17.41 20.93 15.61
CA VAL A 88 17.30 19.96 14.53
C VAL A 88 15.85 19.70 14.22
N GLY A 89 15.60 19.39 12.97
CA GLY A 89 14.26 19.25 12.50
C GLY A 89 14.21 19.62 11.04
N ILE A 90 12.98 19.77 10.56
CA ILE A 90 12.76 20.05 9.16
C ILE A 90 12.14 21.45 9.10
N TYR A 91 12.77 22.30 8.32
CA TYR A 91 12.36 23.70 8.14
C TYR A 91 11.63 23.81 6.82
N TYR A 92 10.36 24.27 6.86
CA TYR A 92 9.52 24.44 5.66
C TYR A 92 9.21 25.90 5.37
N CYS A 93 9.33 26.28 4.11
CA CYS A 93 8.86 27.59 3.68
C CYS A 93 7.42 27.45 3.16
N ALA A 94 6.70 28.57 3.14
CA ALA A 94 5.31 28.61 2.64
C ALA A 94 4.95 30.04 2.27
N HIS A 95 3.97 30.18 1.38
CA HIS A 95 3.50 31.50 1.00
C HIS A 95 2.12 31.73 1.60
N ASN A 96 1.73 33.01 1.68
CA ASN A 96 0.36 33.42 1.96
C ASN A 96 -0.13 34.51 1.01
N VAL A 97 -0.14 34.18 -0.29
CA VAL A 97 -0.63 35.12 -1.31
C VAL A 97 -1.82 34.61 -2.13
N GLU A 98 -2.12 33.31 -2.02
CA GLU A 98 -3.22 32.69 -2.76
C GLU A 98 -3.61 31.33 -2.18
N LEU A 99 -4.74 30.81 -2.63
CA LEU A 99 -5.07 29.40 -2.47
C LEU A 99 -4.74 28.72 -3.83
N PRO A 100 -4.24 27.48 -3.83
CA PRO A 100 -3.97 26.61 -2.70
C PRO A 100 -2.81 27.11 -1.90
N ARG A 101 -2.85 26.84 -0.61
CA ARG A 101 -1.70 27.12 0.24
C ARG A 101 -0.68 26.04 -0.03
N THR A 102 0.55 26.41 -0.34
CA THR A 102 1.57 25.45 -0.67
C THR A 102 2.80 25.65 0.19
N PHE A 103 3.50 24.55 0.41
CA PHE A 103 4.67 24.47 1.24
C PHE A 103 5.85 23.97 0.42
N GLY A 104 7.06 24.38 0.81
CA GLY A 104 8.26 23.73 0.29
C GLY A 104 8.35 22.27 0.79
N GLY A 105 9.31 21.52 0.27
CA GLY A 105 9.48 20.12 0.65
C GLY A 105 10.15 19.92 1.97
N GLY A 106 10.69 20.98 2.54
CA GLY A 106 11.35 20.93 3.84
C GLY A 106 12.84 20.71 3.70
N THR A 107 13.61 21.44 4.48
CA THR A 107 15.05 21.24 4.57
C THR A 107 15.42 20.74 5.98
N LYS A 108 16.09 19.60 6.05
CA LYS A 108 16.48 19.03 7.33
C LYS A 108 17.79 19.62 7.79
N LEU A 109 17.78 20.13 9.01
CA LEU A 109 18.99 20.64 9.62
C LEU A 109 19.66 19.48 10.34
N GLU A 110 20.93 19.20 10.00
CA GLU A 110 21.75 18.22 10.73
C GLU A 110 22.88 18.93 11.48
N ILE A 111 23.11 18.47 12.70
CA ILE A 111 24.18 18.94 13.56
C ILE A 111 25.38 18.01 13.44
N LYS A 112 26.54 18.60 13.16
CA LYS A 112 27.81 17.90 13.19
C LYS A 112 28.34 17.98 14.62
N ARG A 113 28.63 16.81 15.19
CA ARG A 113 29.20 16.70 16.51
C ARG A 113 30.36 15.73 16.48
N ALA A 114 31.01 15.55 17.63
CA ALA A 114 32.17 14.68 17.74
C ALA A 114 31.74 13.22 17.52
N ASP A 115 32.61 12.41 16.90
CA ASP A 115 32.28 11.01 16.65
C ASP A 115 32.04 10.30 17.97
N ALA A 116 31.06 9.40 18.01
CA ALA A 116 30.71 8.67 19.23
C ALA A 116 30.46 7.22 18.82
N ALA A 117 31.09 6.28 19.51
CA ALA A 117 30.87 4.86 19.26
C ALA A 117 29.46 4.47 19.76
N PRO A 118 28.83 3.47 19.12
CA PRO A 118 27.58 2.98 19.70
C PRO A 118 27.78 2.20 20.99
N THR A 119 26.78 2.27 21.87
CA THR A 119 26.59 1.34 22.96
C THR A 119 25.64 0.24 22.48
N VAL A 120 26.12 -1.00 22.52
CA VAL A 120 25.42 -2.13 21.93
C VAL A 120 24.85 -3.00 23.04
N SER A 121 23.57 -3.36 22.90
CA SER A 121 22.88 -4.23 23.82
C SER A 121 22.19 -5.31 23.00
N ILE A 122 22.35 -6.58 23.40
CA ILE A 122 21.62 -7.70 22.80
C ILE A 122 20.61 -8.25 23.83
N PHE A 123 19.46 -8.66 23.32
CA PHE A 123 18.33 -9.18 24.12
C PHE A 123 17.77 -10.49 23.57
N PRO A 124 17.72 -11.53 24.42
CA PRO A 124 17.10 -12.78 24.02
C PRO A 124 15.58 -12.62 23.92
N PRO A 125 14.93 -13.57 23.23
CA PRO A 125 13.48 -13.58 23.22
C PRO A 125 12.91 -13.68 24.62
N SER A 126 11.79 -13.00 24.83
CA SER A 126 11.00 -13.10 26.05
C SER A 126 10.31 -14.44 26.18
N SER A 127 10.02 -14.86 27.40
CA SER A 127 9.26 -16.09 27.59
C SER A 127 7.85 -15.94 27.03
N GLU A 128 7.28 -14.72 27.02
CA GLU A 128 5.97 -14.48 26.42
C GLU A 128 6.03 -14.79 24.92
N GLN A 129 7.02 -14.26 24.25
CA GLN A 129 7.08 -14.48 22.82
C GLN A 129 7.27 -15.96 22.54
N LEU A 130 8.14 -16.61 23.29
CA LEU A 130 8.37 -18.03 23.16
C LEU A 130 7.10 -18.86 23.36
N THR A 131 6.30 -18.53 24.36
CA THR A 131 4.98 -19.15 24.54
C THR A 131 4.08 -19.06 23.30
N SER A 132 4.15 -17.91 22.62
CA SER A 132 3.38 -17.68 21.41
C SER A 132 3.94 -18.39 20.18
N GLY A 133 5.14 -18.96 20.27
CA GLY A 133 5.75 -19.69 19.13
C GLY A 133 6.77 -18.90 18.33
N GLY A 134 7.10 -17.71 18.82
CA GLY A 134 8.01 -16.79 18.12
C GLY A 134 9.28 -16.55 18.87
N ALA A 135 10.29 -15.99 18.19
CA ALA A 135 11.56 -15.73 18.83
C ALA A 135 12.29 -14.60 18.13
N SER A 136 12.21 -13.40 18.68
CA SER A 136 12.90 -12.25 18.13
C SER A 136 14.11 -11.95 19.00
N VAL A 137 15.25 -11.84 18.35
CA VAL A 137 16.46 -11.41 19.02
C VAL A 137 16.72 -9.93 18.63
N VAL A 138 16.92 -9.08 19.64
CA VAL A 138 16.98 -7.64 19.44
C VAL A 138 18.35 -7.10 19.84
N CYS A 139 18.91 -6.27 18.98
CA CYS A 139 20.17 -5.60 19.24
C CYS A 139 19.95 -4.10 19.11
N PHE A 140 20.26 -3.31 20.15
CA PHE A 140 20.22 -1.86 20.06
C PHE A 140 21.66 -1.35 19.86
N LEU A 141 21.82 -0.42 18.94
CA LEU A 141 23.07 0.27 18.64
C LEU A 141 22.76 1.72 18.92
N ASN A 142 23.05 2.15 20.15
CA ASN A 142 22.55 3.43 20.66
C ASN A 142 23.56 4.55 20.73
N ASN A 143 23.08 5.75 20.39
CA ASN A 143 23.77 7.01 20.64
C ASN A 143 25.17 7.08 20.03
N PHE A 144 25.20 6.92 18.71
CA PHE A 144 26.44 7.03 17.96
C PHE A 144 26.43 8.20 16.96
N TYR A 145 27.61 8.56 16.51
CA TYR A 145 27.77 9.58 15.51
C TYR A 145 29.08 9.32 14.78
N PRO A 146 29.09 9.42 13.44
CA PRO A 146 28.03 9.80 12.49
C PRO A 146 26.98 8.70 12.23
N LYS A 147 26.01 9.01 11.37
CA LYS A 147 24.83 8.15 11.14
C LYS A 147 25.13 6.78 10.52
N ASP A 148 26.17 6.68 9.68
CA ASP A 148 26.47 5.42 9.01
C ASP A 148 26.94 4.35 9.98
N ILE A 149 26.37 3.15 9.84
CA ILE A 149 26.73 2.05 10.70
C ILE A 149 26.27 0.75 10.05
N ASN A 150 26.91 -0.34 10.41
CA ASN A 150 26.56 -1.67 9.91
C ASN A 150 26.45 -2.68 11.02
N VAL A 151 25.48 -3.59 10.87
CA VAL A 151 25.26 -4.62 11.86
C VAL A 151 25.31 -5.96 11.15
N LYS A 152 25.97 -6.91 11.77
CA LYS A 152 25.99 -8.28 11.33
C LYS A 152 25.55 -9.23 12.44
N TRP A 153 24.69 -10.17 12.07
CA TRP A 153 24.23 -11.23 12.98
C TRP A 153 24.97 -12.53 12.71
N LYS A 154 25.27 -13.24 13.78
CA LYS A 154 25.76 -14.61 13.68
C LYS A 154 24.99 -15.55 14.60
N ILE A 155 24.80 -16.78 14.12
CA ILE A 155 24.17 -17.83 14.89
C ILE A 155 25.14 -19.01 14.94
N ASP A 156 25.57 -19.38 16.13
CA ASP A 156 26.59 -20.41 16.34
C ASP A 156 27.82 -20.10 15.50
N GLY A 157 28.17 -18.82 15.41
CA GLY A 157 29.37 -18.41 14.70
C GLY A 157 29.22 -18.07 13.24
N SER A 158 28.13 -18.50 12.58
CA SER A 158 27.97 -18.26 11.16
C SER A 158 27.07 -17.07 10.89
N GLU A 159 27.45 -16.26 9.89
CA GLU A 159 26.70 -15.08 9.54
C GLU A 159 25.30 -15.45 9.12
N ARG A 160 24.32 -14.74 9.68
CA ARG A 160 22.93 -14.91 9.32
C ARG A 160 22.45 -13.66 8.63
N GLN A 161 21.80 -13.79 7.47
CA GLN A 161 21.31 -12.61 6.73
C GLN A 161 19.79 -12.38 6.76
N ASN A 162 19.00 -13.41 6.46
CA ASN A 162 17.55 -13.19 6.33
C ASN A 162 16.80 -13.30 7.67
N GLY A 163 15.65 -12.63 7.74
CA GLY A 163 14.88 -12.49 8.98
C GLY A 163 15.23 -11.27 9.82
N VAL A 164 16.10 -10.41 9.30
CA VAL A 164 16.66 -9.26 10.02
C VAL A 164 15.98 -8.00 9.54
N LEU A 165 15.46 -7.20 10.46
CA LEU A 165 14.87 -5.94 10.11
C LEU A 165 15.56 -4.84 10.89
N ASN A 166 15.99 -3.78 10.20
CA ASN A 166 16.67 -2.63 10.82
C ASN A 166 15.84 -1.34 10.82
N SER A 167 16.01 -0.51 11.85
CA SER A 167 15.34 0.78 11.94
C SER A 167 16.24 1.82 12.62
N TRP A 168 16.28 3.03 12.05
CA TRP A 168 17.16 4.10 12.49
C TRP A 168 16.35 5.27 13.01
N THR A 169 16.75 5.83 14.15
CA THR A 169 16.14 7.05 14.64
C THR A 169 16.62 8.26 13.81
N ASP A 170 15.83 9.32 13.92
CA ASP A 170 16.25 10.67 13.52
C ASP A 170 17.31 11.19 14.48
N GLN A 171 18.03 12.23 14.09
CA GLN A 171 19.03 12.80 14.97
C GLN A 171 18.40 13.31 16.27
N ASP A 172 18.99 12.96 17.40
CA ASP A 172 18.43 13.28 18.69
C ASP A 172 18.53 14.77 18.95
N SER A 173 17.47 15.32 19.55
CA SER A 173 17.36 16.75 19.82
C SER A 173 18.20 17.21 21.00
N LYS A 174 18.67 16.26 21.83
CA LYS A 174 19.47 16.61 23.01
C LYS A 174 20.94 16.37 22.82
N ASP A 175 21.31 15.19 22.31
CA ASP A 175 22.74 14.87 22.21
C ASP A 175 23.27 14.77 20.77
N SER A 176 22.42 15.03 19.78
CA SER A 176 22.82 15.06 18.38
C SER A 176 23.35 13.73 17.85
N THR A 177 22.99 12.66 18.54
CA THR A 177 23.34 11.30 18.10
C THR A 177 22.21 10.61 17.31
N TYR A 178 22.55 9.46 16.78
CA TYR A 178 21.65 8.55 16.09
C TYR A 178 21.63 7.21 16.82
N SER A 179 20.55 6.43 16.65
CA SER A 179 20.49 5.07 17.18
C SER A 179 19.84 4.16 16.10
N MET A 180 20.07 2.86 16.21
CA MET A 180 19.54 1.89 15.27
C MET A 180 19.13 0.65 16.06
N SER A 181 18.04 0.00 15.66
CA SER A 181 17.66 -1.30 16.24
C SER A 181 17.78 -2.29 15.12
N SER A 182 18.22 -3.51 15.47
CA SER A 182 18.27 -4.59 14.51
C SER A 182 17.56 -5.75 15.18
N THR A 183 16.59 -6.37 14.50
CA THR A 183 15.81 -7.44 15.09
C THR A 183 15.88 -8.64 14.18
N LEU A 184 16.29 -9.78 14.72
CA LEU A 184 16.35 -11.05 13.98
C LEU A 184 15.14 -11.86 14.41
N THR A 185 14.24 -12.20 13.51
CA THR A 185 13.01 -12.88 13.94
C THR A 185 12.98 -14.28 13.38
N LEU A 186 12.85 -15.22 14.29
CA LEU A 186 12.79 -16.64 13.98
C LEU A 186 11.52 -17.25 14.57
N THR A 187 11.19 -18.47 14.13
CA THR A 187 10.20 -19.29 14.83
C THR A 187 10.88 -19.79 16.09
N LYS A 188 10.10 -20.10 17.11
CA LYS A 188 10.60 -20.82 18.26
C LYS A 188 11.36 -22.07 17.85
N ASP A 189 10.79 -22.81 16.90
CA ASP A 189 11.43 -24.06 16.48
C ASP A 189 12.84 -23.84 15.98
N GLU A 190 13.03 -22.88 15.08
CA GLU A 190 14.36 -22.62 14.54
C GLU A 190 15.31 -22.07 15.63
N TYR A 191 14.80 -21.15 16.46
CA TYR A 191 15.57 -20.54 17.55
C TYR A 191 16.17 -21.58 18.48
N GLU A 192 15.38 -22.59 18.82
CA GLU A 192 15.84 -23.60 19.77
C GLU A 192 16.73 -24.68 19.12
N ARG A 193 17.02 -24.56 17.82
CA ARG A 193 18.00 -25.45 17.17
C ARG A 193 19.44 -24.90 17.21
N HIS A 194 19.64 -23.75 17.83
CA HIS A 194 20.96 -23.10 17.87
C HIS A 194 21.19 -22.57 19.26
N ASN A 195 22.45 -22.39 19.66
CA ASN A 195 22.72 -21.94 21.03
C ASN A 195 23.24 -20.53 21.18
N SER A 196 24.14 -20.11 20.29
CA SER A 196 24.82 -18.83 20.43
C SER A 196 24.28 -17.81 19.42
N TYR A 197 23.98 -16.62 19.93
CA TYR A 197 23.42 -15.55 19.12
C TYR A 197 24.26 -14.29 19.32
N THR A 198 24.71 -13.72 18.20
CA THR A 198 25.65 -12.59 18.22
C THR A 198 25.24 -11.46 17.29
N CYS A 199 25.33 -10.22 17.77
CA CYS A 199 25.23 -9.04 16.89
C CYS A 199 26.57 -8.27 16.97
N GLU A 200 27.05 -7.80 15.81
CA GLU A 200 28.34 -7.13 15.70
C GLU A 200 28.11 -5.77 15.04
N ALA A 201 28.53 -4.71 15.71
CA ALA A 201 28.36 -3.36 15.24
C ALA A 201 29.69 -2.81 14.70
N THR A 202 29.68 -2.38 13.45
CA THR A 202 30.83 -1.74 12.81
C THR A 202 30.56 -0.26 12.54
N HIS A 203 31.45 0.57 13.08
CA HIS A 203 31.31 2.01 13.02
C HIS A 203 32.70 2.63 12.80
N LYS A 204 32.76 3.82 12.21
CA LYS A 204 34.03 4.44 11.90
C LYS A 204 34.90 4.76 13.13
N THR A 205 34.31 4.74 14.31
CA THR A 205 35.02 4.96 15.56
C THR A 205 36.01 3.85 15.98
N SER A 206 35.96 2.68 15.32
CA SER A 206 36.98 1.65 15.51
C SER A 206 37.06 0.79 14.25
N THR A 207 38.23 0.21 14.00
CA THR A 207 38.38 -0.80 12.94
C THR A 207 37.95 -2.19 13.42
N SER A 208 37.67 -2.35 14.72
CA SER A 208 37.12 -3.57 15.28
C SER A 208 35.62 -3.41 15.51
N PRO A 209 34.81 -4.44 15.17
CA PRO A 209 33.42 -4.36 15.59
C PRO A 209 33.23 -4.51 17.10
N ILE A 210 32.13 -3.98 17.61
CA ILE A 210 31.66 -4.20 18.98
C ILE A 210 30.74 -5.41 18.94
N VAL A 211 31.08 -6.43 19.73
CA VAL A 211 30.42 -7.73 19.63
C VAL A 211 29.65 -7.99 20.93
N LYS A 212 28.35 -8.31 20.81
CA LYS A 212 27.54 -8.72 21.93
C LYS A 212 26.88 -10.06 21.59
N SER A 213 26.85 -10.95 22.58
CA SER A 213 26.39 -12.31 22.39
C SER A 213 25.69 -12.81 23.63
N PHE A 214 24.86 -13.84 23.44
CA PHE A 214 24.37 -14.65 24.54
C PHE A 214 24.25 -16.10 24.11
N ASN A 215 24.18 -16.97 25.10
CA ASN A 215 23.92 -18.38 24.88
C ASN A 215 22.50 -18.69 25.27
N ARG A 216 21.79 -19.42 24.41
CA ARG A 216 20.43 -19.78 24.71
C ARG A 216 20.43 -20.78 25.86
N GLU B 1 -2.16 28.21 26.22
CA GLU B 1 -2.87 29.28 25.44
C GLU B 1 -3.76 28.65 24.37
N VAL B 2 -3.42 28.84 23.09
CA VAL B 2 -4.21 28.26 22.00
C VAL B 2 -3.91 26.77 21.95
N LYS B 3 -4.97 25.96 21.98
CA LYS B 3 -4.83 24.51 21.90
C LYS B 3 -5.74 24.00 20.80
N VAL B 4 -5.17 23.23 19.88
CA VAL B 4 -5.89 22.67 18.75
C VAL B 4 -5.76 21.15 18.83
N GLU B 5 -6.88 20.43 18.88
CA GLU B 5 -6.83 19.01 19.21
C GLU B 5 -7.75 18.20 18.31
N GLU B 6 -7.15 17.38 17.44
CA GLU B 6 -7.90 16.62 16.46
C GLU B 6 -8.36 15.29 17.03
N SER B 7 -9.40 14.72 16.44
CA SER B 7 -9.85 13.39 16.80
C SER B 7 -10.52 12.76 15.61
N GLY B 8 -10.80 11.46 15.71
CA GLY B 8 -11.60 10.73 14.69
C GLY B 8 -10.86 9.90 13.67
N GLY B 9 -9.54 9.90 13.74
CA GLY B 9 -8.78 9.14 12.78
C GLY B 9 -8.93 7.65 13.01
N GLY B 10 -8.39 6.88 12.09
CA GLY B 10 -8.48 5.44 12.20
C GLY B 10 -8.23 4.79 10.87
N LEU B 11 -8.71 3.58 10.74
CA LEU B 11 -8.60 2.82 9.51
C LEU B 11 -9.95 2.80 8.80
N VAL B 12 -9.89 2.90 7.46
CA VAL B 12 -11.07 2.70 6.63
C VAL B 12 -10.59 2.00 5.34
N GLN B 13 -11.51 1.30 4.68
CA GLN B 13 -11.21 0.54 3.47
C GLN B 13 -11.30 1.49 2.29
N PRO B 14 -10.55 1.21 1.20
CA PRO B 14 -10.73 2.04 0.01
C PRO B 14 -12.20 2.17 -0.44
N GLY B 15 -12.57 3.38 -0.85
CA GLY B 15 -13.95 3.68 -1.23
C GLY B 15 -14.84 4.09 -0.09
N GLY B 16 -14.33 3.99 1.14
CA GLY B 16 -15.11 4.29 2.31
C GLY B 16 -14.98 5.75 2.73
N SER B 17 -15.67 6.06 3.82
CA SER B 17 -15.79 7.41 4.31
C SER B 17 -15.28 7.50 5.74
N MET B 18 -14.89 8.71 6.12
CA MET B 18 -14.47 8.99 7.48
C MET B 18 -14.71 10.45 7.77
N LYS B 19 -15.06 10.77 9.02
CA LYS B 19 -15.25 12.16 9.44
C LYS B 19 -14.33 12.43 10.62
N ILE B 20 -13.46 13.42 10.45
CA ILE B 20 -12.54 13.81 11.50
C ILE B 20 -12.90 15.23 11.99
N SER B 21 -12.40 15.59 13.16
CA SER B 21 -12.73 16.87 13.71
C SER B 21 -11.61 17.40 14.59
N CYS B 22 -11.76 18.65 14.98
CA CYS B 22 -10.87 19.23 15.98
C CYS B 22 -11.54 20.37 16.70
N VAL B 23 -11.18 20.52 17.97
CA VAL B 23 -11.74 21.58 18.79
C VAL B 23 -10.60 22.47 19.22
N VAL B 24 -10.86 23.78 19.22
CA VAL B 24 -9.85 24.79 19.47
C VAL B 24 -10.23 25.51 20.75
N SER B 25 -9.26 25.71 21.65
CA SER B 25 -9.50 26.55 22.81
C SER B 25 -8.43 27.66 22.87
N GLY B 26 -8.66 28.65 23.74
CA GLY B 26 -7.71 29.74 23.90
C GLY B 26 -7.83 30.85 22.85
N LEU B 27 -8.82 30.75 21.98
CA LEU B 27 -9.19 31.88 21.12
C LEU B 27 -10.67 31.80 20.79
N THR B 28 -11.19 32.83 20.16
CA THR B 28 -12.57 32.86 19.73
C THR B 28 -12.67 32.21 18.38
N PHE B 29 -13.06 30.95 18.39
CA PHE B 29 -13.04 30.08 17.20
C PHE B 29 -13.70 30.73 15.99
N SER B 30 -14.87 31.33 16.19
CA SER B 30 -15.67 31.90 15.09
C SER B 30 -15.01 33.05 14.33
N ASN B 31 -13.93 33.62 14.87
CA ASN B 31 -13.26 34.74 14.22
C ASN B 31 -12.07 34.29 13.36
N TYR B 32 -11.81 32.97 13.29
CA TYR B 32 -10.64 32.47 12.59
C TYR B 32 -11.00 31.60 11.41
N TRP B 33 -10.29 31.80 10.30
CA TRP B 33 -10.27 30.85 9.20
C TRP B 33 -9.69 29.52 9.67
N MET B 34 -10.23 28.43 9.11
CA MET B 34 -9.83 27.09 9.48
C MET B 34 -9.50 26.28 8.23
N SER B 35 -8.47 25.45 8.31
CA SER B 35 -8.12 24.56 7.21
C SER B 35 -7.63 23.20 7.70
N TRP B 36 -7.53 22.26 6.76
CA TRP B 36 -6.94 20.95 7.00
C TRP B 36 -5.74 20.81 6.08
N VAL B 37 -4.63 20.39 6.67
CA VAL B 37 -3.38 20.10 5.95
C VAL B 37 -2.97 18.70 6.32
N ARG B 38 -2.70 17.86 5.33
CA ARG B 38 -2.22 16.50 5.59
C ARG B 38 -0.77 16.32 5.24
N GLN B 39 -0.14 15.34 5.87
CA GLN B 39 1.27 15.07 5.69
C GLN B 39 1.48 13.58 5.45
N SER B 40 2.24 13.27 4.42
CA SER B 40 2.70 11.90 4.18
C SER B 40 4.16 11.96 3.74
N PRO B 41 4.90 10.85 3.91
CA PRO B 41 6.30 10.83 3.45
C PRO B 41 6.47 11.06 1.96
N GLU B 42 5.58 10.52 1.14
CA GLU B 42 5.78 10.59 -0.31
C GLU B 42 5.34 11.92 -0.91
N LYS B 43 4.48 12.65 -0.22
CA LYS B 43 3.95 13.91 -0.74
C LYS B 43 4.23 15.17 0.08
N GLY B 44 4.65 15.03 1.33
CA GLY B 44 4.92 16.18 2.20
C GLY B 44 3.67 16.81 2.78
N LEU B 45 3.73 18.12 3.05
CA LEU B 45 2.61 18.87 3.59
C LEU B 45 1.73 19.29 2.45
N GLU B 46 0.43 18.98 2.58
CA GLU B 46 -0.54 19.27 1.52
C GLU B 46 -1.83 19.83 2.10
N TRP B 47 -2.08 21.11 1.82
CA TRP B 47 -3.33 21.77 2.18
C TRP B 47 -4.44 21.12 1.35
N VAL B 48 -5.56 20.77 1.98
CA VAL B 48 -6.66 20.10 1.24
C VAL B 48 -8.00 20.84 1.27
N ALA B 49 -8.28 21.59 2.34
CA ALA B 49 -9.60 22.24 2.47
C ALA B 49 -9.49 23.39 3.44
N GLU B 50 -10.31 24.41 3.19
CA GLU B 50 -10.37 25.61 4.04
C GLU B 50 -11.79 26.16 4.11
N ILE B 51 -12.14 26.71 5.28
CA ILE B 51 -13.43 27.33 5.51
C ILE B 51 -13.27 28.70 6.16
N ARG B 52 -14.01 29.66 5.60
CA ARG B 52 -14.04 31.03 6.12
C ARG B 52 -15.14 31.25 7.17
N LEU B 53 -15.54 32.50 7.38
CA LEU B 53 -16.34 32.88 8.55
C LEU B 53 -17.85 32.93 8.25
N LYS B 54 -18.63 33.08 9.30
CA LYS B 54 -20.07 33.24 9.14
C LYS B 54 -20.37 34.40 8.15
N SER B 55 -19.66 35.50 8.35
CA SER B 55 -19.83 36.68 7.52
C SER B 55 -19.46 36.49 6.06
N ASP B 56 -18.75 35.40 5.75
CA ASP B 56 -18.40 35.05 4.40
C ASP B 56 -19.32 33.95 3.89
N ASN B 57 -20.43 33.75 4.58
CA ASN B 57 -21.36 32.66 4.31
C ASN B 57 -20.62 31.30 4.31
N TYR B 58 -19.64 31.20 5.20
CA TYR B 58 -18.85 30.01 5.42
C TYR B 58 -18.26 29.47 4.10
N ALA B 59 -17.76 30.39 3.28
CA ALA B 59 -17.17 30.02 2.01
C ALA B 59 -16.13 28.92 2.19
N THR B 60 -16.12 27.94 1.29
CA THR B 60 -15.19 26.80 1.35
C THR B 60 -14.31 26.72 0.13
N TYR B 61 -13.11 26.15 0.30
CA TYR B 61 -12.13 25.98 -0.79
C TYR B 61 -11.42 24.67 -0.63
N TYR B 62 -11.08 24.03 -1.75
CA TYR B 62 -10.52 22.68 -1.75
C TYR B 62 -9.34 22.55 -2.70
N ALA B 63 -8.38 21.72 -2.32
CA ALA B 63 -7.34 21.30 -3.25
C ALA B 63 -8.00 20.55 -4.40
N GLU B 64 -7.44 20.69 -5.60
CA GLU B 64 -7.86 19.92 -6.79
C GLU B 64 -7.76 18.44 -6.55
N SER B 65 -6.71 18.00 -5.86
CA SER B 65 -6.51 16.58 -5.51
C SER B 65 -7.66 15.91 -4.73
N VAL B 66 -8.54 16.68 -4.11
CA VAL B 66 -9.65 16.11 -3.32
C VAL B 66 -11.03 16.73 -3.57
N LYS B 67 -11.13 17.69 -4.48
CA LYS B 67 -12.42 18.35 -4.67
C LYS B 67 -13.42 17.30 -5.19
N GLY B 68 -14.63 17.36 -4.67
CA GLY B 68 -15.66 16.38 -4.96
C GLY B 68 -15.75 15.30 -3.88
N LYS B 69 -14.66 15.08 -3.16
CA LYS B 69 -14.60 14.00 -2.16
C LYS B 69 -14.59 14.46 -0.72
N PHE B 70 -14.05 15.64 -0.45
CA PHE B 70 -13.99 16.18 0.91
C PHE B 70 -14.99 17.33 1.08
N THR B 71 -15.58 17.40 2.28
CA THR B 71 -16.43 18.50 2.71
C THR B 71 -15.98 19.02 4.07
N ILE B 72 -15.62 20.30 4.10
CA ILE B 72 -15.22 20.96 5.36
C ILE B 72 -16.38 21.74 5.97
N SER B 73 -16.56 21.66 7.29
CA SER B 73 -17.64 22.38 7.96
C SER B 73 -17.18 22.77 9.36
N ARG B 74 -17.90 23.69 9.99
CA ARG B 74 -17.54 24.18 11.31
C ARG B 74 -18.78 24.40 12.16
N ASP B 75 -18.66 24.14 13.45
CA ASP B 75 -19.69 24.49 14.42
C ASP B 75 -19.12 25.53 15.39
N ASP B 76 -19.41 26.79 15.12
CA ASP B 76 -18.82 27.87 15.88
C ASP B 76 -19.23 27.75 17.35
N SER B 77 -20.46 27.28 17.58
CA SER B 77 -20.97 27.12 18.96
C SER B 77 -20.19 26.09 19.78
N LYS B 78 -19.58 25.11 19.14
CA LYS B 78 -18.81 24.11 19.85
C LYS B 78 -17.32 24.28 19.69
N SER B 79 -16.89 25.32 18.95
CA SER B 79 -15.48 25.54 18.62
C SER B 79 -14.87 24.33 17.92
N ARG B 80 -15.65 23.70 17.05
CA ARG B 80 -15.27 22.43 16.42
C ARG B 80 -15.26 22.54 14.89
N LEU B 81 -14.19 22.05 14.28
CA LEU B 81 -14.02 21.99 12.83
C LEU B 81 -14.16 20.56 12.39
N TYR B 82 -14.77 20.33 11.22
CA TYR B 82 -14.90 18.99 10.69
C TYR B 82 -14.34 18.81 9.28
N LEU B 83 -13.98 17.58 8.96
CA LEU B 83 -13.67 17.17 7.60
C LEU B 83 -14.33 15.81 7.32
N GLN B 84 -15.32 15.83 6.42
CA GLN B 84 -16.00 14.63 5.93
C GLN B 84 -15.28 14.19 4.64
N MET B 85 -14.82 12.94 4.63
CA MET B 85 -13.98 12.43 3.58
C MET B 85 -14.67 11.22 2.96
N ASN B 86 -14.97 11.29 1.67
CA ASN B 86 -15.69 10.22 0.96
C ASN B 86 -14.83 9.65 -0.12
N ASN B 87 -15.16 8.44 -0.59
CA ASN B 87 -14.34 7.69 -1.56
C ASN B 87 -12.85 7.81 -1.33
N LEU B 88 -12.45 7.55 -0.09
CA LEU B 88 -11.05 7.60 0.23
C LEU B 88 -10.31 6.53 -0.52
N ARG B 89 -9.11 6.89 -0.96
CA ARG B 89 -8.18 5.95 -1.60
C ARG B 89 -6.96 5.80 -0.72
N THR B 90 -6.14 4.79 -1.00
CA THR B 90 -4.92 4.55 -0.24
C THR B 90 -3.98 5.77 -0.19
N GLU B 91 -3.93 6.50 -1.30
CA GLU B 91 -3.12 7.74 -1.41
C GLU B 91 -3.57 8.84 -0.45
N ASP B 92 -4.80 8.76 0.06
CA ASP B 92 -5.31 9.70 1.07
C ASP B 92 -4.83 9.37 2.50
N THR B 93 -4.06 8.29 2.65
CA THR B 93 -3.46 7.96 3.96
C THR B 93 -2.51 9.07 4.42
N GLY B 94 -2.63 9.46 5.69
CA GLY B 94 -1.69 10.41 6.23
C GLY B 94 -2.10 10.95 7.58
N ILE B 95 -1.28 11.87 8.09
CA ILE B 95 -1.61 12.60 9.31
C ILE B 95 -2.35 13.87 8.89
N TYR B 96 -3.57 14.05 9.41
CA TYR B 96 -4.38 15.22 9.13
C TYR B 96 -4.31 16.19 10.30
N TYR B 97 -3.86 17.40 9.99
CA TYR B 97 -3.72 18.48 10.98
C TYR B 97 -4.77 19.53 10.70
N CYS B 98 -5.35 20.06 11.78
CA CYS B 98 -6.03 21.35 11.70
C CYS B 98 -4.96 22.42 11.69
N PHE B 99 -5.09 23.33 10.73
CA PHE B 99 -4.17 24.43 10.58
C PHE B 99 -5.01 25.68 10.44
N LEU B 100 -4.81 26.60 11.39
CA LEU B 100 -5.46 27.90 11.41
C LEU B 100 -4.49 28.85 10.73
N PRO B 101 -4.72 29.14 9.46
CA PRO B 101 -3.72 29.90 8.76
C PRO B 101 -3.54 31.27 9.38
N MET B 102 -2.31 31.75 9.60
CA MET B 102 -1.07 31.04 9.34
C MET B 102 -0.40 30.55 10.63
N ASP B 103 -1.05 30.73 11.77
CA ASP B 103 -0.33 30.76 13.03
C ASP B 103 -0.33 29.48 13.86
N TYR B 104 -1.34 28.62 13.67
CA TYR B 104 -1.51 27.49 14.62
C TYR B 104 -1.72 26.15 13.94
N TRP B 105 -1.12 25.10 14.52
CA TRP B 105 -1.27 23.73 14.07
C TRP B 105 -1.74 22.87 15.24
N GLY B 106 -2.54 21.87 14.92
CA GLY B 106 -2.91 20.85 15.90
C GLY B 106 -1.86 19.77 16.04
N GLN B 107 -2.25 18.66 16.67
CA GLN B 107 -1.34 17.55 16.98
C GLN B 107 -1.36 16.49 15.88
N GLY B 108 -2.37 16.55 15.02
CA GLY B 108 -2.55 15.57 13.95
C GLY B 108 -3.45 14.41 14.35
N THR B 109 -4.26 13.92 13.42
CA THR B 109 -4.88 12.61 13.62
C THR B 109 -4.55 11.74 12.43
N SER B 110 -4.24 10.47 12.67
CA SER B 110 -3.77 9.59 11.62
C SER B 110 -4.96 8.90 10.95
N VAL B 111 -4.95 8.93 9.61
CA VAL B 111 -5.98 8.27 8.82
C VAL B 111 -5.26 7.27 7.91
N THR B 112 -5.65 5.99 8.00
CA THR B 112 -5.07 4.97 7.14
C THR B 112 -6.18 4.42 6.27
N VAL B 113 -5.94 4.39 4.95
CA VAL B 113 -6.91 3.83 4.00
C VAL B 113 -6.29 2.56 3.43
N SER B 114 -6.92 1.42 3.71
CA SER B 114 -6.27 0.14 3.48
C SER B 114 -7.25 -0.99 3.54
N SER B 115 -6.99 -2.02 2.75
CA SER B 115 -7.79 -3.23 2.79
C SER B 115 -7.31 -4.20 3.90
N ALA B 116 -6.14 -3.95 4.47
CA ALA B 116 -5.63 -4.78 5.57
C ALA B 116 -6.46 -4.57 6.83
N LYS B 117 -6.47 -5.57 7.72
CA LYS B 117 -7.34 -5.49 8.86
C LYS B 117 -6.57 -4.94 10.05
N THR B 118 -7.28 -4.26 10.94
CA THR B 118 -6.67 -3.83 12.19
C THR B 118 -6.25 -5.04 13.00
N THR B 119 -5.03 -4.98 13.54
CA THR B 119 -4.46 -6.04 14.36
C THR B 119 -3.75 -5.38 15.56
N PRO B 120 -4.04 -5.85 16.77
CA PRO B 120 -3.39 -5.27 17.95
C PRO B 120 -1.95 -5.74 18.15
N PRO B 121 -1.12 -4.91 18.78
CA PRO B 121 0.26 -5.29 19.02
C PRO B 121 0.43 -6.38 20.09
N SER B 122 1.51 -7.13 19.96
CA SER B 122 2.02 -8.01 20.98
C SER B 122 3.21 -7.25 21.60
N VAL B 123 3.21 -7.09 22.91
CA VAL B 123 4.26 -6.33 23.59
C VAL B 123 5.13 -7.28 24.42
N TYR B 124 6.44 -7.27 24.12
CA TYR B 124 7.38 -8.16 24.75
C TYR B 124 8.46 -7.38 25.47
N PRO B 125 8.80 -7.81 26.69
CA PRO B 125 9.90 -7.17 27.43
C PRO B 125 11.29 -7.49 26.85
N LEU B 126 12.18 -6.52 26.86
CA LEU B 126 13.57 -6.70 26.49
C LEU B 126 14.38 -6.43 27.75
N ALA B 127 14.87 -7.52 28.32
CA ALA B 127 15.69 -7.46 29.54
C ALA B 127 16.99 -8.16 29.24
N PRO B 128 18.10 -7.68 29.83
CA PRO B 128 19.42 -8.23 29.59
C PRO B 128 19.47 -9.72 29.91
N GLY B 129 20.23 -10.49 29.13
CA GLY B 129 20.45 -11.91 29.41
C GLY B 129 21.11 -12.16 30.77
N SER B 136 27.35 0.68 35.44
CA SER B 136 26.78 1.94 35.87
C SER B 136 25.34 2.15 35.38
N MET B 137 25.13 1.85 34.10
CA MET B 137 23.85 2.05 33.43
C MET B 137 23.36 0.70 32.93
N VAL B 138 22.05 0.59 32.72
CA VAL B 138 21.47 -0.60 32.11
C VAL B 138 20.46 -0.13 31.04
N THR B 139 20.38 -0.84 29.93
CA THR B 139 19.49 -0.51 28.83
C THR B 139 18.45 -1.63 28.76
N LEU B 140 17.18 -1.23 28.79
CA LEU B 140 16.06 -2.12 28.71
C LEU B 140 15.27 -1.71 27.49
N GLY B 141 14.22 -2.46 27.19
CA GLY B 141 13.38 -2.13 26.07
C GLY B 141 12.06 -2.86 26.05
N CYS B 142 11.26 -2.52 25.05
CA CYS B 142 10.00 -3.20 24.74
C CYS B 142 9.96 -3.40 23.22
N LEU B 143 9.58 -4.60 22.81
CA LEU B 143 9.37 -4.92 21.41
C LEU B 143 7.85 -4.97 21.19
N VAL B 144 7.39 -4.17 20.21
CA VAL B 144 5.97 -4.00 19.92
C VAL B 144 5.75 -4.55 18.50
N LYS B 145 5.13 -5.71 18.42
CA LYS B 145 5.20 -6.51 17.22
C LYS B 145 3.83 -6.86 16.65
N GLY B 146 3.71 -6.89 15.32
CA GLY B 146 2.56 -7.52 14.73
C GLY B 146 1.29 -6.71 14.72
N TYR B 147 1.40 -5.39 14.61
CA TYR B 147 0.21 -4.52 14.61
C TYR B 147 -0.05 -3.84 13.26
N PHE B 148 -1.29 -3.43 13.10
CA PHE B 148 -1.73 -2.63 11.97
C PHE B 148 -3.03 -1.92 12.34
N PRO B 149 -3.20 -0.65 11.90
CA PRO B 149 -2.24 0.22 11.22
C PRO B 149 -1.38 0.95 12.28
N GLU B 150 -0.44 1.76 11.82
CA GLU B 150 0.16 2.80 12.65
C GLU B 150 -0.93 3.77 13.09
N PRO B 151 -0.72 4.48 14.21
CA PRO B 151 0.47 4.47 15.05
C PRO B 151 0.28 3.69 16.31
N VAL B 152 1.36 3.52 17.06
CA VAL B 152 1.30 3.19 18.47
C VAL B 152 1.99 4.33 19.23
N THR B 153 1.68 4.46 20.51
CA THR B 153 2.49 5.29 21.40
C THR B 153 3.10 4.43 22.49
N VAL B 154 4.38 4.66 22.76
CA VAL B 154 5.07 3.92 23.78
C VAL B 154 5.57 4.93 24.80
N THR B 155 5.25 4.68 26.05
CA THR B 155 5.78 5.48 27.17
C THR B 155 6.45 4.56 28.17
N TRP B 156 7.18 5.15 29.12
CA TRP B 156 7.81 4.41 30.17
C TRP B 156 7.37 4.99 31.50
N ASN B 157 6.98 4.11 32.41
CA ASN B 157 6.40 4.47 33.72
C ASN B 157 5.31 5.55 33.58
N SER B 158 4.39 5.29 32.66
CA SER B 158 3.24 6.16 32.31
C SER B 158 3.59 7.58 31.83
N GLY B 159 4.75 7.71 31.18
CA GLY B 159 5.24 8.96 30.67
C GLY B 159 6.18 9.70 31.62
N SER B 160 6.34 9.20 32.84
CA SER B 160 7.20 9.83 33.84
C SER B 160 8.66 9.69 33.49
N LEU B 161 9.05 8.48 33.11
CA LEU B 161 10.41 8.20 32.72
C LEU B 161 10.64 8.65 31.27
N SER B 162 11.25 9.82 31.10
CA SER B 162 11.36 10.43 29.80
C SER B 162 12.78 10.64 29.28
N SER B 163 13.76 10.70 30.18
CA SER B 163 15.14 10.88 29.79
C SER B 163 15.73 9.52 29.42
N GLY B 164 16.64 9.51 28.46
CA GLY B 164 17.28 8.28 28.03
C GLY B 164 16.37 7.31 27.30
N VAL B 165 15.32 7.86 26.70
CA VAL B 165 14.36 7.06 25.93
C VAL B 165 14.47 7.40 24.44
N HIS B 166 14.45 6.39 23.61
CA HIS B 166 14.04 6.66 22.24
C HIS B 166 13.28 5.47 21.69
N THR B 167 12.41 5.75 20.75
CA THR B 167 11.59 4.74 20.16
C THR B 167 11.92 4.74 18.68
N PHE B 168 12.14 3.56 18.14
CA PHE B 168 12.56 3.40 16.76
C PHE B 168 11.33 3.48 15.82
N PRO B 169 11.50 4.09 14.63
CA PRO B 169 10.41 4.07 13.65
C PRO B 169 9.94 2.65 13.38
N ALA B 170 8.64 2.47 13.21
CA ALA B 170 8.08 1.16 12.86
C ALA B 170 8.49 0.76 11.48
N VAL B 171 8.65 -0.54 11.28
CA VAL B 171 8.96 -1.13 9.97
C VAL B 171 7.81 -2.07 9.62
N LEU B 172 7.30 -1.91 8.41
CA LEU B 172 6.22 -2.70 7.91
C LEU B 172 6.79 -3.90 7.23
N GLN B 173 6.36 -5.09 7.63
CA GLN B 173 6.54 -6.29 6.83
C GLN B 173 5.29 -7.15 6.82
N SER B 174 4.84 -7.56 5.64
CA SER B 174 3.77 -8.55 5.52
C SER B 174 2.51 -8.07 6.21
N ASP B 175 2.13 -6.83 5.90
CA ASP B 175 0.93 -6.15 6.42
C ASP B 175 0.96 -5.89 7.92
N LEU B 176 2.11 -6.08 8.57
CA LEU B 176 2.20 -5.81 9.99
C LEU B 176 3.46 -5.02 10.32
N TYR B 177 3.30 -4.18 11.33
CA TYR B 177 4.36 -3.29 11.80
C TYR B 177 5.01 -3.84 13.04
N THR B 178 6.30 -3.57 13.17
CA THR B 178 7.02 -3.86 14.39
C THR B 178 7.88 -2.65 14.71
N LEU B 179 7.98 -2.35 16.00
CA LEU B 179 8.93 -1.37 16.47
C LEU B 179 9.44 -1.76 17.85
N SER B 180 10.46 -1.05 18.32
CA SER B 180 10.93 -1.21 19.66
C SER B 180 11.25 0.14 20.26
N SER B 181 11.25 0.14 21.58
CA SER B 181 11.61 1.31 22.34
C SER B 181 12.75 0.94 23.33
N SER B 182 13.68 1.88 23.47
CA SER B 182 14.88 1.75 24.29
C SER B 182 14.83 2.73 25.48
N VAL B 183 15.15 2.22 26.66
CA VAL B 183 15.35 3.05 27.83
C VAL B 183 16.63 2.69 28.57
N THR B 184 17.39 3.73 28.90
CA THR B 184 18.64 3.56 29.61
C THR B 184 18.54 4.29 30.95
N VAL B 185 18.75 3.54 32.02
CA VAL B 185 18.60 4.06 33.39
C VAL B 185 19.86 3.64 34.18
N PRO B 186 20.17 4.33 35.31
CA PRO B 186 21.27 3.85 36.17
C PRO B 186 20.97 2.48 36.72
N SER B 187 21.99 1.63 36.88
CA SER B 187 21.76 0.29 37.40
C SER B 187 21.31 0.33 38.87
N SER B 188 21.56 1.46 39.54
CA SER B 188 21.01 1.67 40.89
C SER B 188 19.47 1.81 40.91
N THR B 189 18.84 2.08 39.75
CA THR B 189 17.40 2.30 39.70
C THR B 189 16.58 1.10 39.24
N TRP B 190 17.18 0.18 38.50
CA TRP B 190 16.52 -1.03 38.07
C TRP B 190 17.47 -2.18 38.30
N PRO B 191 16.96 -3.32 38.77
CA PRO B 191 15.57 -3.61 39.06
C PRO B 191 15.07 -3.25 40.48
N SER B 192 15.86 -2.55 41.28
CA SER B 192 15.41 -2.14 42.63
C SER B 192 14.05 -1.41 42.61
N GLU B 193 13.83 -0.58 41.57
CA GLU B 193 12.53 0.04 41.33
C GLU B 193 12.00 -0.35 39.95
N THR B 194 10.70 -0.19 39.74
CA THR B 194 10.08 -0.78 38.54
C THR B 194 10.22 0.08 37.30
N VAL B 195 10.34 -0.60 36.17
CA VAL B 195 10.38 0.03 34.86
C VAL B 195 9.37 -0.74 34.00
N THR B 196 8.43 0.02 33.46
CA THR B 196 7.25 -0.55 32.82
C THR B 196 7.06 0.17 31.51
N CYS B 197 6.91 -0.56 30.41
CA CYS B 197 6.55 0.16 29.19
C CYS B 197 5.04 0.08 28.96
N ASN B 198 4.50 1.19 28.50
CA ASN B 198 3.08 1.35 28.30
C ASN B 198 2.85 1.57 26.83
N VAL B 199 2.04 0.72 26.22
CA VAL B 199 1.87 0.75 24.81
C VAL B 199 0.37 0.92 24.53
N ALA B 200 0.05 1.85 23.65
CA ALA B 200 -1.33 2.10 23.25
C ALA B 200 -1.46 2.01 21.74
N HIS B 201 -2.43 1.21 21.28
CA HIS B 201 -2.78 1.12 19.88
C HIS B 201 -4.28 1.45 19.83
N PRO B 202 -4.60 2.69 19.50
CA PRO B 202 -5.97 3.16 19.54
C PRO B 202 -6.88 2.40 18.55
N ALA B 203 -6.36 2.13 17.35
CA ALA B 203 -7.14 1.41 16.33
C ALA B 203 -7.75 0.11 16.83
N SER B 204 -7.06 -0.61 17.72
CA SER B 204 -7.55 -1.90 18.22
C SER B 204 -8.12 -1.75 19.64
N SER B 205 -8.18 -0.49 20.07
CA SER B 205 -8.36 -0.04 21.44
C SER B 205 -7.70 -0.90 22.52
N THR B 206 -6.37 -0.90 22.42
CA THR B 206 -5.55 -1.71 23.25
C THR B 206 -4.66 -0.80 24.08
N LYS B 207 -4.49 -1.19 25.34
CA LYS B 207 -3.62 -0.52 26.30
C LYS B 207 -2.94 -1.62 27.06
N VAL B 208 -1.62 -1.70 26.93
CA VAL B 208 -0.89 -2.76 27.55
C VAL B 208 0.26 -2.16 28.35
N ASP B 209 0.39 -2.63 29.57
CA ASP B 209 1.57 -2.34 30.36
C ASP B 209 2.39 -3.60 30.49
N LYS B 210 3.67 -3.51 30.19
CA LYS B 210 4.55 -4.64 30.37
C LYS B 210 5.68 -4.27 31.33
N LYS B 211 5.70 -4.84 32.53
CA LYS B 211 6.81 -4.59 33.45
C LYS B 211 8.06 -5.37 33.00
N ILE B 212 9.21 -4.71 32.99
CA ILE B 212 10.47 -5.34 32.68
C ILE B 212 11.05 -5.97 33.95
N VAL B 213 11.09 -7.29 33.98
CA VAL B 213 11.58 -8.01 35.16
C VAL B 213 12.89 -8.72 34.78
N PRO B 214 13.86 -8.74 35.71
CA PRO B 214 15.11 -9.40 35.38
C PRO B 214 14.89 -10.88 35.09
N ARG B 215 15.74 -11.45 34.25
CA ARG B 215 15.55 -12.82 33.78
C ARG B 215 16.08 -13.86 34.78
N ASP C 1 11.84 -3.90 -0.62
CA ASP C 1 11.01 -4.47 -1.72
C ASP C 1 10.06 -3.41 -2.26
N ILE C 2 9.87 -3.42 -3.57
CA ILE C 2 9.00 -2.45 -4.21
C ILE C 2 7.57 -2.81 -3.95
N VAL C 3 6.79 -1.83 -3.55
CA VAL C 3 5.36 -1.98 -3.37
C VAL C 3 4.62 -1.41 -4.58
N MET C 4 3.82 -2.25 -5.24
CA MET C 4 2.99 -1.86 -6.36
C MET C 4 1.56 -1.72 -5.87
N THR C 5 0.97 -0.53 -6.02
CA THR C 5 -0.34 -0.21 -5.50
C THR C 5 -1.35 0.07 -6.60
N GLN C 6 -2.41 -0.74 -6.63
CA GLN C 6 -3.53 -0.53 -7.51
C GLN C 6 -4.84 -0.91 -6.79
N ALA C 7 -5.91 -0.26 -7.21
CA ALA C 7 -7.26 -0.45 -6.64
C ALA C 7 -7.75 -1.86 -6.91
N ALA C 8 -8.46 -2.45 -5.96
CA ALA C 8 -9.00 -3.80 -6.16
C ALA C 8 -10.11 -3.82 -7.18
N PHE C 9 -10.89 -2.74 -7.26
CA PHE C 9 -12.03 -2.68 -8.18
C PHE C 9 -12.01 -1.42 -9.03
N SER C 10 -12.29 -1.57 -10.32
CA SER C 10 -12.37 -0.44 -11.25
C SER C 10 -13.72 0.23 -11.08
N ASN C 11 -13.90 1.40 -11.67
CA ASN C 11 -15.27 1.92 -11.82
C ASN C 11 -15.97 1.03 -12.86
N PRO C 12 -17.20 0.58 -12.57
CA PRO C 12 -17.97 -0.22 -13.55
C PRO C 12 -18.09 0.49 -14.90
N VAL C 13 -17.79 -0.24 -15.97
CA VAL C 13 -17.61 0.35 -17.29
C VAL C 13 -18.63 -0.15 -18.28
N THR C 14 -19.33 0.79 -18.93
CA THR C 14 -20.24 0.43 -20.01
C THR C 14 -19.56 -0.19 -21.23
N LEU C 15 -20.12 -1.26 -21.76
CA LEU C 15 -19.59 -1.84 -22.99
C LEU C 15 -19.47 -0.78 -24.07
N GLY C 16 -18.35 -0.81 -24.77
CA GLY C 16 -18.12 0.12 -25.89
C GLY C 16 -17.51 1.45 -25.49
N THR C 17 -17.32 1.67 -24.18
CA THR C 17 -16.68 2.89 -23.68
C THR C 17 -15.34 2.54 -23.03
N SER C 18 -14.64 3.54 -22.51
CA SER C 18 -13.26 3.33 -22.06
C SER C 18 -13.11 3.10 -20.56
N ALA C 19 -12.17 2.21 -20.22
CA ALA C 19 -11.78 1.94 -18.85
C ALA C 19 -10.38 2.51 -18.62
N SER C 20 -10.09 2.88 -17.39
CA SER C 20 -8.80 3.41 -17.00
C SER C 20 -8.43 2.76 -15.68
N ILE C 21 -7.25 2.15 -15.64
CA ILE C 21 -6.75 1.47 -14.44
C ILE C 21 -5.41 2.06 -14.04
N SER C 22 -5.33 2.51 -12.79
CA SER C 22 -4.15 3.10 -12.22
C SER C 22 -3.28 2.12 -11.48
N CYS C 23 -1.98 2.40 -11.49
CA CYS C 23 -1.02 1.77 -10.61
C CYS C 23 0.04 2.80 -10.17
N ARG C 24 0.66 2.57 -9.03
CA ARG C 24 1.83 3.31 -8.66
C ARG C 24 2.87 2.45 -7.95
N SER C 25 4.12 2.87 -8.00
CA SER C 25 5.21 2.10 -7.44
C SER C 25 5.91 2.92 -6.40
N SER C 26 6.46 2.25 -5.39
CA SER C 26 7.16 2.96 -4.29
C SER C 26 8.59 3.38 -4.65
N LYS C 27 9.11 2.86 -5.76
CA LYS C 27 10.39 3.28 -6.32
C LYS C 27 10.19 3.55 -7.78
N SER C 28 11.00 4.46 -8.32
CA SER C 28 10.92 4.74 -9.74
C SER C 28 11.37 3.53 -10.55
N LEU C 29 10.60 3.22 -11.58
CA LEU C 29 10.88 2.16 -12.51
C LEU C 29 11.55 2.66 -13.78
N LEU C 30 11.82 3.98 -13.83
CA LEU C 30 12.52 4.58 -14.97
C LEU C 30 14.01 4.37 -14.76
N HIS C 31 14.61 3.65 -15.71
CA HIS C 31 15.99 3.21 -15.67
C HIS C 31 16.85 4.24 -16.43
N SER C 32 18.15 4.20 -16.20
CA SER C 32 19.07 5.10 -16.86
C SER C 32 19.08 4.86 -18.37
N ASP C 33 18.69 3.66 -18.81
CA ASP C 33 18.63 3.35 -20.25
C ASP C 33 17.41 3.96 -20.96
N GLY C 34 16.58 4.67 -20.19
CA GLY C 34 15.41 5.36 -20.73
C GLY C 34 14.11 4.56 -20.76
N ILE C 35 14.18 3.28 -20.44
CA ILE C 35 13.01 2.41 -20.42
C ILE C 35 12.38 2.45 -19.04
N THR C 36 11.06 2.51 -19.01
CA THR C 36 10.29 2.35 -17.77
C THR C 36 9.84 0.89 -17.71
N TYR C 37 10.41 0.17 -16.74
CA TYR C 37 10.19 -1.26 -16.61
C TYR C 37 8.90 -1.60 -15.85
N LEU C 38 7.78 -1.20 -16.46
CA LEU C 38 6.42 -1.41 -15.95
C LEU C 38 5.73 -2.38 -16.89
N TYR C 39 5.05 -3.35 -16.30
CA TYR C 39 4.41 -4.41 -17.06
C TYR C 39 2.97 -4.56 -16.61
N TRP C 40 2.08 -4.89 -17.54
CA TRP C 40 0.70 -5.21 -17.22
C TRP C 40 0.40 -6.67 -17.65
N TYR C 41 -0.23 -7.42 -16.76
CA TYR C 41 -0.74 -8.77 -17.02
C TYR C 41 -2.27 -8.80 -16.82
N LEU C 42 -2.94 -9.64 -17.62
CA LEU C 42 -4.36 -9.92 -17.44
C LEU C 42 -4.58 -11.37 -17.08
N GLN C 43 -5.29 -11.59 -15.98
CA GLN C 43 -5.76 -12.91 -15.62
C GLN C 43 -7.29 -12.99 -15.79
N LYS C 44 -7.72 -13.63 -16.88
CA LYS C 44 -9.14 -13.88 -17.11
C LYS C 44 -9.61 -15.00 -16.18
N PRO C 45 -10.93 -15.04 -15.86
CA PRO C 45 -11.47 -16.08 -15.03
C PRO C 45 -11.14 -17.49 -15.53
N GLY C 46 -10.63 -18.32 -14.63
CA GLY C 46 -10.25 -19.69 -14.97
C GLY C 46 -8.89 -19.85 -15.63
N GLN C 47 -8.22 -18.74 -15.96
CA GLN C 47 -6.97 -18.79 -16.71
C GLN C 47 -5.75 -18.38 -15.87
N SER C 48 -4.55 -18.58 -16.44
CA SER C 48 -3.32 -18.07 -15.88
C SER C 48 -3.19 -16.61 -16.31
N PRO C 49 -2.34 -15.83 -15.63
CA PRO C 49 -2.07 -14.47 -16.12
C PRO C 49 -1.40 -14.53 -17.49
N HIS C 50 -1.59 -13.49 -18.31
CA HIS C 50 -0.81 -13.33 -19.52
C HIS C 50 -0.38 -11.90 -19.70
N LEU C 51 0.77 -11.74 -20.36
CA LEU C 51 1.37 -10.42 -20.60
C LEU C 51 0.52 -9.62 -21.57
N LEU C 52 0.19 -8.41 -21.14
CA LEU C 52 -0.51 -7.41 -21.97
C LEU C 52 0.41 -6.35 -22.51
N ILE C 53 1.11 -5.68 -21.60
CA ILE C 53 1.98 -4.58 -21.95
C ILE C 53 3.32 -4.74 -21.25
N TYR C 54 4.39 -4.44 -21.96
CA TYR C 54 5.75 -4.44 -21.42
C TYR C 54 6.43 -3.09 -21.65
N HIS C 55 7.44 -2.81 -20.83
CA HIS C 55 8.22 -1.58 -20.91
C HIS C 55 7.30 -0.37 -20.98
N LEU C 56 6.30 -0.37 -20.09
CA LEU C 56 5.32 0.70 -19.91
C LEU C 56 4.26 0.86 -20.99
N SER C 57 4.66 0.81 -22.27
CA SER C 57 3.74 1.21 -23.35
C SER C 57 3.71 0.27 -24.55
N ASN C 58 4.47 -0.82 -24.48
CA ASN C 58 4.56 -1.75 -25.61
C ASN C 58 3.62 -2.93 -25.51
N LEU C 59 2.85 -3.17 -26.58
CA LEU C 59 1.87 -4.24 -26.55
C LEU C 59 2.52 -5.58 -26.85
N ALA C 60 2.10 -6.59 -26.10
CA ALA C 60 2.59 -7.95 -26.34
C ALA C 60 1.95 -8.46 -27.63
N SER C 61 2.60 -9.46 -28.22
CA SER C 61 2.14 -10.03 -29.49
C SER C 61 0.68 -10.45 -29.40
N GLY C 62 -0.15 -9.90 -30.29
CA GLY C 62 -1.55 -10.28 -30.37
C GLY C 62 -2.52 -9.50 -29.53
N VAL C 63 -2.01 -8.59 -28.71
CA VAL C 63 -2.88 -7.75 -27.89
C VAL C 63 -3.48 -6.67 -28.77
N PRO C 64 -4.82 -6.49 -28.72
CA PRO C 64 -5.47 -5.47 -29.51
C PRO C 64 -5.02 -4.05 -29.15
N ASP C 65 -5.02 -3.18 -30.16
CA ASP C 65 -4.55 -1.82 -29.95
C ASP C 65 -5.55 -0.93 -29.20
N ARG C 66 -6.66 -1.51 -28.75
CA ARG C 66 -7.57 -0.88 -27.78
C ARG C 66 -6.89 -0.66 -26.43
N PHE C 67 -5.86 -1.47 -26.18
CA PHE C 67 -5.09 -1.37 -24.94
C PHE C 67 -3.94 -0.41 -25.13
N SER C 68 -3.74 0.48 -24.16
CA SER C 68 -2.61 1.40 -24.22
C SER C 68 -2.23 1.77 -22.81
N SER C 69 -1.00 2.20 -22.63
CA SER C 69 -0.48 2.48 -21.28
C SER C 69 0.55 3.61 -21.29
N SER C 70 0.54 4.41 -20.23
CA SER C 70 1.42 5.56 -20.13
C SER C 70 1.83 5.66 -18.65
N GLY C 71 2.84 6.46 -18.37
CA GLY C 71 3.25 6.72 -17.00
C GLY C 71 4.61 7.37 -16.84
N SER C 72 4.87 7.81 -15.62
CA SER C 72 6.18 8.25 -15.23
C SER C 72 6.96 7.06 -14.72
N GLY C 73 8.00 7.31 -13.93
CA GLY C 73 8.67 6.24 -13.24
C GLY C 73 7.87 5.65 -12.09
N THR C 74 6.86 6.37 -11.59
CA THR C 74 6.15 5.99 -10.36
C THR C 74 4.61 5.90 -10.44
N ASP C 75 3.99 6.50 -11.45
CA ASP C 75 2.55 6.52 -11.59
C ASP C 75 2.21 6.10 -13.03
N PHE C 76 1.28 5.15 -13.18
CA PHE C 76 1.00 4.51 -14.47
C PHE C 76 -0.52 4.37 -14.66
N THR C 77 -0.93 4.30 -15.92
CA THR C 77 -2.34 4.26 -16.28
C THR C 77 -2.50 3.35 -17.49
N LEU C 78 -3.26 2.27 -17.31
CA LEU C 78 -3.71 1.40 -18.39
C LEU C 78 -5.03 1.93 -18.89
N ARG C 79 -5.15 2.12 -20.20
CA ARG C 79 -6.42 2.51 -20.80
C ARG C 79 -6.89 1.43 -21.75
N ILE C 80 -8.19 1.16 -21.70
CA ILE C 80 -8.85 0.19 -22.59
C ILE C 80 -9.97 0.93 -23.30
N SER C 81 -9.80 1.21 -24.58
CA SER C 81 -10.86 1.84 -25.35
C SER C 81 -11.87 0.77 -25.81
N ARG C 82 -13.12 1.18 -26.05
CA ARG C 82 -14.14 0.31 -26.60
C ARG C 82 -14.10 -1.04 -25.89
N VAL C 83 -14.28 -1.00 -24.57
CA VAL C 83 -14.27 -2.23 -23.78
C VAL C 83 -15.27 -3.25 -24.32
N GLU C 84 -14.83 -4.50 -24.37
CA GLU C 84 -15.66 -5.64 -24.76
C GLU C 84 -15.91 -6.54 -23.57
N ALA C 85 -16.93 -7.38 -23.68
CA ALA C 85 -17.28 -8.24 -22.57
C ALA C 85 -16.14 -9.23 -22.23
N GLU C 86 -15.36 -9.63 -23.24
CA GLU C 86 -14.26 -10.57 -23.01
C GLU C 86 -13.06 -9.94 -22.29
N ASP C 87 -13.10 -8.63 -22.07
CA ASP C 87 -12.03 -7.93 -21.36
C ASP C 87 -12.10 -8.10 -19.83
N VAL C 88 -13.20 -8.63 -19.29
CA VAL C 88 -13.30 -8.76 -17.85
C VAL C 88 -12.23 -9.71 -17.34
N GLY C 89 -11.76 -9.42 -16.14
CA GLY C 89 -10.68 -10.15 -15.53
C GLY C 89 -9.99 -9.24 -14.53
N ILE C 90 -8.86 -9.70 -14.05
CA ILE C 90 -8.04 -8.96 -13.11
C ILE C 90 -6.75 -8.55 -13.80
N TYR C 91 -6.46 -7.25 -13.72
CA TYR C 91 -5.30 -6.61 -14.37
C TYR C 91 -4.26 -6.32 -13.31
N TYR C 92 -3.05 -6.86 -13.49
CA TYR C 92 -1.98 -6.70 -12.50
C TYR C 92 -0.85 -5.87 -13.07
N CYS C 93 -0.33 -4.95 -12.26
CA CYS C 93 0.93 -4.31 -12.58
C CYS C 93 2.11 -5.03 -11.91
N ALA C 94 3.29 -4.91 -12.54
CA ALA C 94 4.51 -5.50 -12.05
C ALA C 94 5.67 -4.65 -12.51
N HIS C 95 6.77 -4.72 -11.76
CA HIS C 95 8.02 -4.08 -12.15
C HIS C 95 9.02 -5.12 -12.60
N ASN C 96 10.02 -4.63 -13.34
CA ASN C 96 11.19 -5.44 -13.63
C ASN C 96 12.48 -4.63 -13.47
N VAL C 97 12.69 -4.12 -12.27
CA VAL C 97 13.93 -3.37 -11.99
C VAL C 97 14.84 -3.95 -10.91
N GLU C 98 14.33 -4.93 -10.16
CA GLU C 98 15.12 -5.63 -9.17
C GLU C 98 14.42 -6.90 -8.74
N LEU C 99 15.13 -7.65 -7.92
CA LEU C 99 14.57 -8.72 -7.11
C LEU C 99 14.38 -8.19 -5.67
N PRO C 100 13.34 -8.62 -4.98
CA PRO C 100 12.30 -9.53 -5.46
C PRO C 100 11.37 -8.94 -6.50
N ARG C 101 10.84 -9.81 -7.35
CA ARG C 101 9.85 -9.39 -8.28
C ARG C 101 8.57 -9.25 -7.51
N THR C 102 7.88 -8.12 -7.69
CA THR C 102 6.63 -7.91 -7.02
C THR C 102 5.53 -7.43 -7.98
N PHE C 103 4.31 -7.67 -7.55
CA PHE C 103 3.10 -7.46 -8.33
C PHE C 103 2.12 -6.61 -7.54
N GLY C 104 1.32 -5.82 -8.25
CA GLY C 104 0.14 -5.24 -7.67
C GLY C 104 -0.87 -6.27 -7.21
N GLY C 105 -1.85 -5.82 -6.39
CA GLY C 105 -2.88 -6.69 -5.90
C GLY C 105 -3.92 -7.10 -6.94
N GLY C 106 -3.87 -6.46 -8.11
CA GLY C 106 -4.80 -6.74 -9.18
C GLY C 106 -6.01 -5.83 -9.13
N THR C 107 -6.39 -5.28 -10.27
CA THR C 107 -7.64 -4.52 -10.38
C THR C 107 -8.64 -5.28 -11.26
N LYS C 108 -9.81 -5.55 -10.70
CA LYS C 108 -10.90 -6.21 -11.42
C LYS C 108 -11.68 -5.23 -12.29
N LEU C 109 -11.72 -5.50 -13.57
CA LEU C 109 -12.55 -4.72 -14.49
C LEU C 109 -13.97 -5.24 -14.34
N GLU C 110 -14.92 -4.37 -13.99
CA GLU C 110 -16.36 -4.71 -14.00
C GLU C 110 -17.09 -3.97 -15.13
N ILE C 111 -17.89 -4.70 -15.88
CA ILE C 111 -18.73 -4.14 -16.93
C ILE C 111 -20.10 -3.73 -16.41
N LYS C 112 -20.59 -2.57 -16.85
CA LYS C 112 -21.96 -2.13 -16.58
C LYS C 112 -22.77 -2.53 -17.80
N ARG C 113 -23.90 -3.20 -17.57
CA ARG C 113 -24.82 -3.58 -18.63
C ARG C 113 -26.26 -3.41 -18.14
N ALA C 114 -27.23 -3.74 -18.98
CA ALA C 114 -28.64 -3.56 -18.62
C ALA C 114 -29.08 -4.47 -17.47
N ASP C 115 -29.89 -3.94 -16.55
CA ASP C 115 -30.51 -4.76 -15.52
C ASP C 115 -31.14 -6.01 -16.16
N ALA C 116 -31.06 -7.15 -15.46
CA ALA C 116 -31.68 -8.38 -15.93
C ALA C 116 -32.02 -9.32 -14.76
N ALA C 117 -33.24 -9.84 -14.77
CA ALA C 117 -33.71 -10.72 -13.70
C ALA C 117 -33.17 -12.14 -13.90
N PRO C 118 -33.04 -12.90 -12.80
CA PRO C 118 -32.51 -14.26 -12.88
C PRO C 118 -33.49 -15.26 -13.50
N THR C 119 -32.95 -16.25 -14.20
CA THR C 119 -33.64 -17.47 -14.61
C THR C 119 -33.43 -18.49 -13.50
N VAL C 120 -34.50 -18.80 -12.76
CA VAL C 120 -34.44 -19.69 -11.60
C VAL C 120 -34.80 -21.12 -11.97
N SER C 121 -33.99 -22.07 -11.50
CA SER C 121 -34.26 -23.51 -11.62
C SER C 121 -34.07 -24.19 -10.26
N ILE C 122 -34.97 -25.13 -9.94
CA ILE C 122 -34.89 -25.90 -8.72
C ILE C 122 -34.70 -27.38 -9.06
N PHE C 123 -33.90 -28.07 -8.25
CA PHE C 123 -33.60 -29.49 -8.46
C PHE C 123 -33.76 -30.25 -7.16
N PRO C 124 -34.60 -31.29 -7.18
CA PRO C 124 -34.71 -32.12 -5.99
C PRO C 124 -33.48 -33.05 -5.86
N PRO C 125 -33.28 -33.68 -4.70
CA PRO C 125 -32.19 -34.63 -4.51
C PRO C 125 -32.19 -35.79 -5.53
N SER C 126 -31.00 -36.21 -5.92
CA SER C 126 -30.79 -37.40 -6.75
C SER C 126 -31.11 -38.68 -5.96
N SER C 127 -31.41 -39.77 -6.68
CA SER C 127 -31.60 -41.07 -6.01
C SER C 127 -30.29 -41.55 -5.38
N GLU C 128 -29.18 -41.28 -6.05
CA GLU C 128 -27.83 -41.56 -5.54
C GLU C 128 -27.66 -40.97 -4.15
N GLN C 129 -27.87 -39.67 -4.06
CA GLN C 129 -27.75 -39.00 -2.79
C GLN C 129 -28.66 -39.58 -1.74
N LEU C 130 -29.93 -39.82 -2.07
CA LEU C 130 -30.86 -40.34 -1.07
C LEU C 130 -30.42 -41.72 -0.56
N THR C 131 -29.93 -42.55 -1.46
CA THR C 131 -29.37 -43.86 -1.05
C THR C 131 -28.24 -43.74 -0.02
N SER C 132 -27.45 -42.66 -0.12
CA SER C 132 -26.30 -42.41 0.76
C SER C 132 -26.73 -41.81 2.08
N GLY C 133 -28.01 -41.39 2.18
CA GLY C 133 -28.53 -40.88 3.45
C GLY C 133 -28.57 -39.37 3.51
N GLY C 134 -28.37 -38.73 2.36
CA GLY C 134 -28.40 -37.26 2.29
C GLY C 134 -29.43 -36.70 1.33
N ALA C 135 -29.69 -35.40 1.43
CA ALA C 135 -30.69 -34.75 0.58
C ALA C 135 -30.36 -33.29 0.38
N SER C 136 -29.77 -32.97 -0.76
CA SER C 136 -29.56 -31.59 -1.13
C SER C 136 -30.56 -31.16 -2.19
N VAL C 137 -31.12 -29.97 -1.98
CA VAL C 137 -31.97 -29.31 -2.96
C VAL C 137 -31.19 -28.11 -3.50
N VAL C 138 -31.16 -27.98 -4.83
CA VAL C 138 -30.39 -26.94 -5.48
C VAL C 138 -31.28 -25.97 -6.24
N CYS C 139 -30.92 -24.69 -6.13
CA CYS C 139 -31.57 -23.61 -6.84
C CYS C 139 -30.48 -22.87 -7.62
N PHE C 140 -30.57 -22.87 -8.96
CA PHE C 140 -29.75 -21.98 -9.77
C PHE C 140 -30.49 -20.68 -10.05
N LEU C 141 -29.81 -19.55 -9.81
CA LEU C 141 -30.28 -18.20 -10.17
C LEU C 141 -29.30 -17.71 -11.22
N ASN C 142 -29.66 -17.89 -12.49
CA ASN C 142 -28.72 -17.69 -13.56
C ASN C 142 -28.93 -16.40 -14.38
N ASN C 143 -27.79 -15.85 -14.82
CA ASN C 143 -27.72 -14.73 -15.75
C ASN C 143 -28.53 -13.50 -15.39
N PHE C 144 -28.23 -12.95 -14.23
CA PHE C 144 -28.85 -11.71 -13.81
C PHE C 144 -27.84 -10.56 -13.73
N TYR C 145 -28.38 -9.35 -13.59
CA TYR C 145 -27.58 -8.13 -13.37
C TYR C 145 -28.45 -7.07 -12.71
N PRO C 146 -27.96 -6.38 -11.67
CA PRO C 146 -26.63 -6.40 -11.03
C PRO C 146 -26.38 -7.61 -10.12
N LYS C 147 -25.20 -7.67 -9.52
CA LYS C 147 -24.72 -8.88 -8.82
C LYS C 147 -25.46 -9.21 -7.52
N ASP C 148 -25.97 -8.21 -6.83
CA ASP C 148 -26.59 -8.45 -5.53
C ASP C 148 -27.99 -9.08 -5.67
N ILE C 149 -28.25 -10.06 -4.82
CA ILE C 149 -29.49 -10.83 -4.89
C ILE C 149 -29.66 -11.57 -3.59
N ASN C 150 -30.91 -11.85 -3.22
CA ASN C 150 -31.22 -12.61 -2.01
C ASN C 150 -32.04 -13.85 -2.36
N VAL C 151 -31.76 -14.93 -1.65
CA VAL C 151 -32.46 -16.18 -1.84
C VAL C 151 -33.02 -16.61 -0.51
N LYS C 152 -34.25 -17.14 -0.54
CA LYS C 152 -34.91 -17.63 0.64
C LYS C 152 -35.40 -19.04 0.37
N TRP C 153 -35.20 -19.94 1.35
CA TRP C 153 -35.67 -21.33 1.31
C TRP C 153 -36.82 -21.52 2.27
N LYS C 154 -37.86 -22.21 1.81
CA LYS C 154 -38.98 -22.60 2.67
C LYS C 154 -39.23 -24.09 2.56
N ILE C 155 -39.42 -24.73 3.72
CA ILE C 155 -39.77 -26.13 3.81
C ILE C 155 -41.16 -26.13 4.44
N ASP C 156 -42.13 -26.68 3.71
CA ASP C 156 -43.54 -26.65 4.12
C ASP C 156 -43.95 -25.27 4.61
N GLY C 157 -43.57 -24.26 3.81
CA GLY C 157 -43.94 -22.89 4.05
C GLY C 157 -43.17 -22.19 5.15
N SER C 158 -42.29 -22.92 5.84
CA SER C 158 -41.48 -22.32 6.88
C SER C 158 -40.11 -21.99 6.33
N GLU C 159 -39.65 -20.79 6.64
CA GLU C 159 -38.36 -20.31 6.18
C GLU C 159 -37.24 -21.12 6.82
N ARG C 160 -36.24 -21.47 6.01
CA ARG C 160 -35.14 -22.31 6.46
C ARG C 160 -33.81 -21.61 6.12
N GLN C 161 -32.97 -21.39 7.13
CA GLN C 161 -31.74 -20.61 6.94
C GLN C 161 -30.44 -21.38 7.14
N ASN C 162 -30.38 -22.27 8.13
CA ASN C 162 -29.18 -23.08 8.30
C ASN C 162 -29.22 -24.26 7.33
N GLY C 163 -28.04 -24.76 6.95
CA GLY C 163 -27.91 -25.82 5.95
C GLY C 163 -27.91 -25.28 4.53
N VAL C 164 -27.87 -23.95 4.39
CA VAL C 164 -27.85 -23.29 3.09
C VAL C 164 -26.43 -22.86 2.68
N LEU C 165 -26.05 -23.15 1.44
CA LEU C 165 -24.73 -22.78 0.92
C LEU C 165 -24.92 -22.00 -0.38
N ASN C 166 -24.39 -20.77 -0.44
CA ASN C 166 -24.56 -19.89 -1.60
C ASN C 166 -23.22 -19.56 -2.28
N SER C 167 -23.20 -19.53 -3.61
CA SER C 167 -21.97 -19.27 -4.35
C SER C 167 -22.29 -18.46 -5.62
N TRP C 168 -21.53 -17.38 -5.84
CA TRP C 168 -21.67 -16.53 -7.03
C TRP C 168 -20.53 -16.76 -8.02
N THR C 169 -20.85 -16.78 -9.31
CA THR C 169 -19.83 -16.80 -10.36
C THR C 169 -19.18 -15.42 -10.45
N ASP C 170 -18.07 -15.35 -11.17
CA ASP C 170 -17.54 -14.07 -11.63
C ASP C 170 -18.38 -13.60 -12.81
N GLN C 171 -18.21 -12.34 -13.19
CA GLN C 171 -18.97 -11.78 -14.30
C GLN C 171 -18.70 -12.57 -15.56
N ASP C 172 -19.76 -12.88 -16.28
CA ASP C 172 -19.65 -13.73 -17.47
C ASP C 172 -18.91 -13.02 -18.60
N SER C 173 -18.02 -13.75 -19.26
CA SER C 173 -17.18 -13.20 -20.34
C SER C 173 -17.97 -12.84 -21.60
N LYS C 174 -19.16 -13.43 -21.73
CA LYS C 174 -19.98 -13.28 -22.93
C LYS C 174 -21.05 -12.25 -22.73
N ASP C 175 -21.91 -12.45 -21.74
CA ASP C 175 -23.06 -11.57 -21.56
C ASP C 175 -22.94 -10.62 -20.41
N SER C 176 -21.82 -10.68 -19.68
CA SER C 176 -21.56 -9.75 -18.57
C SER C 176 -22.55 -9.85 -17.42
N THR C 177 -23.20 -11.01 -17.26
CA THR C 177 -24.13 -11.24 -16.16
C THR C 177 -23.45 -11.99 -15.00
N TYR C 178 -24.17 -12.12 -13.90
CA TYR C 178 -23.76 -12.98 -12.80
C TYR C 178 -24.77 -14.11 -12.64
N SER C 179 -24.32 -15.18 -11.98
CA SER C 179 -25.20 -16.26 -11.58
C SER C 179 -24.87 -16.66 -10.17
N MET C 180 -25.82 -17.34 -9.54
CA MET C 180 -25.71 -17.72 -8.16
C MET C 180 -26.33 -19.10 -7.96
N SER C 181 -25.71 -19.89 -7.09
CA SER C 181 -26.20 -21.23 -6.79
C SER C 181 -26.45 -21.27 -5.31
N SER C 182 -27.60 -21.83 -4.94
CA SER C 182 -27.98 -21.97 -3.54
C SER C 182 -28.33 -23.44 -3.29
N THR C 183 -27.67 -24.04 -2.31
CA THR C 183 -27.90 -25.45 -1.98
C THR C 183 -28.32 -25.57 -0.54
N LEU C 184 -29.46 -26.22 -0.34
CA LEU C 184 -29.96 -26.53 0.99
C LEU C 184 -29.70 -28.00 1.19
N THR C 185 -28.89 -28.35 2.18
CA THR C 185 -28.57 -29.75 2.42
C THR C 185 -29.20 -30.22 3.73
N LEU C 186 -29.91 -31.33 3.64
CA LEU C 186 -30.56 -31.96 4.78
C LEU C 186 -30.16 -33.42 4.84
N THR C 187 -30.44 -34.04 5.97
CA THR C 187 -30.34 -35.50 6.09
C THR C 187 -31.56 -36.07 5.39
N LYS C 188 -31.45 -37.29 4.88
CA LYS C 188 -32.59 -38.00 4.30
C LYS C 188 -33.76 -38.01 5.27
N ASP C 189 -33.48 -38.37 6.52
CA ASP C 189 -34.51 -38.40 7.56
C ASP C 189 -35.32 -37.10 7.61
N GLU C 190 -34.66 -35.95 7.77
CA GLU C 190 -35.36 -34.66 7.79
C GLU C 190 -36.07 -34.34 6.49
N TYR C 191 -35.43 -34.65 5.36
CA TYR C 191 -36.02 -34.39 4.05
C TYR C 191 -37.35 -35.09 3.88
N GLU C 192 -37.45 -36.32 4.38
CA GLU C 192 -38.66 -37.12 4.16
C GLU C 192 -39.75 -36.86 5.20
N ARG C 193 -39.48 -35.95 6.13
CA ARG C 193 -40.50 -35.53 7.10
C ARG C 193 -41.33 -34.34 6.57
N HIS C 194 -40.98 -33.81 5.39
CA HIS C 194 -41.72 -32.68 4.79
C HIS C 194 -41.84 -32.92 3.30
N ASN C 195 -42.78 -32.26 2.62
CA ASN C 195 -42.83 -32.45 1.16
C ASN C 195 -42.81 -31.24 0.24
N SER C 196 -43.00 -30.04 0.75
CA SER C 196 -43.01 -28.83 -0.10
C SER C 196 -41.68 -28.13 -0.01
N TYR C 197 -40.95 -27.97 -1.13
CA TYR C 197 -39.65 -27.30 -1.07
C TYR C 197 -39.62 -26.14 -2.06
N THR C 198 -39.21 -24.97 -1.58
CA THR C 198 -39.35 -23.74 -2.34
C THR C 198 -38.09 -22.88 -2.24
N CYS C 199 -37.61 -22.34 -3.36
CA CYS C 199 -36.60 -21.28 -3.33
C CYS C 199 -37.18 -19.99 -3.92
N GLU C 200 -36.91 -18.86 -3.27
CA GLU C 200 -37.44 -17.56 -3.70
C GLU C 200 -36.29 -16.59 -3.91
N ALA C 201 -36.16 -16.10 -5.14
CA ALA C 201 -35.10 -15.16 -5.51
C ALA C 201 -35.65 -13.73 -5.49
N THR C 202 -35.05 -12.87 -4.66
CA THR C 202 -35.40 -11.44 -4.62
C THR C 202 -34.25 -10.59 -5.21
N HIS C 203 -34.55 -9.90 -6.31
CA HIS C 203 -33.58 -9.12 -7.09
C HIS C 203 -34.16 -7.71 -7.32
N LYS C 204 -33.32 -6.74 -7.66
CA LYS C 204 -33.79 -5.34 -7.88
C LYS C 204 -34.72 -5.20 -9.08
N THR C 205 -34.64 -6.14 -10.02
CA THR C 205 -35.54 -6.17 -11.17
C THR C 205 -37.02 -6.41 -10.81
N SER C 206 -37.36 -6.62 -9.53
CA SER C 206 -38.76 -6.60 -9.07
C SER C 206 -38.94 -6.59 -7.56
N THR C 207 -40.08 -6.04 -7.16
CA THR C 207 -40.57 -6.12 -5.78
C THR C 207 -41.01 -7.53 -5.40
N SER C 208 -41.44 -8.31 -6.39
CA SER C 208 -41.94 -9.67 -6.17
C SER C 208 -40.87 -10.71 -6.50
N PRO C 209 -40.63 -11.66 -5.60
CA PRO C 209 -39.62 -12.70 -5.88
C PRO C 209 -39.96 -13.66 -7.03
N ILE C 210 -38.93 -14.25 -7.62
CA ILE C 210 -39.11 -15.31 -8.58
C ILE C 210 -39.05 -16.57 -7.75
N VAL C 211 -40.10 -17.39 -7.82
CA VAL C 211 -40.30 -18.54 -6.94
C VAL C 211 -40.34 -19.81 -7.78
N LYS C 212 -39.62 -20.84 -7.32
CA LYS C 212 -39.67 -22.17 -7.90
C LYS C 212 -39.88 -23.17 -6.79
N SER C 213 -40.62 -24.24 -7.08
CA SER C 213 -41.06 -25.15 -6.03
C SER C 213 -41.22 -26.55 -6.58
N PHE C 214 -41.11 -27.54 -5.70
CA PHE C 214 -41.55 -28.90 -6.02
C PHE C 214 -42.07 -29.58 -4.77
N ASN C 215 -42.81 -30.66 -4.98
CA ASN C 215 -43.35 -31.43 -3.89
C ASN C 215 -42.69 -32.80 -3.97
N ARG C 216 -42.17 -33.27 -2.85
CA ARG C 216 -41.48 -34.56 -2.78
C ARG C 216 -42.32 -35.73 -3.23
N ASN C 217 -43.64 -35.65 -3.04
CA ASN C 217 -44.56 -36.76 -3.36
C ASN C 217 -45.18 -36.69 -4.74
N GLU C 218 -44.83 -35.67 -5.54
CA GLU C 218 -45.43 -35.47 -6.85
C GLU C 218 -44.64 -36.15 -7.97
N GLU D 1 4.70 -22.44 -30.65
CA GLU D 1 3.99 -21.99 -29.41
C GLU D 1 4.80 -22.40 -28.18
N VAL D 2 5.07 -21.43 -27.32
CA VAL D 2 5.69 -21.74 -26.03
C VAL D 2 4.63 -22.46 -25.21
N LYS D 3 5.02 -23.56 -24.58
CA LYS D 3 4.11 -24.29 -23.72
C LYS D 3 4.83 -24.53 -22.40
N VAL D 4 4.19 -24.15 -21.29
CA VAL D 4 4.77 -24.32 -19.96
C VAL D 4 3.80 -25.12 -19.13
N GLU D 5 4.23 -26.27 -18.59
CA GLU D 5 3.30 -27.24 -18.03
C GLU D 5 3.79 -27.79 -16.70
N GLU D 6 3.13 -27.39 -15.61
CA GLU D 6 3.53 -27.81 -14.27
C GLU D 6 2.92 -29.14 -13.86
N SER D 7 3.60 -29.84 -12.95
CA SER D 7 3.01 -30.99 -12.29
C SER D 7 3.60 -31.18 -10.89
N GLY D 8 3.02 -32.11 -10.16
CA GLY D 8 3.53 -32.50 -8.84
C GLY D 8 2.77 -31.99 -7.64
N GLY D 9 1.68 -31.27 -7.88
CA GLY D 9 0.87 -30.74 -6.79
C GLY D 9 0.13 -31.83 -6.03
N GLY D 10 -0.52 -31.42 -4.95
CA GLY D 10 -1.22 -32.35 -4.11
C GLY D 10 -1.31 -31.76 -2.72
N LEU D 11 -1.48 -32.65 -1.74
CA LEU D 11 -1.64 -32.26 -0.31
C LEU D 11 -0.51 -32.86 0.55
N VAL D 12 -0.03 -32.10 1.52
CA VAL D 12 0.86 -32.63 2.50
C VAL D 12 0.58 -31.90 3.81
N GLN D 13 1.01 -32.50 4.91
CA GLN D 13 0.79 -31.95 6.24
C GLN D 13 1.79 -30.86 6.55
N PRO D 14 1.43 -29.96 7.49
CA PRO D 14 2.42 -29.00 7.91
C PRO D 14 3.68 -29.70 8.44
N GLY D 15 4.82 -29.14 8.08
CA GLY D 15 6.12 -29.66 8.35
C GLY D 15 6.61 -30.67 7.33
N GLY D 16 5.74 -31.00 6.38
CA GLY D 16 6.06 -31.96 5.35
C GLY D 16 6.70 -31.30 4.14
N SER D 17 6.89 -32.13 3.11
CA SER D 17 7.60 -31.77 1.87
C SER D 17 6.83 -32.09 0.59
N MET D 18 7.15 -31.33 -0.46
CA MET D 18 6.56 -31.54 -1.81
C MET D 18 7.64 -31.26 -2.80
N LYS D 19 7.55 -31.84 -3.99
CA LYS D 19 8.48 -31.47 -5.06
C LYS D 19 7.64 -31.27 -6.32
N ILE D 20 7.69 -30.09 -6.89
CA ILE D 20 6.90 -29.79 -8.09
C ILE D 20 7.84 -29.50 -9.25
N SER D 21 7.34 -29.56 -10.46
CA SER D 21 8.20 -29.28 -11.59
C SER D 21 7.40 -28.72 -12.76
N CYS D 22 8.10 -28.22 -13.74
CA CYS D 22 7.45 -27.87 -14.99
C CYS D 22 8.39 -28.11 -16.14
N VAL D 23 7.77 -28.52 -17.25
CA VAL D 23 8.46 -28.72 -18.52
C VAL D 23 8.06 -27.65 -19.53
N VAL D 24 9.04 -27.16 -20.29
CA VAL D 24 8.85 -26.05 -21.22
C VAL D 24 9.24 -26.53 -22.61
N SER D 25 8.41 -26.22 -23.59
CA SER D 25 8.71 -26.50 -24.99
C SER D 25 8.41 -25.23 -25.78
N GLY D 26 9.00 -25.09 -26.97
CA GLY D 26 8.71 -23.92 -27.80
C GLY D 26 9.83 -22.90 -27.80
N LEU D 27 10.79 -23.04 -26.87
CA LEU D 27 12.01 -22.26 -26.89
C LEU D 27 13.09 -23.13 -26.30
N THR D 28 14.33 -22.65 -26.34
CA THR D 28 15.45 -23.38 -25.79
C THR D 28 15.48 -23.09 -24.29
N PHE D 29 14.99 -24.05 -23.52
CA PHE D 29 14.84 -23.90 -22.06
C PHE D 29 16.06 -23.36 -21.40
N SER D 30 17.22 -23.91 -21.75
CA SER D 30 18.48 -23.50 -21.12
C SER D 30 18.88 -22.05 -21.34
N ASN D 31 18.25 -21.37 -22.29
CA ASN D 31 18.58 -20.01 -22.60
C ASN D 31 17.80 -18.96 -21.79
N TYR D 32 16.85 -19.41 -20.94
CA TYR D 32 15.83 -18.54 -20.31
C TYR D 32 15.88 -18.65 -18.79
N TRP D 33 15.81 -17.51 -18.15
CA TRP D 33 15.62 -17.45 -16.70
C TRP D 33 14.27 -18.09 -16.34
N MET D 34 14.24 -18.75 -15.17
CA MET D 34 13.07 -19.48 -14.75
C MET D 34 12.75 -19.10 -13.30
N SER D 35 11.47 -18.95 -13.01
CA SER D 35 11.05 -18.60 -11.63
C SER D 35 9.80 -19.36 -11.29
N TRP D 36 9.49 -19.35 -9.99
CA TRP D 36 8.26 -19.84 -9.49
C TRP D 36 7.53 -18.68 -8.83
N VAL D 37 6.24 -18.56 -9.14
CA VAL D 37 5.38 -17.56 -8.55
C VAL D 37 4.11 -18.25 -8.05
N ARG D 38 3.74 -18.00 -6.79
CA ARG D 38 2.52 -18.58 -6.27
C ARG D 38 1.38 -17.58 -6.13
N GLN D 39 0.16 -18.09 -6.16
CA GLN D 39 -1.05 -17.28 -6.01
C GLN D 39 -1.95 -17.84 -4.92
N SER D 40 -2.39 -16.96 -4.02
CA SER D 40 -3.38 -17.30 -3.00
C SER D 40 -4.33 -16.12 -2.83
N PRO D 41 -5.57 -16.36 -2.34
CA PRO D 41 -6.43 -15.21 -2.05
C PRO D 41 -5.86 -14.23 -1.04
N GLU D 42 -5.14 -14.72 -0.05
CA GLU D 42 -4.67 -13.84 1.03
C GLU D 42 -3.42 -12.99 0.70
N LYS D 43 -2.59 -13.43 -0.25
CA LYS D 43 -1.34 -12.74 -0.58
C LYS D 43 -1.20 -12.34 -2.06
N GLY D 44 -2.17 -12.70 -2.89
CA GLY D 44 -2.12 -12.44 -4.34
C GLY D 44 -0.96 -13.17 -4.98
N LEU D 45 -0.39 -12.58 -6.04
CA LEU D 45 0.77 -13.15 -6.70
C LEU D 45 2.05 -12.85 -5.94
N GLU D 46 2.80 -13.91 -5.64
CA GLU D 46 4.01 -13.87 -4.88
C GLU D 46 5.16 -14.65 -5.52
N TRP D 47 6.16 -13.92 -6.02
CA TRP D 47 7.40 -14.50 -6.51
C TRP D 47 8.14 -15.17 -5.36
N VAL D 48 8.55 -16.42 -5.54
CA VAL D 48 9.25 -17.16 -4.47
C VAL D 48 10.68 -17.60 -4.75
N ALA D 49 11.01 -17.90 -6.02
CA ALA D 49 12.31 -18.42 -6.34
C ALA D 49 12.62 -18.19 -7.81
N GLU D 50 13.90 -17.99 -8.09
CA GLU D 50 14.38 -17.81 -9.49
C GLU D 50 15.77 -18.43 -9.70
N ILE D 51 16.01 -18.96 -10.90
CA ILE D 51 17.28 -19.55 -11.26
C ILE D 51 17.72 -19.00 -12.62
N ARG D 52 19.01 -18.68 -12.70
CA ARG D 52 19.58 -18.08 -13.92
C ARG D 52 20.23 -19.18 -14.73
N LEU D 53 21.17 -18.83 -15.59
CA LEU D 53 21.61 -19.75 -16.61
C LEU D 53 22.91 -20.44 -16.24
N LYS D 54 23.24 -21.50 -16.98
CA LYS D 54 24.57 -22.14 -16.85
C LYS D 54 25.72 -21.13 -16.90
N SER D 55 25.65 -20.13 -17.77
CA SER D 55 26.69 -19.12 -17.89
C SER D 55 26.76 -18.19 -16.68
N ASP D 56 25.74 -18.24 -15.82
CA ASP D 56 25.69 -17.51 -14.57
C ASP D 56 25.97 -18.44 -13.38
N ASN D 57 26.57 -19.59 -13.63
CA ASN D 57 26.73 -20.65 -12.64
C ASN D 57 25.43 -21.03 -11.94
N TYR D 58 24.34 -21.04 -12.69
CA TYR D 58 23.05 -21.40 -12.17
C TYR D 58 22.67 -20.64 -10.91
N ALA D 59 22.92 -19.33 -10.89
CA ALA D 59 22.62 -18.52 -9.70
C ALA D 59 21.15 -18.64 -9.30
N THR D 60 20.89 -18.80 -8.00
CA THR D 60 19.52 -18.86 -7.48
C THR D 60 19.22 -17.68 -6.54
N TYR D 61 17.94 -17.32 -6.46
CA TYR D 61 17.47 -16.21 -5.67
C TYR D 61 16.13 -16.62 -5.08
N TYR D 62 15.83 -16.15 -3.87
CA TYR D 62 14.63 -16.58 -3.17
C TYR D 62 13.95 -15.45 -2.46
N ALA D 63 12.64 -15.54 -2.32
CA ALA D 63 11.93 -14.59 -1.48
C ALA D 63 12.34 -14.85 -0.01
N GLU D 64 12.43 -13.77 0.77
CA GLU D 64 12.90 -13.89 2.16
C GLU D 64 12.10 -14.96 2.92
N SER D 65 10.80 -15.01 2.66
CA SER D 65 9.93 -15.89 3.44
C SER D 65 10.10 -17.38 3.11
N VAL D 66 10.77 -17.72 2.01
CA VAL D 66 11.00 -19.13 1.72
C VAL D 66 12.46 -19.58 1.78
N LYS D 67 13.39 -18.64 1.97
CA LYS D 67 14.82 -18.98 2.01
C LYS D 67 15.06 -20.05 3.08
N GLY D 68 15.84 -21.06 2.72
CA GLY D 68 16.07 -22.22 3.58
C GLY D 68 15.00 -23.29 3.57
N LYS D 69 13.80 -23.01 3.07
CA LYS D 69 12.78 -24.03 2.94
C LYS D 69 12.65 -24.56 1.50
N PHE D 70 12.84 -23.69 0.52
CA PHE D 70 12.65 -24.03 -0.91
C PHE D 70 13.99 -24.07 -1.63
N THR D 71 14.12 -24.98 -2.59
CA THR D 71 15.31 -25.06 -3.43
C THR D 71 14.84 -25.21 -4.86
N ILE D 72 15.22 -24.25 -5.68
CA ILE D 72 14.90 -24.28 -7.13
C ILE D 72 16.08 -24.87 -7.87
N SER D 73 15.81 -25.70 -8.89
CA SER D 73 16.89 -26.33 -9.66
C SER D 73 16.36 -26.53 -11.06
N ARG D 74 17.27 -26.74 -12.02
CA ARG D 74 16.84 -26.93 -13.39
C ARG D 74 17.66 -28.05 -14.03
N ASP D 75 17.03 -28.78 -14.93
CA ASP D 75 17.71 -29.84 -15.69
C ASP D 75 17.55 -29.43 -17.15
N ASP D 76 18.55 -28.74 -17.66
CA ASP D 76 18.52 -28.18 -19.02
C ASP D 76 18.32 -29.29 -20.04
N SER D 77 18.87 -30.47 -19.78
CA SER D 77 18.79 -31.57 -20.74
C SER D 77 17.36 -32.08 -20.91
N LYS D 78 16.54 -31.93 -19.88
CA LYS D 78 15.14 -32.36 -19.89
C LYS D 78 14.13 -31.22 -20.01
N SER D 79 14.63 -30.00 -20.11
CA SER D 79 13.82 -28.80 -20.20
C SER D 79 12.88 -28.74 -18.97
N ARG D 80 13.43 -29.07 -17.81
CA ARG D 80 12.60 -29.18 -16.60
C ARG D 80 13.08 -28.26 -15.49
N LEU D 81 12.12 -27.61 -14.84
CA LEU D 81 12.38 -26.75 -13.66
C LEU D 81 11.78 -27.46 -12.48
N TYR D 82 12.43 -27.35 -11.31
CA TYR D 82 12.00 -28.01 -10.10
C TYR D 82 11.91 -27.02 -8.96
N LEU D 83 11.01 -27.30 -8.04
CA LEU D 83 11.01 -26.64 -6.74
C LEU D 83 10.82 -27.71 -5.67
N GLN D 84 11.84 -27.87 -4.84
CA GLN D 84 11.79 -28.73 -3.65
C GLN D 84 11.32 -27.85 -2.49
N MET D 85 10.29 -28.29 -1.80
CA MET D 85 9.61 -27.45 -0.83
C MET D 85 9.64 -28.24 0.46
N ASN D 86 10.42 -27.80 1.45
CA ASN D 86 10.57 -28.54 2.70
C ASN D 86 9.99 -27.77 3.89
N ASN D 87 9.60 -28.51 4.91
CA ASN D 87 9.10 -27.94 6.18
C ASN D 87 7.95 -26.93 5.96
N LEU D 88 6.96 -27.39 5.20
CA LEU D 88 5.91 -26.51 4.73
C LEU D 88 4.96 -26.01 5.81
N ARG D 89 4.46 -24.83 5.52
CA ARG D 89 3.49 -24.14 6.35
C ARG D 89 2.17 -23.97 5.67
N THR D 90 1.15 -23.73 6.48
CA THR D 90 -0.15 -23.44 5.95
C THR D 90 -0.13 -22.31 4.93
N GLU D 91 0.68 -21.29 5.20
CA GLU D 91 0.87 -20.11 4.34
C GLU D 91 1.50 -20.41 2.98
N ASP D 92 2.01 -21.62 2.81
CA ASP D 92 2.61 -22.02 1.53
C ASP D 92 1.57 -22.67 0.61
N THR D 93 0.34 -22.80 1.10
CA THR D 93 -0.75 -23.32 0.27
C THR D 93 -0.98 -22.30 -0.88
N GLY D 94 -1.19 -22.79 -2.09
CA GLY D 94 -1.46 -21.92 -3.17
C GLY D 94 -1.32 -22.62 -4.51
N ILE D 95 -1.57 -21.86 -5.56
CA ILE D 95 -1.31 -22.31 -6.92
C ILE D 95 0.09 -21.85 -7.29
N TYR D 96 0.96 -22.79 -7.71
CA TYR D 96 2.34 -22.52 -8.06
C TYR D 96 2.49 -22.53 -9.59
N TYR D 97 2.89 -21.39 -10.12
CA TYR D 97 3.13 -21.17 -11.55
C TYR D 97 4.61 -21.11 -11.84
N CYS D 98 4.98 -21.75 -12.92
CA CYS D 98 6.23 -21.49 -13.55
C CYS D 98 6.06 -20.17 -14.34
N PHE D 99 6.96 -19.25 -14.08
CA PHE D 99 6.99 -17.91 -14.71
C PHE D 99 8.36 -17.64 -15.29
N LEU D 100 8.43 -17.54 -16.62
CA LEU D 100 9.63 -17.16 -17.32
C LEU D 100 9.66 -15.64 -17.42
N PRO D 101 10.45 -14.98 -16.61
CA PRO D 101 10.34 -13.53 -16.61
C PRO D 101 10.78 -12.96 -17.96
N MET D 102 10.03 -12.02 -18.55
CA MET D 102 8.77 -11.50 -18.05
C MET D 102 7.53 -11.99 -18.85
N ASP D 103 7.72 -12.85 -19.86
CA ASP D 103 6.72 -13.04 -20.91
C ASP D 103 5.77 -14.24 -20.80
N TYR D 104 6.12 -15.28 -20.04
CA TYR D 104 5.37 -16.55 -20.05
C TYR D 104 5.02 -17.11 -18.67
N TRP D 105 3.76 -17.54 -18.53
CA TRP D 105 3.24 -18.26 -17.37
C TRP D 105 2.79 -19.66 -17.75
N GLY D 106 2.96 -20.59 -16.85
CA GLY D 106 2.35 -21.90 -16.97
C GLY D 106 0.90 -21.97 -16.55
N GLN D 107 0.40 -23.17 -16.34
CA GLN D 107 -1.01 -23.38 -16.07
C GLN D 107 -1.29 -23.46 -14.57
N GLY D 108 -0.21 -23.58 -13.81
CA GLY D 108 -0.25 -23.75 -12.35
C GLY D 108 -0.47 -25.17 -11.87
N THR D 109 0.04 -25.48 -10.70
CA THR D 109 -0.26 -26.73 -10.03
C THR D 109 -0.56 -26.33 -8.59
N SER D 110 -1.64 -26.88 -8.04
CA SER D 110 -2.10 -26.57 -6.68
C SER D 110 -1.40 -27.41 -5.63
N VAL D 111 -0.97 -26.72 -4.57
CA VAL D 111 -0.32 -27.31 -3.41
C VAL D 111 -1.13 -26.90 -2.18
N THR D 112 -1.61 -27.89 -1.44
CA THR D 112 -2.32 -27.67 -0.18
C THR D 112 -1.51 -28.20 0.98
N VAL D 113 -1.27 -27.34 1.98
CA VAL D 113 -0.64 -27.75 3.22
C VAL D 113 -1.71 -27.70 4.30
N SER D 114 -2.04 -28.88 4.81
CA SER D 114 -3.22 -29.09 5.63
C SER D 114 -3.15 -30.36 6.45
N SER D 115 -3.70 -30.32 7.65
CA SER D 115 -3.83 -31.51 8.44
C SER D 115 -5.16 -32.25 8.16
N ALA D 116 -6.04 -31.66 7.34
CA ALA D 116 -7.27 -32.30 6.93
C ALA D 116 -6.95 -33.39 5.91
N LYS D 117 -7.84 -34.35 5.77
CA LYS D 117 -7.60 -35.49 4.87
C LYS D 117 -8.20 -35.25 3.50
N THR D 118 -7.49 -35.72 2.49
CA THR D 118 -8.03 -35.77 1.17
C THR D 118 -9.25 -36.71 1.10
N THR D 119 -10.32 -36.17 0.51
CA THR D 119 -11.54 -36.94 0.27
C THR D 119 -11.98 -36.63 -1.15
N PRO D 120 -12.29 -37.66 -1.96
CA PRO D 120 -12.70 -37.39 -3.30
C PRO D 120 -14.17 -36.97 -3.30
N PRO D 121 -14.61 -36.29 -4.38
CA PRO D 121 -15.99 -35.80 -4.50
C PRO D 121 -17.04 -36.88 -4.79
N SER D 122 -18.26 -36.61 -4.31
CA SER D 122 -19.44 -37.38 -4.65
C SER D 122 -20.16 -36.48 -5.63
N VAL D 123 -20.52 -37.03 -6.80
CA VAL D 123 -21.04 -36.23 -7.90
C VAL D 123 -22.49 -36.67 -8.13
N TYR D 124 -23.41 -35.72 -8.03
CA TYR D 124 -24.83 -36.01 -8.09
C TYR D 124 -25.42 -35.28 -9.27
N PRO D 125 -26.29 -35.95 -10.03
CA PRO D 125 -26.91 -35.28 -11.17
C PRO D 125 -27.99 -34.29 -10.72
N LEU D 126 -28.11 -33.20 -11.47
CA LEU D 126 -29.18 -32.24 -11.29
C LEU D 126 -30.07 -32.25 -12.54
N ALA D 127 -31.21 -32.92 -12.40
CA ALA D 127 -32.16 -33.07 -13.50
C ALA D 127 -33.48 -32.49 -13.06
N PRO D 128 -34.24 -31.89 -14.00
CA PRO D 128 -35.54 -31.32 -13.66
C PRO D 128 -36.51 -32.33 -13.06
N GLY D 129 -37.26 -31.90 -12.05
CA GLY D 129 -38.32 -32.73 -11.44
C GLY D 129 -39.38 -33.17 -12.45
N SER D 136 -38.18 -23.94 -24.30
CA SER D 136 -37.25 -24.18 -25.41
C SER D 136 -35.84 -24.59 -24.94
N MET D 137 -35.43 -24.08 -23.77
CA MET D 137 -34.15 -24.49 -23.18
C MET D 137 -34.42 -25.32 -21.94
N VAL D 138 -33.44 -26.16 -21.60
CA VAL D 138 -33.47 -26.92 -20.36
C VAL D 138 -32.14 -26.73 -19.66
N THR D 139 -32.20 -26.51 -18.35
CA THR D 139 -30.99 -26.31 -17.56
C THR D 139 -30.78 -27.57 -16.72
N LEU D 140 -29.59 -28.13 -16.85
CA LEU D 140 -29.18 -29.33 -16.13
C LEU D 140 -27.97 -28.96 -15.29
N GLY D 141 -27.44 -29.89 -14.51
CA GLY D 141 -26.32 -29.55 -13.64
C GLY D 141 -25.71 -30.71 -12.95
N CYS D 142 -24.59 -30.46 -12.26
CA CYS D 142 -23.93 -31.44 -11.40
C CYS D 142 -23.66 -30.81 -10.06
N LEU D 143 -23.87 -31.58 -9.01
CA LEU D 143 -23.56 -31.12 -7.66
C LEU D 143 -22.37 -31.96 -7.22
N VAL D 144 -21.28 -31.28 -6.84
CA VAL D 144 -20.01 -31.93 -6.53
C VAL D 144 -19.75 -31.66 -5.06
N LYS D 145 -19.83 -32.71 -4.26
CA LYS D 145 -19.97 -32.58 -2.82
C LYS D 145 -18.98 -33.42 -2.06
N GLY D 146 -18.61 -32.95 -0.89
CA GLY D 146 -17.90 -33.80 0.06
C GLY D 146 -16.42 -34.02 -0.18
N TYR D 147 -15.76 -33.09 -0.88
CA TYR D 147 -14.33 -33.23 -1.21
C TYR D 147 -13.42 -32.28 -0.50
N PHE D 148 -12.15 -32.65 -0.52
CA PHE D 148 -11.09 -31.83 0.03
C PHE D 148 -9.78 -32.36 -0.51
N PRO D 149 -8.83 -31.47 -0.84
CA PRO D 149 -8.89 -30.01 -0.94
C PRO D 149 -9.40 -29.57 -2.31
N GLU D 150 -9.59 -28.26 -2.48
CA GLU D 150 -9.65 -27.66 -3.82
C GLU D 150 -8.33 -27.89 -4.50
N PRO D 151 -8.30 -27.86 -5.85
CA PRO D 151 -9.39 -27.65 -6.78
C PRO D 151 -10.05 -28.92 -7.37
N VAL D 152 -11.20 -28.74 -8.02
CA VAL D 152 -11.71 -29.74 -8.94
C VAL D 152 -11.91 -29.03 -10.27
N THR D 153 -11.94 -29.78 -11.35
CA THR D 153 -12.30 -29.20 -12.64
C THR D 153 -13.48 -29.97 -13.23
N VAL D 154 -14.47 -29.22 -13.67
CA VAL D 154 -15.71 -29.77 -14.18
C VAL D 154 -15.78 -29.44 -15.67
N THR D 155 -16.06 -30.46 -16.46
CA THR D 155 -16.32 -30.28 -17.88
C THR D 155 -17.62 -30.98 -18.19
N TRP D 156 -18.20 -30.61 -19.32
CA TRP D 156 -19.43 -31.24 -19.81
C TRP D 156 -19.17 -31.91 -21.13
N ASN D 157 -19.57 -33.18 -21.23
CA ASN D 157 -19.31 -33.98 -22.42
C ASN D 157 -17.86 -33.83 -22.86
N SER D 158 -16.98 -34.15 -21.91
CA SER D 158 -15.53 -34.15 -22.10
C SER D 158 -14.98 -32.89 -22.77
N GLY D 159 -15.60 -31.74 -22.50
CA GLY D 159 -15.18 -30.47 -23.08
C GLY D 159 -15.95 -29.99 -24.30
N SER D 160 -16.72 -30.87 -24.94
CA SER D 160 -17.53 -30.50 -26.12
C SER D 160 -18.56 -29.45 -25.75
N LEU D 161 -19.28 -29.72 -24.66
CA LEU D 161 -20.32 -28.83 -24.18
C LEU D 161 -19.65 -27.69 -23.42
N SER D 162 -19.34 -26.62 -24.15
CA SER D 162 -18.64 -25.47 -23.57
C SER D 162 -19.56 -24.26 -23.41
N SER D 163 -20.48 -24.08 -24.35
CA SER D 163 -21.39 -22.94 -24.31
C SER D 163 -22.53 -23.20 -23.33
N GLY D 164 -22.99 -22.14 -22.68
CA GLY D 164 -24.07 -22.23 -21.71
C GLY D 164 -23.73 -22.92 -20.39
N VAL D 165 -22.45 -22.87 -20.02
CA VAL D 165 -21.95 -23.51 -18.80
C VAL D 165 -21.48 -22.44 -17.80
N HIS D 166 -22.02 -22.50 -16.57
CA HIS D 166 -21.51 -21.77 -15.39
C HIS D 166 -21.01 -22.80 -14.41
N THR D 167 -19.78 -22.66 -13.88
CA THR D 167 -19.36 -23.45 -12.72
C THR D 167 -19.19 -22.49 -11.52
N PHE D 168 -19.87 -22.81 -10.43
CA PHE D 168 -19.90 -21.94 -9.28
C PHE D 168 -18.69 -22.23 -8.39
N PRO D 169 -18.01 -21.18 -7.91
CA PRO D 169 -16.92 -21.39 -6.96
C PRO D 169 -17.30 -22.30 -5.79
N ALA D 170 -16.32 -23.08 -5.33
CA ALA D 170 -16.52 -23.98 -4.20
C ALA D 170 -16.67 -23.21 -2.91
N VAL D 171 -17.42 -23.79 -1.98
CA VAL D 171 -17.61 -23.27 -0.64
C VAL D 171 -17.32 -24.35 0.39
N LEU D 172 -16.48 -23.99 1.36
CA LEU D 172 -16.06 -24.89 2.40
C LEU D 172 -17.04 -24.86 3.56
N GLN D 173 -17.39 -26.05 4.03
CA GLN D 173 -18.15 -26.25 5.27
C GLN D 173 -17.72 -27.56 5.93
N SER D 174 -17.42 -27.51 7.23
CA SER D 174 -17.01 -28.71 8.00
C SER D 174 -15.84 -29.47 7.34
N ASP D 175 -14.85 -28.71 6.90
CA ASP D 175 -13.68 -29.20 6.17
C ASP D 175 -13.95 -29.97 4.89
N LEU D 176 -15.12 -29.80 4.29
CA LEU D 176 -15.35 -30.37 2.93
C LEU D 176 -15.93 -29.30 2.05
N TYR D 177 -15.64 -29.40 0.75
CA TYR D 177 -16.14 -28.44 -0.23
C TYR D 177 -17.39 -28.96 -0.91
N THR D 178 -18.22 -28.00 -1.34
CA THR D 178 -19.32 -28.23 -2.28
C THR D 178 -19.16 -27.26 -3.41
N LEU D 179 -19.32 -27.73 -4.64
CA LEU D 179 -19.59 -26.82 -5.73
C LEU D 179 -20.63 -27.41 -6.67
N SER D 180 -21.06 -26.59 -7.61
CA SER D 180 -22.05 -27.01 -8.58
C SER D 180 -21.72 -26.40 -9.93
N SER D 181 -22.23 -27.02 -10.97
CA SER D 181 -22.07 -26.48 -12.31
C SER D 181 -23.40 -26.62 -13.04
N SER D 182 -23.78 -25.58 -13.78
CA SER D 182 -25.00 -25.61 -14.61
C SER D 182 -24.66 -25.61 -16.09
N VAL D 183 -25.46 -26.31 -16.88
CA VAL D 183 -25.36 -26.30 -18.33
C VAL D 183 -26.78 -26.15 -18.87
N THR D 184 -26.95 -25.26 -19.83
CA THR D 184 -28.25 -25.02 -20.46
C THR D 184 -28.15 -25.36 -21.93
N VAL D 185 -29.04 -26.22 -22.39
CA VAL D 185 -29.05 -26.73 -23.77
C VAL D 185 -30.45 -26.63 -24.38
N PRO D 186 -30.54 -26.70 -25.72
CA PRO D 186 -31.86 -26.81 -26.36
C PRO D 186 -32.58 -28.09 -25.99
N SER D 187 -33.89 -27.98 -25.74
CA SER D 187 -34.71 -29.13 -25.36
C SER D 187 -34.70 -30.23 -26.41
N SER D 188 -34.42 -29.86 -27.66
CA SER D 188 -34.30 -30.84 -28.74
C SER D 188 -33.17 -31.85 -28.48
N THR D 189 -32.14 -31.42 -27.75
CA THR D 189 -30.91 -32.22 -27.58
C THR D 189 -30.86 -33.09 -26.32
N TRP D 190 -31.78 -32.88 -25.37
CA TRP D 190 -31.82 -33.70 -24.16
C TRP D 190 -33.28 -33.94 -23.78
N PRO D 191 -33.62 -35.18 -23.37
CA PRO D 191 -32.75 -36.34 -23.14
C PRO D 191 -32.35 -37.11 -24.39
N SER D 192 -32.63 -36.54 -25.56
CA SER D 192 -32.35 -37.15 -26.86
C SER D 192 -30.87 -37.50 -27.02
N GLU D 193 -30.01 -36.49 -26.84
CA GLU D 193 -28.57 -36.70 -26.78
C GLU D 193 -28.14 -36.76 -25.33
N THR D 194 -26.94 -37.28 -25.09
CA THR D 194 -26.46 -37.48 -23.73
C THR D 194 -25.76 -36.24 -23.23
N VAL D 195 -25.93 -35.96 -21.94
CA VAL D 195 -25.24 -34.85 -21.27
C VAL D 195 -24.66 -35.41 -19.99
N THR D 196 -23.34 -35.27 -19.87
CA THR D 196 -22.53 -35.95 -18.85
C THR D 196 -21.54 -34.93 -18.27
N CYS D 197 -21.51 -34.75 -16.96
CA CYS D 197 -20.43 -33.97 -16.38
C CYS D 197 -19.27 -34.87 -15.99
N ASN D 198 -18.08 -34.31 -16.11
CA ASN D 198 -16.83 -34.99 -15.84
C ASN D 198 -16.17 -34.16 -14.76
N VAL D 199 -15.86 -34.81 -13.64
CA VAL D 199 -15.29 -34.08 -12.51
C VAL D 199 -13.91 -34.65 -12.20
N ALA D 200 -12.87 -33.83 -12.33
CA ALA D 200 -11.52 -34.27 -12.01
C ALA D 200 -11.07 -33.63 -10.69
N HIS D 201 -10.46 -34.44 -9.83
CA HIS D 201 -9.93 -33.97 -8.53
C HIS D 201 -8.46 -34.38 -8.45
N PRO D 202 -7.56 -33.47 -8.81
CA PRO D 202 -6.11 -33.77 -8.78
C PRO D 202 -5.57 -34.40 -7.49
N ALA D 203 -6.06 -33.94 -6.32
CA ALA D 203 -5.51 -34.43 -5.07
C ALA D 203 -5.76 -35.90 -4.80
N SER D 204 -6.87 -36.42 -5.33
CA SER D 204 -7.21 -37.83 -5.21
C SER D 204 -6.90 -38.60 -6.51
N SER D 205 -6.39 -37.93 -7.52
CA SER D 205 -6.06 -38.57 -8.79
C SER D 205 -7.29 -39.28 -9.38
N THR D 206 -8.46 -38.64 -9.26
CA THR D 206 -9.72 -39.26 -9.69
C THR D 206 -10.38 -38.40 -10.76
N LYS D 207 -11.12 -39.07 -11.66
CA LYS D 207 -12.01 -38.40 -12.59
C LYS D 207 -13.30 -39.23 -12.65
N VAL D 208 -14.43 -38.57 -12.42
CA VAL D 208 -15.72 -39.23 -12.30
C VAL D 208 -16.64 -38.63 -13.34
N ASP D 209 -17.47 -39.46 -13.96
CA ASP D 209 -18.50 -39.01 -14.90
C ASP D 209 -19.87 -39.31 -14.31
N LYS D 210 -20.82 -38.40 -14.53
CA LYS D 210 -22.20 -38.59 -14.14
C LYS D 210 -23.06 -38.18 -15.33
N LYS D 211 -23.75 -39.16 -15.92
CA LYS D 211 -24.72 -38.88 -16.96
C LYS D 211 -25.98 -38.33 -16.33
N ILE D 212 -26.51 -37.27 -16.93
CA ILE D 212 -27.76 -36.65 -16.46
C ILE D 212 -28.94 -37.28 -17.21
N VAL D 213 -29.82 -37.95 -16.48
CA VAL D 213 -30.95 -38.64 -17.11
C VAL D 213 -32.29 -38.18 -16.54
N PRO D 214 -33.34 -38.16 -17.39
CA PRO D 214 -34.66 -37.76 -16.95
C PRO D 214 -35.12 -38.46 -15.69
N ARG D 215 -35.78 -37.70 -14.83
CA ARG D 215 -36.42 -38.25 -13.67
C ARG D 215 -37.73 -38.92 -14.09
N ASP E 1 -2.37 29.75 -11.60
CA ASP E 1 -1.72 29.24 -12.85
C ASP E 1 -1.00 27.92 -12.62
N ILE E 2 -0.96 27.06 -13.64
CA ILE E 2 -0.19 25.83 -13.54
C ILE E 2 1.29 26.15 -13.69
N VAL E 3 2.10 25.58 -12.80
CA VAL E 3 3.53 25.77 -12.83
C VAL E 3 4.12 24.57 -13.52
N MET E 4 4.92 24.83 -14.55
CA MET E 4 5.67 23.80 -15.26
C MET E 4 7.14 23.93 -14.90
N THR E 5 7.69 22.92 -14.24
CA THR E 5 9.03 22.98 -13.65
C THR E 5 10.07 22.13 -14.40
N GLN E 6 11.09 22.80 -14.89
CA GLN E 6 12.18 22.16 -15.61
C GLN E 6 13.49 22.80 -15.15
N ALA E 7 14.54 22.01 -15.10
CA ALA E 7 15.87 22.53 -14.84
C ALA E 7 16.36 23.39 -16.00
N ALA E 8 17.12 24.44 -15.69
CA ALA E 8 17.67 25.32 -16.72
C ALA E 8 18.69 24.59 -17.61
N PHE E 9 19.41 23.64 -17.04
CA PHE E 9 20.48 22.97 -17.75
C PHE E 9 20.41 21.46 -17.55
N SER E 10 21.07 20.76 -18.47
CA SER E 10 21.24 19.33 -18.39
C SER E 10 22.74 19.04 -18.49
N ASN E 11 23.16 17.82 -18.17
CA ASN E 11 24.57 17.44 -18.32
C ASN E 11 24.93 17.39 -19.80
N PRO E 12 26.11 17.95 -20.18
CA PRO E 12 26.52 17.92 -21.58
C PRO E 12 26.53 16.49 -22.06
N VAL E 13 26.05 16.25 -23.27
CA VAL E 13 25.84 14.91 -23.78
C VAL E 13 26.76 14.65 -24.97
N THR E 14 27.42 13.49 -24.96
CA THR E 14 28.34 13.15 -26.02
C THR E 14 27.54 12.84 -27.25
N LEU E 15 28.03 13.27 -28.42
CA LEU E 15 27.31 13.01 -29.66
C LEU E 15 27.09 11.52 -29.86
N GLY E 16 25.93 11.16 -30.37
CA GLY E 16 25.60 9.75 -30.58
C GLY E 16 25.04 9.08 -29.34
N THR E 17 25.11 9.72 -28.18
CA THR E 17 24.51 9.16 -26.97
C THR E 17 23.15 9.82 -26.66
N SER E 18 22.48 9.31 -25.62
CA SER E 18 21.12 9.73 -25.30
C SER E 18 21.10 10.87 -24.30
N ALA E 19 20.14 11.78 -24.47
CA ALA E 19 19.86 12.83 -23.50
C ALA E 19 18.49 12.60 -22.87
N SER E 20 18.30 13.12 -21.66
CA SER E 20 17.04 12.99 -20.91
C SER E 20 16.70 14.33 -20.27
N ILE E 21 15.52 14.86 -20.61
CA ILE E 21 15.03 16.13 -20.04
C ILE E 21 13.72 15.89 -19.27
N SER E 22 13.70 16.30 -18.00
CA SER E 22 12.51 16.20 -17.16
C SER E 22 11.67 17.45 -17.11
N CYS E 23 10.38 17.25 -16.85
CA CYS E 23 9.47 18.32 -16.53
C CYS E 23 8.44 17.79 -15.53
N ARG E 24 7.93 18.67 -14.70
CA ARG E 24 6.77 18.36 -13.90
C ARG E 24 5.79 19.49 -13.91
N SER E 25 4.54 19.12 -13.66
CA SER E 25 3.42 20.06 -13.62
C SER E 25 2.75 20.05 -12.24
N SER E 26 2.33 21.21 -11.78
CA SER E 26 1.66 21.36 -10.50
C SER E 26 0.24 20.83 -10.49
N LYS E 27 -0.34 20.62 -11.68
CA LYS E 27 -1.67 20.03 -11.83
C LYS E 27 -1.55 18.86 -12.77
N SER E 28 -2.33 17.80 -12.51
CA SER E 28 -2.36 16.68 -13.43
C SER E 28 -2.89 17.11 -14.79
N LEU E 29 -2.20 16.69 -15.84
CA LEU E 29 -2.57 16.97 -17.22
C LEU E 29 -3.26 15.77 -17.91
N LEU E 30 -3.50 14.70 -17.16
CA LEU E 30 -4.21 13.53 -17.67
C LEU E 30 -5.72 13.85 -17.59
N HIS E 31 -6.34 13.88 -18.75
CA HIS E 31 -7.75 14.23 -18.87
C HIS E 31 -8.60 12.96 -18.85
N SER E 32 -9.88 13.11 -18.52
CA SER E 32 -10.83 11.98 -18.54
C SER E 32 -10.91 11.27 -19.87
N ASP E 33 -10.58 11.96 -20.96
CA ASP E 33 -10.55 11.35 -22.29
C ASP E 33 -9.31 10.46 -22.50
N GLY E 34 -8.46 10.37 -21.49
CA GLY E 34 -7.33 9.46 -21.52
C GLY E 34 -6.09 10.06 -22.14
N ILE E 35 -6.18 11.31 -22.62
CA ILE E 35 -5.03 12.02 -23.17
C ILE E 35 -4.34 12.80 -22.09
N THR E 36 -3.01 12.76 -22.10
CA THR E 36 -2.20 13.60 -21.24
C THR E 36 -1.75 14.79 -22.10
N TYR E 37 -2.24 15.97 -21.74
CA TYR E 37 -2.05 17.19 -22.54
C TYR E 37 -0.73 17.91 -22.22
N LEU E 38 0.37 17.22 -22.54
CA LEU E 38 1.73 17.70 -22.33
C LEU E 38 2.38 17.79 -23.71
N TYR E 39 3.08 18.89 -23.91
CA TYR E 39 3.68 19.27 -25.20
C TYR E 39 5.12 19.65 -24.95
N TRP E 40 5.99 19.29 -25.89
CA TRP E 40 7.37 19.77 -25.89
C TRP E 40 7.61 20.62 -27.17
N TYR E 41 8.30 21.74 -26.97
CA TYR E 41 8.77 22.63 -28.04
C TYR E 41 10.28 22.73 -27.96
N LEU E 42 10.91 22.88 -29.12
CA LEU E 42 12.34 23.19 -29.18
C LEU E 42 12.50 24.55 -29.80
N GLN E 43 13.33 25.39 -29.18
CA GLN E 43 13.74 26.67 -29.73
C GLN E 43 15.24 26.65 -29.97
N LYS E 44 15.63 26.43 -31.23
CA LYS E 44 17.05 26.46 -31.62
C LYS E 44 17.58 27.87 -31.68
N PRO E 45 18.90 28.03 -31.47
CA PRO E 45 19.48 29.38 -31.40
C PRO E 45 19.05 30.25 -32.58
N GLY E 46 18.54 31.45 -32.28
CA GLY E 46 18.10 32.40 -33.29
C GLY E 46 16.77 32.11 -33.96
N GLN E 47 16.10 31.03 -33.55
CA GLN E 47 14.88 30.59 -34.20
C GLN E 47 13.68 30.76 -33.25
N SER E 48 12.48 30.62 -33.81
CA SER E 48 11.26 30.58 -33.00
C SER E 48 11.15 29.18 -32.38
N PRO E 49 10.27 29.03 -31.37
CA PRO E 49 9.99 27.67 -30.89
C PRO E 49 9.26 26.88 -31.97
N HIS E 50 9.42 25.57 -31.98
CA HIS E 50 8.64 24.70 -32.84
C HIS E 50 8.22 23.44 -32.07
N LEU E 51 7.07 22.91 -32.44
CA LEU E 51 6.48 21.75 -31.78
C LEU E 51 7.28 20.50 -32.08
N LEU E 52 7.64 19.75 -31.04
CA LEU E 52 8.28 18.47 -31.17
C LEU E 52 7.33 17.32 -30.87
N ILE E 53 6.61 17.43 -29.75
CA ILE E 53 5.80 16.34 -29.23
C ILE E 53 4.49 16.91 -28.74
N TYR E 54 3.38 16.25 -29.06
CA TYR E 54 2.07 16.64 -28.54
C TYR E 54 1.36 15.47 -27.85
N HIS E 55 0.43 15.78 -26.96
CA HIS E 55 -0.30 14.75 -26.25
C HIS E 55 0.63 13.75 -25.60
N LEU E 56 1.69 14.27 -24.96
CA LEU E 56 2.71 13.51 -24.19
C LEU E 56 3.74 12.74 -25.00
N SER E 57 3.31 11.98 -26.01
CA SER E 57 4.18 10.98 -26.63
C SER E 57 4.07 10.90 -28.14
N ASN E 58 3.28 11.77 -28.74
CA ASN E 58 3.12 11.79 -30.20
C ASN E 58 4.04 12.77 -30.87
N LEU E 59 4.79 12.28 -31.87
CA LEU E 59 5.75 13.11 -32.59
C LEU E 59 5.00 14.02 -33.58
N ALA E 60 5.39 15.29 -33.60
CA ALA E 60 4.84 16.25 -34.57
C ALA E 60 5.34 15.89 -35.96
N SER E 61 4.64 16.39 -36.97
CA SER E 61 4.98 16.07 -38.36
C SER E 61 6.44 16.41 -38.61
N GLY E 62 7.18 15.50 -39.24
CA GLY E 62 8.58 15.77 -39.60
C GLY E 62 9.64 15.53 -38.53
N VAL E 63 9.23 15.25 -37.29
CA VAL E 63 10.19 15.08 -36.18
C VAL E 63 10.79 13.66 -36.26
N PRO E 64 12.13 13.55 -36.15
CA PRO E 64 12.82 12.25 -36.16
C PRO E 64 12.42 11.33 -34.98
N ASP E 65 12.40 10.02 -35.23
CA ASP E 65 12.07 9.03 -34.22
C ASP E 65 13.07 8.91 -33.08
N ARG E 66 14.19 9.64 -33.16
CA ARG E 66 15.16 9.73 -32.08
C ARG E 66 14.57 10.41 -30.84
N PHE E 67 13.52 11.20 -31.07
CA PHE E 67 12.79 11.88 -30.00
C PHE E 67 11.62 11.03 -29.48
N SER E 68 11.51 10.92 -28.16
CA SER E 68 10.42 10.19 -27.51
C SER E 68 10.13 10.80 -26.14
N SER E 69 8.93 10.57 -25.64
CA SER E 69 8.48 11.19 -24.42
C SER E 69 7.47 10.30 -23.73
N SER E 70 7.53 10.29 -22.40
CA SER E 70 6.63 9.53 -21.56
C SER E 70 6.33 10.31 -20.30
N GLY E 71 5.34 9.86 -19.56
CA GLY E 71 5.05 10.51 -18.28
C GLY E 71 3.70 10.19 -17.71
N SER E 72 3.48 10.66 -16.50
CA SER E 72 2.20 10.49 -15.86
C SER E 72 1.35 11.73 -16.14
N GLY E 73 0.37 12.05 -15.31
CA GLY E 73 -0.27 13.36 -15.41
C GLY E 73 0.58 14.51 -14.92
N THR E 74 1.61 14.23 -14.11
CA THR E 74 2.38 15.26 -13.43
C THR E 74 3.92 15.24 -13.62
N ASP E 75 4.49 14.13 -14.09
CA ASP E 75 5.92 14.02 -14.25
C ASP E 75 6.22 13.41 -15.60
N PHE E 76 7.13 14.04 -16.35
CA PHE E 76 7.35 13.67 -17.76
C PHE E 76 8.81 13.73 -18.15
N THR E 77 9.16 12.98 -19.18
CA THR E 77 10.56 12.79 -19.56
C THR E 77 10.68 12.80 -21.08
N LEU E 78 11.39 13.79 -21.60
CA LEU E 78 11.81 13.76 -22.99
C LEU E 78 13.13 13.02 -23.14
N ARG E 79 13.21 12.09 -24.09
CA ARG E 79 14.45 11.38 -24.37
C ARG E 79 14.87 11.62 -25.82
N ILE E 80 16.15 11.91 -26.01
CA ILE E 80 16.72 12.03 -27.35
C ILE E 80 17.75 10.93 -27.44
N SER E 81 17.55 9.94 -28.30
CA SER E 81 18.31 8.69 -28.15
C SER E 81 19.77 8.78 -28.61
N ARG E 82 19.98 9.34 -29.81
CA ARG E 82 21.30 9.46 -30.42
C ARG E 82 21.49 10.92 -30.83
N VAL E 83 21.99 11.70 -29.89
CA VAL E 83 22.02 13.15 -30.07
C VAL E 83 22.89 13.57 -31.25
N GLU E 84 22.40 14.57 -31.98
CA GLU E 84 23.09 15.21 -33.08
C GLU E 84 23.39 16.68 -32.72
N ALA E 85 24.38 17.25 -33.40
CA ALA E 85 24.82 18.63 -33.15
C ALA E 85 23.68 19.64 -33.31
N GLU E 86 22.82 19.38 -34.29
CA GLU E 86 21.70 20.25 -34.62
C GLU E 86 20.59 20.21 -33.56
N ASP E 87 20.68 19.28 -32.59
CA ASP E 87 19.67 19.17 -31.52
C ASP E 87 19.87 20.20 -30.41
N VAL E 88 20.98 20.95 -30.44
CA VAL E 88 21.21 21.94 -29.38
C VAL E 88 20.16 23.03 -29.43
N GLY E 89 19.80 23.52 -28.25
CA GLY E 89 18.76 24.50 -28.14
C GLY E 89 18.08 24.37 -26.80
N ILE E 90 16.98 25.09 -26.62
CA ILE E 90 16.20 25.07 -25.39
C ILE E 90 14.88 24.33 -25.61
N TYR E 91 14.64 23.35 -24.76
CA TYR E 91 13.46 22.48 -24.82
C TYR E 91 12.48 22.94 -23.76
N TYR E 92 11.26 23.26 -24.17
CA TYR E 92 10.23 23.78 -23.29
C TYR E 92 9.12 22.77 -23.16
N CYS E 93 8.60 22.61 -21.94
CA CYS E 93 7.35 21.86 -21.76
C CYS E 93 6.20 22.84 -21.59
N ALA E 94 4.98 22.39 -21.93
CA ALA E 94 3.80 23.21 -21.85
C ALA E 94 2.57 22.31 -21.68
N HIS E 95 1.53 22.84 -21.02
CA HIS E 95 0.29 22.08 -20.84
C HIS E 95 -0.75 22.63 -21.79
N ASN E 96 -1.78 21.82 -22.02
CA ASN E 96 -2.97 22.28 -22.75
C ASN E 96 -4.24 21.78 -22.02
N VAL E 97 -4.42 22.21 -20.76
CA VAL E 97 -5.63 21.83 -20.00
C VAL E 97 -6.51 22.99 -19.54
N GLU E 98 -6.01 24.22 -19.70
CA GLU E 98 -6.66 25.40 -19.13
C GLU E 98 -6.00 26.67 -19.63
N LEU E 99 -6.73 27.78 -19.47
CA LEU E 99 -6.13 29.11 -19.52
C LEU E 99 -5.86 29.52 -18.07
N PRO E 100 -4.73 30.22 -17.81
CA PRO E 100 -3.72 30.64 -18.79
C PRO E 100 -2.81 29.52 -19.26
N ARG E 101 -2.38 29.65 -20.51
CA ARG E 101 -1.44 28.72 -21.11
C ARG E 101 -0.09 29.05 -20.49
N THR E 102 0.58 28.05 -19.94
CA THR E 102 1.89 28.26 -19.31
C THR E 102 2.94 27.31 -19.86
N PHE E 103 4.20 27.76 -19.73
CA PHE E 103 5.36 27.07 -20.22
C PHE E 103 6.36 26.89 -19.10
N GLY E 104 7.17 25.83 -19.22
CA GLY E 104 8.34 25.66 -18.36
C GLY E 104 9.39 26.69 -18.73
N GLY E 105 10.41 26.81 -17.88
CA GLY E 105 11.48 27.76 -18.10
C GLY E 105 12.44 27.43 -19.24
N GLY E 106 12.41 26.20 -19.74
CA GLY E 106 13.32 25.76 -20.78
C GLY E 106 14.53 25.04 -20.16
N THR E 107 14.92 23.93 -20.79
CA THR E 107 16.16 23.21 -20.45
C THR E 107 17.06 23.30 -21.66
N LYS E 108 18.29 23.77 -21.48
CA LYS E 108 19.22 23.89 -22.59
C LYS E 108 19.97 22.57 -22.75
N LEU E 109 19.94 22.00 -23.95
CA LEU E 109 20.74 20.85 -24.28
C LEU E 109 22.14 21.32 -24.74
N GLU E 110 23.18 20.76 -24.10
CA GLU E 110 24.56 21.04 -24.49
C GLU E 110 25.27 19.76 -24.90
N ILE E 111 26.07 19.86 -25.94
CA ILE E 111 26.86 18.75 -26.43
C ILE E 111 28.24 18.76 -25.78
N LYS E 112 28.76 17.56 -25.50
CA LYS E 112 30.14 17.36 -25.08
C LYS E 112 30.91 16.87 -26.29
N ARG E 113 31.98 17.57 -26.61
CA ARG E 113 32.78 17.22 -27.77
C ARG E 113 34.23 17.34 -27.38
N ALA E 114 35.12 17.00 -28.31
CA ALA E 114 36.55 17.11 -28.03
C ALA E 114 36.95 18.55 -27.77
N ASP E 115 37.88 18.74 -26.84
CA ASP E 115 38.47 20.05 -26.62
C ASP E 115 39.03 20.61 -27.93
N ALA E 116 38.75 21.89 -28.17
CA ALA E 116 39.34 22.61 -29.30
C ALA E 116 39.88 23.96 -28.82
N ALA E 117 41.06 24.32 -29.31
CA ALA E 117 41.66 25.61 -28.99
C ALA E 117 41.00 26.73 -29.81
N PRO E 118 40.94 27.94 -29.24
CA PRO E 118 40.40 29.03 -30.03
C PRO E 118 41.33 29.49 -31.15
N THR E 119 40.74 29.92 -32.26
CA THR E 119 41.44 30.66 -33.29
C THR E 119 41.25 32.13 -32.92
N VAL E 120 42.36 32.81 -32.73
CA VAL E 120 42.33 34.20 -32.23
C VAL E 120 42.69 35.16 -33.36
N SER E 121 41.87 36.21 -33.52
CA SER E 121 42.06 37.25 -34.55
C SER E 121 41.93 38.61 -33.88
N ILE E 122 42.84 39.55 -34.20
CA ILE E 122 42.75 40.92 -33.69
C ILE E 122 42.60 41.89 -34.86
N PHE E 123 41.83 42.96 -34.63
CA PHE E 123 41.47 43.93 -35.65
C PHE E 123 41.65 45.35 -35.10
N PRO E 124 42.45 46.16 -35.79
CA PRO E 124 42.59 47.56 -35.40
C PRO E 124 41.35 48.36 -35.76
N PRO E 125 41.19 49.57 -35.19
CA PRO E 125 40.08 50.41 -35.64
C PRO E 125 40.10 50.79 -37.11
N SER E 126 38.90 50.93 -37.66
CA SER E 126 38.70 51.36 -39.04
C SER E 126 39.03 52.84 -39.22
N SER E 127 39.39 53.21 -40.44
CA SER E 127 39.50 54.63 -40.76
C SER E 127 38.17 55.38 -40.55
N GLU E 128 37.03 54.73 -40.84
CA GLU E 128 35.73 55.36 -40.64
C GLU E 128 35.56 55.73 -39.17
N GLN E 129 35.81 54.77 -38.29
CA GLN E 129 35.66 55.01 -36.86
C GLN E 129 36.62 56.09 -36.36
N LEU E 130 37.85 56.07 -36.85
CA LEU E 130 38.83 57.09 -36.41
C LEU E 130 38.45 58.49 -36.89
N THR E 131 37.96 58.62 -38.12
CA THR E 131 37.41 59.91 -38.58
C THR E 131 36.28 60.43 -37.68
N SER E 132 35.47 59.52 -37.16
CA SER E 132 34.38 59.88 -36.25
C SER E 132 34.86 60.21 -34.85
N GLY E 133 36.14 59.99 -34.56
CA GLY E 133 36.66 60.24 -33.17
C GLY E 133 36.67 59.08 -32.20
N GLY E 134 36.46 57.87 -32.71
CA GLY E 134 36.42 56.68 -31.85
C GLY E 134 37.49 55.70 -32.22
N ALA E 135 37.74 54.72 -31.35
CA ALA E 135 38.72 53.68 -31.65
C ALA E 135 38.41 52.41 -30.84
N SER E 136 37.82 51.45 -31.54
CA SER E 136 37.58 50.10 -31.01
C SER E 136 38.57 49.10 -31.61
N VAL E 137 39.13 48.26 -30.75
CA VAL E 137 39.98 47.17 -31.16
C VAL E 137 39.21 45.90 -30.81
N VAL E 138 39.09 45.01 -31.78
CA VAL E 138 38.21 43.86 -31.63
C VAL E 138 39.04 42.60 -31.70
N CYS E 139 38.79 41.69 -30.76
CA CYS E 139 39.41 40.39 -30.72
C CYS E 139 38.32 39.33 -30.76
N PHE E 140 38.42 38.42 -31.73
CA PHE E 140 37.52 37.29 -31.81
C PHE E 140 38.29 36.06 -31.36
N LEU E 141 37.69 35.29 -30.47
CA LEU E 141 38.18 33.96 -30.06
C LEU E 141 37.15 32.94 -30.58
N ASN E 142 37.44 32.31 -31.71
CA ASN E 142 36.45 31.50 -32.41
C ASN E 142 36.65 29.98 -32.30
N ASN E 143 35.54 29.28 -32.04
CA ASN E 143 35.42 27.82 -32.24
C ASN E 143 36.29 27.02 -31.30
N PHE E 144 36.06 27.25 -30.01
CA PHE E 144 36.76 26.56 -28.96
C PHE E 144 35.78 25.66 -28.17
N TYR E 145 36.34 24.70 -27.46
CA TYR E 145 35.57 23.85 -26.56
C TYR E 145 36.50 23.42 -25.43
N PRO E 146 36.03 23.46 -24.17
CA PRO E 146 34.72 23.85 -23.65
C PRO E 146 34.53 25.37 -23.59
N LYS E 147 33.32 25.76 -23.20
CA LYS E 147 32.89 27.15 -23.09
C LYS E 147 33.76 28.13 -22.27
N ASP E 148 34.40 27.66 -21.19
CA ASP E 148 35.12 28.56 -20.28
C ASP E 148 36.40 29.10 -20.95
N ILE E 149 36.56 30.41 -20.94
CA ILE E 149 37.72 31.03 -21.55
C ILE E 149 37.91 32.41 -20.91
N ASN E 150 39.13 32.91 -20.99
CA ASN E 150 39.39 34.23 -20.49
C ASN E 150 40.23 35.01 -21.48
N VAL E 151 39.94 36.30 -21.56
CA VAL E 151 40.66 37.21 -22.44
C VAL E 151 41.26 38.31 -21.57
N LYS E 152 42.51 38.66 -21.83
CA LYS E 152 43.13 39.78 -21.16
C LYS E 152 43.64 40.74 -22.23
N TRP E 153 43.38 42.04 -22.02
CA TRP E 153 43.88 43.07 -22.93
C TRP E 153 45.08 43.73 -22.31
N LYS E 154 46.05 44.10 -23.16
CA LYS E 154 47.16 44.95 -22.72
C LYS E 154 47.30 46.13 -23.65
N ILE E 155 47.55 47.30 -23.06
CA ILE E 155 47.94 48.47 -23.85
C ILE E 155 49.34 48.87 -23.45
N ASP E 156 50.25 48.90 -24.40
CA ASP E 156 51.67 49.14 -24.13
C ASP E 156 52.20 48.22 -23.00
N GLY E 157 51.76 46.96 -23.07
CA GLY E 157 52.19 45.96 -22.13
C GLY E 157 51.49 45.96 -20.78
N SER E 158 50.69 47.00 -20.51
CA SER E 158 50.00 47.10 -19.22
C SER E 158 48.57 46.60 -19.37
N GLU E 159 48.14 45.79 -18.42
CA GLU E 159 46.82 45.17 -18.45
C GLU E 159 45.74 46.24 -18.40
N ARG E 160 44.77 46.09 -19.28
CA ARG E 160 43.70 47.04 -19.45
C ARG E 160 42.35 46.35 -19.21
N GLN E 161 41.59 46.87 -18.25
CA GLN E 161 40.28 46.30 -17.95
C GLN E 161 39.08 47.19 -18.32
N ASN E 162 39.17 48.50 -18.13
CA ASN E 162 38.00 49.32 -18.47
C ASN E 162 37.90 49.68 -19.95
N GLY E 163 36.65 49.77 -20.45
CA GLY E 163 36.36 49.92 -21.86
C GLY E 163 36.25 48.61 -22.63
N VAL E 164 36.28 47.49 -21.90
CA VAL E 164 36.24 46.16 -22.51
C VAL E 164 34.84 45.54 -22.37
N LEU E 165 34.26 45.14 -23.51
CA LEU E 165 32.97 44.47 -23.57
C LEU E 165 33.08 43.12 -24.28
N ASN E 166 32.62 42.08 -23.60
CA ASN E 166 32.72 40.70 -24.03
C ASN E 166 31.34 40.11 -24.27
N SER E 167 31.25 39.31 -25.30
CA SER E 167 30.04 38.61 -25.66
C SER E 167 30.34 37.17 -26.10
N TRP E 168 29.55 36.23 -25.63
CA TRP E 168 29.74 34.81 -25.93
C TRP E 168 28.59 34.30 -26.79
N THR E 169 28.90 33.52 -27.82
CA THR E 169 27.84 32.85 -28.58
C THR E 169 27.28 31.66 -27.79
N ASP E 170 26.08 31.22 -28.20
CA ASP E 170 25.53 29.91 -27.83
C ASP E 170 26.33 28.84 -28.57
N GLN E 171 26.24 27.62 -28.05
CA GLN E 171 26.92 26.50 -28.70
C GLN E 171 26.51 26.39 -30.16
N ASP E 172 27.48 26.19 -31.05
CA ASP E 172 27.23 26.13 -32.49
C ASP E 172 26.49 24.83 -32.90
N SER E 173 25.44 24.98 -33.70
CA SER E 173 24.62 23.86 -34.18
C SER E 173 25.30 22.93 -35.19
N LYS E 174 26.45 23.33 -35.72
CA LYS E 174 27.16 22.51 -36.69
C LYS E 174 28.38 21.80 -36.07
N ASP E 175 29.19 22.52 -35.29
CA ASP E 175 30.40 21.90 -34.75
C ASP E 175 30.49 21.84 -33.22
N SER E 176 29.45 22.29 -32.52
CA SER E 176 29.36 22.17 -31.05
C SER E 176 30.43 22.98 -30.29
N THR E 177 30.99 23.98 -30.97
CA THR E 177 31.95 24.88 -30.32
C THR E 177 31.30 26.17 -29.81
N TYR E 178 32.10 26.95 -29.10
CA TYR E 178 31.74 28.27 -28.62
C TYR E 178 32.71 29.29 -29.17
N SER E 179 32.23 30.53 -29.26
CA SER E 179 33.04 31.67 -29.66
C SER E 179 32.77 32.83 -28.72
N MET E 180 33.72 33.76 -28.71
CA MET E 180 33.70 34.91 -27.83
C MET E 180 34.26 36.08 -28.63
N SER E 181 33.64 37.25 -28.48
CA SER E 181 34.23 38.48 -29.02
C SER E 181 34.56 39.36 -27.84
N SER E 182 35.68 40.07 -27.94
CA SER E 182 36.05 41.05 -26.91
C SER E 182 36.38 42.35 -27.64
N THR E 183 35.77 43.45 -27.21
CA THR E 183 35.98 44.76 -27.86
C THR E 183 36.50 45.75 -26.83
N LEU E 184 37.63 46.38 -27.15
CA LEU E 184 38.20 47.42 -26.33
C LEU E 184 37.91 48.73 -27.03
N THR E 185 37.09 49.58 -26.42
CA THR E 185 36.73 50.85 -27.05
C THR E 185 37.33 52.03 -26.30
N LEU E 186 38.03 52.85 -27.07
CA LEU E 186 38.69 54.05 -26.60
C LEU E 186 38.21 55.23 -27.41
N THR E 187 38.45 56.44 -26.91
CA THR E 187 38.34 57.62 -27.75
C THR E 187 39.55 57.63 -28.66
N LYS E 188 39.49 58.32 -29.79
CA LYS E 188 40.65 58.48 -30.66
C LYS E 188 41.80 59.11 -29.90
N ASP E 189 41.54 60.10 -29.06
CA ASP E 189 42.64 60.75 -28.37
C ASP E 189 43.44 59.74 -27.54
N GLU E 190 42.78 58.90 -26.77
CA GLU E 190 43.48 57.95 -25.92
C GLU E 190 44.17 56.87 -26.78
N TYR E 191 43.48 56.35 -27.79
CA TYR E 191 44.09 55.38 -28.71
C TYR E 191 45.42 55.89 -29.24
N GLU E 192 45.48 57.18 -29.59
CA GLU E 192 46.65 57.74 -30.25
C GLU E 192 47.77 58.12 -29.27
N ARG E 193 47.49 58.03 -27.98
CA ARG E 193 48.53 58.18 -26.95
C ARG E 193 49.31 56.86 -26.66
N HIS E 194 48.90 55.77 -27.27
CA HIS E 194 49.55 54.49 -27.05
C HIS E 194 49.92 53.83 -28.37
N ASN E 195 50.66 52.73 -28.30
CA ASN E 195 51.12 52.10 -29.52
C ASN E 195 50.75 50.64 -29.68
N SER E 196 50.84 49.88 -28.60
CA SER E 196 50.73 48.42 -28.68
C SER E 196 49.47 47.94 -28.05
N TYR E 197 48.70 47.17 -28.83
CA TYR E 197 47.42 46.64 -28.38
C TYR E 197 47.43 45.11 -28.52
N THR E 198 47.15 44.44 -27.41
CA THR E 198 47.32 43.00 -27.30
C THR E 198 46.08 42.35 -26.70
N CYS E 199 45.65 41.28 -27.34
CA CYS E 199 44.60 40.39 -26.85
C CYS E 199 45.23 39.03 -26.48
N GLU E 200 45.04 38.57 -25.24
CA GLU E 200 45.57 37.26 -24.77
C GLU E 200 44.43 36.35 -24.31
N ALA E 201 44.32 35.18 -24.94
CA ALA E 201 43.27 34.19 -24.66
C ALA E 201 43.83 33.00 -23.86
N THR E 202 43.27 32.75 -22.69
CA THR E 202 43.69 31.62 -21.86
C THR E 202 42.57 30.57 -21.81
N HIS E 203 42.88 29.38 -22.33
CA HIS E 203 41.92 28.31 -22.49
C HIS E 203 42.57 27.01 -22.01
N LYS E 204 41.74 26.09 -21.51
CA LYS E 204 42.27 24.88 -20.89
C LYS E 204 43.16 24.06 -21.85
N THR E 205 42.96 24.23 -23.15
CA THR E 205 43.74 23.52 -24.16
C THR E 205 45.24 23.85 -24.16
N SER E 206 45.67 24.86 -23.40
CA SER E 206 47.10 25.17 -23.34
C SER E 206 47.49 25.94 -22.08
N THR E 207 48.72 25.70 -21.65
CA THR E 207 49.28 26.42 -20.50
C THR E 207 49.67 27.85 -20.91
N SER E 208 50.00 28.03 -22.18
CA SER E 208 50.39 29.32 -22.73
C SER E 208 49.18 30.05 -23.27
N PRO E 209 49.06 31.36 -22.99
CA PRO E 209 47.97 32.05 -23.66
C PRO E 209 48.21 32.14 -25.15
N ILE E 210 47.14 32.24 -25.91
CA ILE E 210 47.23 32.49 -27.34
C ILE E 210 47.10 33.98 -27.47
N VAL E 211 48.06 34.61 -28.14
CA VAL E 211 48.19 36.05 -28.16
C VAL E 211 48.20 36.61 -29.57
N LYS E 212 47.50 37.73 -29.77
CA LYS E 212 47.52 38.48 -31.02
C LYS E 212 47.65 39.94 -30.67
N SER E 213 48.45 40.66 -31.43
CA SER E 213 48.66 42.08 -31.16
C SER E 213 48.89 42.88 -32.42
N PHE E 214 48.86 44.20 -32.29
CA PHE E 214 49.36 45.06 -33.38
C PHE E 214 49.90 46.36 -32.78
N ASN E 215 50.79 47.02 -33.53
CA ASN E 215 51.32 48.34 -33.15
C ASN E 215 50.63 49.33 -34.04
N ARG E 216 50.12 50.39 -33.43
CA ARG E 216 49.47 51.46 -34.16
C ARG E 216 50.54 52.16 -35.00
N GLU F 1 2.63 25.58 -47.64
CA GLU F 1 3.43 25.65 -46.37
C GLU F 1 2.84 26.69 -45.39
N VAL F 2 2.75 26.34 -44.11
CA VAL F 2 2.25 27.30 -43.12
C VAL F 2 3.26 28.42 -42.89
N LYS F 3 2.81 29.66 -43.00
CA LYS F 3 3.63 30.84 -42.72
C LYS F 3 2.86 31.74 -41.78
N VAL F 4 3.54 32.16 -40.71
CA VAL F 4 2.94 33.05 -39.74
C VAL F 4 3.94 34.18 -39.65
N GLU F 5 3.48 35.39 -39.97
CA GLU F 5 4.40 36.51 -40.15
C GLU F 5 3.94 37.78 -39.44
N GLU F 6 4.66 38.15 -38.39
CA GLU F 6 4.28 39.29 -37.56
C GLU F 6 4.88 40.57 -38.10
N SER F 7 4.28 41.69 -37.74
CA SER F 7 4.80 43.02 -38.05
C SER F 7 4.28 44.02 -37.06
N GLY F 8 4.86 45.21 -37.07
CA GLY F 8 4.33 46.33 -36.31
C GLY F 8 5.15 46.70 -35.08
N GLY F 9 6.24 45.97 -34.83
CA GLY F 9 7.09 46.25 -33.68
C GLY F 9 7.88 47.54 -33.80
N GLY F 10 8.58 47.87 -32.72
CA GLY F 10 9.39 49.08 -32.65
C GLY F 10 9.44 49.57 -31.22
N LEU F 11 9.66 50.86 -31.05
CA LEU F 11 9.80 51.47 -29.74
C LEU F 11 8.63 52.41 -29.42
N VAL F 12 8.17 52.38 -28.17
CA VAL F 12 7.32 53.44 -27.65
C VAL F 12 7.66 53.72 -26.19
N GLN F 13 7.23 54.87 -25.71
CA GLN F 13 7.53 55.32 -24.36
C GLN F 13 6.54 54.69 -23.39
N PRO F 14 6.92 54.54 -22.12
CA PRO F 14 5.98 54.13 -21.08
C PRO F 14 4.72 54.99 -21.07
N GLY F 15 3.55 54.35 -21.10
CA GLY F 15 2.25 55.04 -21.18
C GLY F 15 1.66 55.03 -22.58
N GLY F 16 2.50 54.69 -23.56
CA GLY F 16 2.12 54.76 -24.94
C GLY F 16 1.48 53.49 -25.43
N SER F 17 1.17 53.47 -26.71
CA SER F 17 0.46 52.37 -27.33
C SER F 17 1.20 51.85 -28.51
N MET F 18 0.88 50.61 -28.87
CA MET F 18 1.39 49.99 -30.08
C MET F 18 0.32 49.07 -30.68
N LYS F 19 0.37 48.86 -31.97
CA LYS F 19 -0.50 47.87 -32.60
C LYS F 19 0.33 46.97 -33.50
N ILE F 20 0.30 45.67 -33.19
CA ILE F 20 1.03 44.68 -33.93
C ILE F 20 0.03 43.72 -34.55
N SER F 21 0.47 43.02 -35.57
CA SER F 21 -0.40 42.09 -36.24
C SER F 21 0.41 40.98 -36.82
N CYS F 22 -0.26 39.91 -37.21
CA CYS F 22 0.38 38.90 -38.05
C CYS F 22 -0.56 38.37 -39.10
N VAL F 23 0.01 37.95 -40.21
CA VAL F 23 -0.75 37.32 -41.27
C VAL F 23 -0.33 35.87 -41.38
N VAL F 24 -1.32 34.99 -41.50
CA VAL F 24 -1.09 33.55 -41.58
C VAL F 24 -1.44 33.09 -42.99
N SER F 25 -0.56 32.35 -43.63
CA SER F 25 -0.89 31.73 -44.91
C SER F 25 -0.65 30.22 -44.87
N GLY F 26 -1.26 29.49 -45.80
CA GLY F 26 -1.05 28.05 -45.91
C GLY F 26 -2.07 27.21 -45.19
N LEU F 27 -2.99 27.85 -44.47
CA LEU F 27 -4.09 27.15 -43.81
C LEU F 27 -5.35 28.01 -43.77
N THR F 28 -6.48 27.38 -43.46
CA THR F 28 -7.75 28.06 -43.33
C THR F 28 -7.84 28.82 -42.00
N PHE F 29 -7.38 30.08 -42.05
CA PHE F 29 -7.25 30.95 -40.85
C PHE F 29 -8.49 30.98 -39.94
N SER F 30 -9.68 31.08 -40.53
CA SER F 30 -10.90 31.20 -39.74
C SER F 30 -11.22 29.96 -38.88
N ASN F 31 -10.56 28.83 -39.16
CA ASN F 31 -10.75 27.59 -38.37
C ASN F 31 -9.88 27.48 -37.10
N TYR F 32 -8.91 28.39 -36.93
CA TYR F 32 -7.87 28.22 -35.90
C TYR F 32 -7.99 29.23 -34.80
N TRP F 33 -7.83 28.77 -33.56
CA TRP F 33 -7.66 29.68 -32.44
C TRP F 33 -6.33 30.41 -32.59
N MET F 34 -6.30 31.65 -32.11
CA MET F 34 -5.15 32.53 -32.30
C MET F 34 -4.76 33.11 -30.96
N SER F 35 -3.46 33.22 -30.72
CA SER F 35 -2.98 33.77 -29.47
C SER F 35 -1.68 34.53 -29.70
N TRP F 36 -1.35 35.36 -28.72
CA TRP F 36 -0.07 36.04 -28.68
C TRP F 36 0.67 35.54 -27.44
N VAL F 37 1.94 35.23 -27.63
CA VAL F 37 2.84 34.78 -26.59
C VAL F 37 4.08 35.63 -26.76
N ARG F 38 4.51 36.25 -25.67
CA ARG F 38 5.72 37.09 -25.71
C ARG F 38 6.86 36.38 -25.02
N GLN F 39 8.09 36.69 -25.41
CA GLN F 39 9.27 36.13 -24.77
C GLN F 39 10.21 37.24 -24.32
N SER F 40 10.66 37.13 -23.07
CA SER F 40 11.68 38.03 -22.49
C SER F 40 12.68 37.22 -21.69
N PRO F 41 13.92 37.71 -21.57
CA PRO F 41 14.87 37.05 -20.67
C PRO F 41 14.36 36.88 -19.23
N GLU F 42 13.66 37.87 -18.70
CA GLU F 42 13.20 37.85 -17.31
C GLU F 42 12.09 36.85 -17.04
N LYS F 43 11.12 36.76 -17.95
CA LYS F 43 9.93 35.95 -17.71
C LYS F 43 9.77 34.76 -18.64
N GLY F 44 10.68 34.57 -19.59
CA GLY F 44 10.58 33.43 -20.53
C GLY F 44 9.35 33.58 -21.42
N LEU F 45 8.75 32.45 -21.80
CA LEU F 45 7.53 32.46 -22.64
C LEU F 45 6.28 32.76 -21.83
N GLU F 46 5.53 33.77 -22.29
CA GLU F 46 4.39 34.31 -21.53
C GLU F 46 3.19 34.50 -22.47
N TRP F 47 2.24 33.59 -22.38
CA TRP F 47 0.96 33.72 -23.05
C TRP F 47 0.25 34.98 -22.58
N VAL F 48 -0.22 35.82 -23.50
CA VAL F 48 -0.89 37.04 -23.08
C VAL F 48 -2.35 37.22 -23.50
N ALA F 49 -2.75 36.67 -24.65
CA ALA F 49 -4.12 36.86 -25.12
C ALA F 49 -4.47 35.88 -26.18
N GLU F 50 -5.77 35.60 -26.28
CA GLU F 50 -6.24 34.54 -27.15
C GLU F 50 -7.63 34.89 -27.70
N ILE F 51 -7.89 34.54 -28.95
CA ILE F 51 -9.20 34.78 -29.54
C ILE F 51 -9.68 33.51 -30.20
N ARG F 52 -10.97 33.26 -30.05
CA ARG F 52 -11.57 32.01 -30.54
C ARG F 52 -12.23 32.25 -31.91
N LEU F 53 -13.13 31.37 -32.34
CA LEU F 53 -13.69 31.39 -33.71
C LEU F 53 -15.00 32.17 -33.81
N LYS F 54 -15.43 32.42 -35.05
CA LYS F 54 -16.73 33.09 -35.24
C LYS F 54 -17.83 32.32 -34.53
N SER F 55 -17.80 30.99 -34.66
CA SER F 55 -18.77 30.12 -34.00
C SER F 55 -18.79 30.27 -32.48
N ASP F 56 -17.76 30.92 -31.92
CA ASP F 56 -17.67 31.18 -30.50
C ASP F 56 -17.95 32.63 -30.17
N ASN F 57 -18.56 33.38 -31.10
CA ASN F 57 -18.73 34.82 -30.95
C ASN F 57 -17.38 35.54 -30.70
N TYR F 58 -16.32 35.00 -31.29
CA TYR F 58 -14.96 35.57 -31.19
C TYR F 58 -14.56 35.84 -29.75
N ALA F 59 -14.83 34.90 -28.85
CA ALA F 59 -14.51 35.09 -27.44
C ALA F 59 -13.02 35.34 -27.27
N THR F 60 -12.69 36.19 -26.31
CA THR F 60 -11.29 36.61 -26.10
C THR F 60 -10.95 36.36 -24.65
N TYR F 61 -9.66 36.10 -24.39
CA TYR F 61 -9.17 35.75 -23.05
C TYR F 61 -7.82 36.44 -22.90
N TYR F 62 -7.48 36.84 -21.67
CA TYR F 62 -6.25 37.56 -21.42
C TYR F 62 -5.54 37.08 -20.15
N ALA F 63 -4.22 37.25 -20.13
CA ALA F 63 -3.45 37.09 -18.93
C ALA F 63 -3.83 38.19 -17.96
N GLU F 64 -3.97 37.82 -16.69
CA GLU F 64 -4.24 38.78 -15.60
C GLU F 64 -3.36 40.03 -15.68
N SER F 65 -2.10 39.86 -16.05
CA SER F 65 -1.14 40.97 -16.12
C SER F 65 -1.38 42.01 -17.23
N VAL F 66 -2.22 41.71 -18.22
CA VAL F 66 -2.50 42.65 -19.33
C VAL F 66 -3.97 42.98 -19.52
N LYS F 67 -4.84 42.44 -18.66
CA LYS F 67 -6.27 42.73 -18.76
C LYS F 67 -6.48 44.22 -18.61
N GLY F 68 -7.29 44.81 -19.49
CA GLY F 68 -7.55 46.24 -19.46
C GLY F 68 -6.58 47.07 -20.27
N LYS F 69 -5.46 46.47 -20.67
CA LYS F 69 -4.44 47.13 -21.50
C LYS F 69 -4.41 46.64 -22.95
N PHE F 70 -4.58 45.33 -23.12
CA PHE F 70 -4.43 44.67 -24.43
C PHE F 70 -5.79 44.33 -24.99
N THR F 71 -5.93 44.48 -26.30
CA THR F 71 -7.11 43.98 -27.02
C THR F 71 -6.66 43.16 -28.20
N ILE F 72 -7.05 41.89 -28.20
CA ILE F 72 -6.84 41.02 -29.34
C ILE F 72 -8.07 41.02 -30.25
N SER F 73 -7.82 40.93 -31.56
CA SER F 73 -8.89 40.86 -32.54
C SER F 73 -8.41 40.18 -33.80
N ARG F 74 -9.33 39.76 -34.64
CA ARG F 74 -8.98 39.06 -35.87
C ARG F 74 -9.85 39.53 -37.03
N ASP F 75 -9.31 39.38 -38.23
CA ASP F 75 -10.01 39.71 -39.46
C ASP F 75 -9.88 38.50 -40.35
N ASP F 76 -10.87 37.62 -40.27
CA ASP F 76 -10.80 36.35 -40.99
C ASP F 76 -10.66 36.60 -42.49
N SER F 77 -11.26 37.67 -43.01
CA SER F 77 -11.20 37.94 -44.46
C SER F 77 -9.79 38.26 -44.93
N LYS F 78 -8.98 38.85 -44.05
CA LYS F 78 -7.59 39.17 -44.39
C LYS F 78 -6.57 38.21 -43.77
N SER F 79 -7.08 37.20 -43.08
CA SER F 79 -6.22 36.21 -42.42
C SER F 79 -5.23 36.90 -41.50
N ARG F 80 -5.72 37.88 -40.74
CA ARG F 80 -4.88 38.73 -39.93
C ARG F 80 -5.34 38.79 -38.47
N LEU F 81 -4.37 38.64 -37.59
CA LEU F 81 -4.57 38.77 -36.14
C LEU F 81 -3.94 40.07 -35.72
N TYR F 82 -4.54 40.75 -34.74
CA TYR F 82 -4.03 42.02 -34.24
C TYR F 82 -3.94 42.01 -32.72
N LEU F 83 -3.03 42.83 -32.19
CA LEU F 83 -2.96 43.11 -30.75
C LEU F 83 -2.75 44.61 -30.56
N GLN F 84 -3.72 45.24 -29.90
CA GLN F 84 -3.68 46.65 -29.59
C GLN F 84 -3.22 46.70 -28.17
N MET F 85 -2.13 47.41 -27.93
CA MET F 85 -1.48 47.37 -26.64
C MET F 85 -1.41 48.79 -26.12
N ASN F 86 -2.13 49.07 -25.04
CA ASN F 86 -2.21 50.42 -24.47
C ASN F 86 -1.56 50.52 -23.10
N ASN F 87 -1.31 51.75 -22.68
CA ASN F 87 -0.64 52.05 -21.40
C ASN F 87 0.52 51.13 -21.06
N LEU F 88 1.48 51.09 -21.96
CA LEU F 88 2.56 50.15 -21.87
C LEU F 88 3.59 50.53 -20.80
N ARG F 89 4.17 49.50 -20.21
CA ARG F 89 5.21 49.63 -19.23
C ARG F 89 6.47 48.97 -19.73
N THR F 90 7.58 49.27 -19.09
CA THR F 90 8.86 48.71 -19.46
C THR F 90 8.80 47.18 -19.48
N GLU F 91 8.09 46.60 -18.52
CA GLU F 91 7.91 45.16 -18.37
CA GLU F 91 7.99 45.14 -18.41
C GLU F 91 7.24 44.48 -19.57
N ASP F 92 6.56 45.27 -20.40
CA ASP F 92 5.89 44.77 -21.64
C ASP F 92 6.85 44.61 -22.84
N THR F 93 8.08 45.03 -22.63
CA THR F 93 9.11 44.82 -23.62
C THR F 93 9.31 43.32 -23.86
N GLY F 94 9.39 42.93 -25.13
CA GLY F 94 9.72 41.56 -25.45
C GLY F 94 9.51 41.27 -26.92
N ILE F 95 9.72 40.02 -27.29
CA ILE F 95 9.46 39.50 -28.63
C ILE F 95 8.06 38.90 -28.59
N TYR F 96 7.16 39.46 -29.39
CA TYR F 96 5.76 39.02 -29.47
C TYR F 96 5.56 38.09 -30.64
N TYR F 97 5.19 36.84 -30.33
CA TYR F 97 4.88 35.76 -31.30
C TYR F 97 3.37 35.57 -31.43
N CYS F 98 2.91 35.43 -32.67
CA CYS F 98 1.63 34.80 -32.92
C CYS F 98 1.83 33.28 -32.71
N PHE F 99 0.96 32.70 -31.89
CA PHE F 99 0.97 31.30 -31.56
C PHE F 99 -0.43 30.77 -31.81
N LEU F 100 -0.53 29.86 -32.78
CA LEU F 100 -1.78 29.13 -33.04
C LEU F 100 -1.77 27.87 -32.18
N PRO F 101 -2.44 27.91 -31.03
CA PRO F 101 -2.33 26.82 -30.06
C PRO F 101 -2.81 25.50 -30.68
N MET F 102 -2.08 24.38 -30.59
CA MET F 102 -0.76 24.26 -29.98
C MET F 102 0.39 24.08 -31.00
N ASP F 103 0.11 24.18 -32.29
CA ASP F 103 1.03 23.69 -33.32
C ASP F 103 1.95 24.65 -34.07
N TYR F 104 1.62 25.94 -34.15
CA TYR F 104 2.38 26.85 -35.02
C TYR F 104 2.81 28.13 -34.33
N TRP F 105 4.05 28.53 -34.58
CA TRP F 105 4.60 29.79 -34.10
C TRP F 105 5.04 30.68 -35.27
N GLY F 106 4.89 31.99 -35.10
CA GLY F 106 5.48 32.93 -36.02
C GLY F 106 6.97 33.17 -35.82
N GLN F 107 7.42 34.31 -36.33
CA GLN F 107 8.82 34.71 -36.30
C GLN F 107 9.13 35.65 -35.15
N GLY F 108 8.08 36.31 -34.63
CA GLY F 108 8.19 37.31 -33.60
C GLY F 108 8.43 38.69 -34.17
N THR F 109 7.92 39.69 -33.46
CA THR F 109 8.24 41.06 -33.75
C THR F 109 8.58 41.68 -32.39
N SER F 110 9.62 42.51 -32.36
CA SER F 110 10.14 43.05 -31.12
C SER F 110 9.45 44.36 -30.75
N VAL F 111 9.02 44.44 -29.49
CA VAL F 111 8.42 45.65 -28.93
C VAL F 111 9.32 46.10 -27.80
N THR F 112 9.83 47.32 -27.89
CA THR F 112 10.58 47.97 -26.81
C THR F 112 9.80 49.11 -26.21
N VAL F 113 9.62 49.06 -24.88
CA VAL F 113 9.00 50.14 -24.14
C VAL F 113 10.10 50.79 -23.33
N SER F 114 10.38 52.05 -23.67
CA SER F 114 11.56 52.73 -23.14
C SER F 114 11.48 54.22 -23.38
N SER F 115 12.09 54.98 -22.49
CA SER F 115 12.20 56.42 -22.67
C SER F 115 13.51 56.80 -23.34
N ALA F 116 14.36 55.79 -23.61
CA ALA F 116 15.56 55.97 -24.42
C ALA F 116 15.19 56.22 -25.86
N LYS F 117 16.09 56.88 -26.58
CA LYS F 117 15.80 57.25 -27.94
C LYS F 117 16.37 56.24 -28.92
N THR F 118 15.65 56.02 -30.02
CA THR F 118 16.13 55.18 -31.10
C THR F 118 17.34 55.82 -31.77
N THR F 119 18.37 55.00 -32.03
CA THR F 119 19.58 55.49 -32.70
C THR F 119 20.01 54.39 -33.67
N PRO F 120 20.26 54.74 -34.94
CA PRO F 120 20.70 53.69 -35.88
C PRO F 120 22.17 53.29 -35.68
N PRO F 121 22.53 52.05 -36.06
CA PRO F 121 23.94 51.61 -35.92
C PRO F 121 24.95 52.31 -36.83
N SER F 122 26.18 52.37 -36.34
CA SER F 122 27.34 52.74 -37.10
C SER F 122 28.03 51.41 -37.39
N VAL F 123 28.28 51.13 -38.65
CA VAL F 123 28.89 49.85 -39.08
C VAL F 123 30.32 50.05 -39.59
N TYR F 124 31.26 49.43 -38.89
CA TYR F 124 32.71 49.55 -39.17
C TYR F 124 33.28 48.23 -39.70
N PRO F 125 34.13 48.30 -40.73
CA PRO F 125 34.74 47.06 -41.20
C PRO F 125 35.83 46.54 -40.27
N LEU F 126 35.92 45.22 -40.15
CA LEU F 126 37.01 44.56 -39.41
C LEU F 126 37.85 43.82 -40.44
N ALA F 127 39.00 44.39 -40.74
CA ALA F 127 39.94 43.80 -41.71
C ALA F 127 41.30 43.58 -41.04
N PRO F 128 42.04 42.53 -41.45
CA PRO F 128 43.31 42.25 -40.78
C PRO F 128 44.30 43.40 -40.93
N GLY F 129 45.08 43.67 -39.90
CA GLY F 129 46.18 44.64 -39.99
C GLY F 129 47.25 44.24 -41.00
N SER F 136 45.62 29.92 -45.31
CA SER F 136 44.51 29.07 -45.76
C SER F 136 43.17 29.81 -45.67
N MET F 137 42.85 30.30 -44.47
CA MET F 137 41.60 31.00 -44.20
C MET F 137 41.90 32.43 -43.76
N VAL F 138 40.87 33.27 -43.82
CA VAL F 138 40.96 34.64 -43.28
C VAL F 138 39.64 34.96 -42.60
N THR F 139 39.77 35.59 -41.43
CA THR F 139 38.62 36.01 -40.65
C THR F 139 38.48 37.54 -40.80
N LEU F 140 37.30 37.94 -41.24
CA LEU F 140 36.93 39.34 -41.36
C LEU F 140 35.73 39.56 -40.45
N GLY F 141 35.27 40.79 -40.39
CA GLY F 141 34.09 41.03 -39.58
C GLY F 141 33.51 42.40 -39.77
N CYS F 142 32.38 42.61 -39.12
CA CYS F 142 31.75 43.91 -39.04
C CYS F 142 31.51 44.23 -37.59
N LEU F 143 31.78 45.46 -37.20
CA LEU F 143 31.47 45.92 -35.87
C LEU F 143 30.26 46.87 -35.96
N VAL F 144 29.25 46.61 -35.15
CA VAL F 144 27.94 47.25 -35.27
C VAL F 144 27.70 47.98 -33.97
N LYS F 145 27.85 49.29 -34.01
CA LYS F 145 27.99 50.05 -32.78
C LYS F 145 27.00 51.21 -32.63
N GLY F 146 26.61 51.47 -31.40
CA GLY F 146 25.93 52.70 -31.06
C GLY F 146 24.47 52.76 -31.44
N TYR F 147 23.79 51.62 -31.37
CA TYR F 147 22.36 51.57 -31.73
C TYR F 147 21.45 51.25 -30.54
N PHE F 148 20.17 51.61 -30.73
CA PHE F 148 19.12 51.33 -29.78
C PHE F 148 17.76 51.45 -30.45
N PRO F 149 16.81 50.56 -30.12
CA PRO F 149 16.89 49.33 -29.35
C PRO F 149 17.39 48.12 -30.17
N GLU F 150 17.58 47.02 -29.48
CA GLU F 150 17.66 45.72 -30.12
C GLU F 150 16.32 45.45 -30.80
N PRO F 151 16.31 44.64 -31.86
CA PRO F 151 17.40 43.94 -32.52
C PRO F 151 17.98 44.57 -33.79
N VAL F 152 19.12 44.01 -34.20
CA VAL F 152 19.61 44.14 -35.56
C VAL F 152 19.76 42.75 -36.15
N THR F 153 19.74 42.70 -37.48
CA THR F 153 19.95 41.48 -38.25
C THR F 153 21.18 41.69 -39.13
N VAL F 154 22.21 40.90 -38.89
CA VAL F 154 23.42 40.96 -39.72
C VAL F 154 23.46 39.80 -40.70
N THR F 155 23.70 40.11 -41.96
CA THR F 155 23.99 39.10 -42.95
C THR F 155 25.27 39.47 -43.68
N TRP F 156 25.77 38.55 -44.49
CA TRP F 156 26.97 38.76 -45.29
C TRP F 156 26.68 38.45 -46.74
N ASN F 157 27.12 39.33 -47.62
CA ASN F 157 26.79 39.25 -49.05
C ASN F 157 25.30 38.97 -49.32
N SER F 158 24.45 39.67 -48.55
CA SER F 158 23.00 39.56 -48.66
C SER F 158 22.46 38.13 -48.47
N GLY F 159 23.04 37.39 -47.53
CA GLY F 159 22.60 36.05 -47.19
C GLY F 159 23.38 34.95 -47.90
N SER F 160 24.05 35.33 -48.99
CA SER F 160 24.91 34.43 -49.78
C SER F 160 26.06 33.80 -49.02
N LEU F 161 26.65 34.54 -48.08
CA LEU F 161 27.70 34.02 -47.20
C LEU F 161 27.08 33.65 -45.88
N SER F 162 26.92 32.34 -45.67
CA SER F 162 26.17 31.82 -44.53
C SER F 162 27.04 31.04 -43.54
N SER F 163 28.03 30.35 -44.06
CA SER F 163 28.87 29.48 -43.25
C SER F 163 30.17 30.19 -42.89
N GLY F 164 30.77 29.78 -41.78
CA GLY F 164 31.93 30.46 -41.21
C GLY F 164 31.55 31.75 -40.47
N VAL F 165 30.28 31.87 -40.11
CA VAL F 165 29.72 33.11 -39.57
C VAL F 165 29.28 32.94 -38.11
N HIS F 166 29.83 33.78 -37.22
CA HIS F 166 29.32 33.95 -35.86
C HIS F 166 28.82 35.38 -35.79
N THR F 167 27.63 35.58 -35.23
CA THR F 167 27.22 36.92 -34.82
C THR F 167 27.03 36.86 -33.33
N PHE F 168 27.67 37.78 -32.62
CA PHE F 168 27.71 37.71 -31.18
C PHE F 168 26.47 38.43 -30.64
N PRO F 169 25.98 38.01 -29.46
CA PRO F 169 24.93 38.79 -28.79
C PRO F 169 25.35 40.23 -28.46
N ALA F 170 24.39 41.15 -28.63
CA ALA F 170 24.66 42.55 -28.35
C ALA F 170 24.90 42.77 -26.85
N VAL F 171 25.72 43.75 -26.53
CA VAL F 171 25.94 44.17 -25.17
C VAL F 171 25.45 45.61 -25.06
N LEU F 172 24.73 45.92 -23.99
CA LEU F 172 24.21 47.27 -23.79
C LEU F 172 25.14 48.05 -22.90
N GLN F 173 25.45 49.27 -23.30
CA GLN F 173 26.27 50.17 -22.50
C GLN F 173 25.82 51.60 -22.72
N SER F 174 25.43 52.26 -21.64
CA SER F 174 25.14 53.70 -21.70
C SER F 174 24.04 53.95 -22.72
N ASP F 175 23.02 53.10 -22.65
CA ASP F 175 21.81 53.26 -23.44
C ASP F 175 22.00 52.93 -24.92
N LEU F 176 23.09 52.27 -25.27
CA LEU F 176 23.36 51.88 -26.66
C LEU F 176 23.98 50.50 -26.73
N TYR F 177 23.66 49.80 -27.79
CA TYR F 177 24.15 48.44 -27.99
C TYR F 177 25.34 48.39 -28.92
N THR F 178 26.16 47.37 -28.73
CA THR F 178 27.20 47.04 -29.70
C THR F 178 27.20 45.55 -29.93
N LEU F 179 27.36 45.14 -31.18
CA LEU F 179 27.69 43.75 -31.47
C LEU F 179 28.69 43.64 -32.62
N SER F 180 29.22 42.43 -32.81
CA SER F 180 30.10 42.14 -33.92
C SER F 180 29.69 40.86 -34.61
N SER F 181 30.06 40.74 -35.86
CA SER F 181 29.85 39.52 -36.61
C SER F 181 31.19 39.15 -37.26
N SER F 182 31.57 37.88 -37.19
CA SER F 182 32.77 37.45 -37.88
C SER F 182 32.39 36.53 -39.01
N VAL F 183 33.21 36.54 -40.05
CA VAL F 183 33.03 35.65 -41.18
C VAL F 183 34.42 35.15 -41.56
N THR F 184 34.55 33.84 -41.78
CA THR F 184 35.83 33.28 -42.17
C THR F 184 35.70 32.70 -43.58
N VAL F 185 36.60 33.12 -44.47
CA VAL F 185 36.61 32.69 -45.85
C VAL F 185 38.01 32.15 -46.21
N PRO F 186 38.14 31.43 -47.35
CA PRO F 186 39.46 31.08 -47.85
C PRO F 186 40.27 32.31 -48.29
N SER F 187 41.54 32.35 -47.89
CA SER F 187 42.43 33.46 -48.23
C SER F 187 42.50 33.72 -49.72
N SER F 188 42.37 32.67 -50.52
CA SER F 188 42.41 32.84 -51.97
C SER F 188 41.26 33.68 -52.53
N THR F 189 40.14 33.76 -51.81
CA THR F 189 38.92 34.42 -52.31
C THR F 189 38.86 35.94 -52.02
N TRP F 190 39.58 36.38 -51.00
CA TRP F 190 39.52 37.79 -50.59
C TRP F 190 40.91 38.40 -50.75
N PRO F 191 41.00 39.62 -51.29
CA PRO F 191 39.95 40.55 -51.76
C PRO F 191 39.38 40.35 -53.16
N SER F 192 39.81 39.31 -53.89
CA SER F 192 39.32 39.09 -55.26
C SER F 192 37.80 39.01 -55.34
N GLU F 193 37.18 38.30 -54.39
CA GLU F 193 35.73 38.27 -54.29
C GLU F 193 35.31 39.16 -53.12
N THR F 194 34.36 40.06 -53.36
CA THR F 194 33.96 41.04 -52.35
C THR F 194 33.23 40.38 -51.17
N VAL F 195 33.44 40.97 -49.99
CA VAL F 195 32.78 40.53 -48.77
C VAL F 195 32.19 41.77 -48.10
N THR F 196 30.88 41.74 -47.86
CA THR F 196 30.12 42.94 -47.45
C THR F 196 29.14 42.52 -46.39
N CYS F 197 29.12 43.21 -45.25
CA CYS F 197 28.12 42.90 -44.25
C CYS F 197 26.94 43.82 -44.46
N ASN F 198 25.74 43.29 -44.24
CA ASN F 198 24.50 44.06 -44.34
C ASN F 198 23.87 44.07 -42.96
N VAL F 199 23.54 45.25 -42.47
CA VAL F 199 22.99 45.43 -41.13
C VAL F 199 21.65 46.12 -41.20
N ALA F 200 20.60 45.42 -40.74
CA ALA F 200 19.25 45.95 -40.71
C ALA F 200 18.82 46.24 -39.28
N HIS F 201 18.24 47.40 -39.06
CA HIS F 201 17.79 47.81 -37.74
C HIS F 201 16.29 48.16 -37.84
N PRO F 202 15.40 47.21 -37.53
CA PRO F 202 13.96 47.50 -37.66
C PRO F 202 13.50 48.82 -37.04
N ALA F 203 13.94 49.14 -35.82
CA ALA F 203 13.41 50.30 -35.13
C ALA F 203 13.67 51.62 -35.85
N SER F 204 14.76 51.69 -36.63
CA SER F 204 15.09 52.90 -37.39
C SER F 204 14.78 52.73 -38.87
N SER F 205 14.23 51.58 -39.27
CA SER F 205 13.85 51.35 -40.67
C SER F 205 15.04 51.55 -41.61
N THR F 206 16.22 51.11 -41.15
CA THR F 206 17.47 51.29 -41.90
C THR F 206 18.10 49.94 -42.25
N LYS F 207 18.81 49.94 -43.37
CA LYS F 207 19.69 48.87 -43.74
C LYS F 207 20.94 49.45 -44.43
N VAL F 208 22.11 49.07 -43.92
CA VAL F 208 23.38 49.61 -44.39
C VAL F 208 24.31 48.49 -44.76
N ASP F 209 25.12 48.72 -45.79
CA ASP F 209 26.17 47.78 -46.19
C ASP F 209 27.53 48.37 -45.93
N LYS F 210 28.45 47.50 -45.51
CA LYS F 210 29.85 47.89 -45.37
C LYS F 210 30.71 46.81 -46.04
N LYS F 211 31.33 47.17 -47.14
CA LYS F 211 32.30 46.31 -47.79
C LYS F 211 33.60 46.32 -47.00
N ILE F 212 34.17 45.13 -46.84
CA ILE F 212 35.41 44.95 -46.11
C ILE F 212 36.54 44.95 -47.13
N VAL F 213 37.45 45.92 -47.02
CA VAL F 213 38.56 46.00 -47.96
C VAL F 213 39.92 45.94 -47.25
N PRO F 214 40.94 45.46 -47.96
CA PRO F 214 42.29 45.43 -47.39
C PRO F 214 42.75 46.80 -46.90
N ARG F 215 43.49 46.82 -45.79
CA ARG F 215 43.93 48.09 -45.22
C ARG F 215 45.12 48.65 -46.00
N ASP G 1 -4.24 -52.65 22.22
CA ASP G 1 -4.87 -51.92 23.34
C ASP G 1 -6.30 -52.41 23.52
N ILE G 2 -6.84 -52.21 24.72
CA ILE G 2 -8.25 -52.48 24.96
C ILE G 2 -9.06 -51.37 24.32
N VAL G 3 -10.05 -51.79 23.53
CA VAL G 3 -11.00 -50.91 22.96
C VAL G 3 -12.26 -50.87 23.82
N MET G 4 -12.61 -49.65 24.21
CA MET G 4 -13.82 -49.38 24.98
C MET G 4 -14.80 -48.76 24.01
N THR G 5 -15.97 -49.38 23.85
CA THR G 5 -16.98 -48.90 22.88
C THR G 5 -18.23 -48.37 23.57
N GLN G 6 -18.58 -47.11 23.27
CA GLN G 6 -19.86 -46.57 23.65
C GLN G 6 -20.43 -45.69 22.53
N ALA G 7 -21.75 -45.57 22.54
CA ALA G 7 -22.46 -44.71 21.60
C ALA G 7 -22.18 -43.24 21.93
N ALA G 8 -22.12 -42.39 20.92
CA ALA G 8 -21.85 -40.96 21.13
C ALA G 8 -23.02 -40.25 21.80
N PHE G 9 -24.23 -40.76 21.59
CA PHE G 9 -25.45 -40.09 22.07
C PHE G 9 -26.41 -41.05 22.78
N SER G 10 -26.96 -40.55 23.88
CA SER G 10 -28.10 -41.16 24.59
C SER G 10 -29.36 -40.92 23.77
N ASN G 11 -30.44 -41.62 24.12
CA ASN G 11 -31.77 -41.21 23.70
C ASN G 11 -32.10 -40.02 24.61
N PRO G 12 -32.69 -38.94 24.06
CA PRO G 12 -32.93 -37.79 24.95
C PRO G 12 -33.83 -38.19 26.12
N VAL G 13 -33.48 -37.74 27.32
CA VAL G 13 -34.11 -38.23 28.53
C VAL G 13 -34.85 -37.09 29.23
N THR G 14 -36.09 -37.35 29.61
CA THR G 14 -36.94 -36.34 30.21
C THR G 14 -36.50 -36.16 31.65
N LEU G 15 -36.47 -34.90 32.09
CA LEU G 15 -36.10 -34.56 33.46
C LEU G 15 -36.91 -35.37 34.47
N GLY G 16 -36.20 -35.95 35.44
CA GLY G 16 -36.82 -36.74 36.48
C GLY G 16 -37.05 -38.19 36.13
N THR G 17 -36.74 -38.57 34.89
CA THR G 17 -36.82 -39.97 34.47
C THR G 17 -35.41 -40.57 34.36
N SER G 18 -35.35 -41.87 34.07
CA SER G 18 -34.12 -42.63 34.11
C SER G 18 -33.36 -42.59 32.80
N ALA G 19 -32.04 -42.55 32.91
CA ALA G 19 -31.16 -42.73 31.78
C ALA G 19 -30.32 -43.98 32.00
N SER G 20 -29.87 -44.56 30.90
CA SER G 20 -29.05 -45.74 30.91
C SER G 20 -28.02 -45.63 29.79
N ILE G 21 -26.75 -45.69 30.16
CA ILE G 21 -25.62 -45.56 29.24
C ILE G 21 -24.82 -46.85 29.25
N SER G 22 -24.53 -47.38 28.07
CA SER G 22 -23.84 -48.66 27.91
C SER G 22 -22.39 -48.49 27.49
N CYS G 23 -21.59 -49.49 27.79
CA CYS G 23 -20.23 -49.54 27.29
C CYS G 23 -19.87 -51.02 27.11
N ARG G 24 -18.94 -51.32 26.20
CA ARG G 24 -18.38 -52.65 26.14
C ARG G 24 -16.86 -52.56 26.00
N SER G 25 -16.16 -53.58 26.49
CA SER G 25 -14.71 -53.68 26.37
C SER G 25 -14.35 -54.84 25.50
N SER G 26 -13.22 -54.72 24.80
CA SER G 26 -12.72 -55.77 23.91
C SER G 26 -12.03 -56.92 24.63
N LYS G 27 -11.72 -56.72 25.91
CA LYS G 27 -11.13 -57.74 26.74
C LYS G 27 -11.86 -57.69 28.07
N SER G 28 -11.94 -58.81 28.75
CA SER G 28 -12.62 -58.84 30.04
C SER G 28 -11.84 -58.00 31.04
N LEU G 29 -12.58 -57.18 31.79
CA LEU G 29 -12.06 -56.39 32.88
C LEU G 29 -12.24 -57.03 34.26
N LEU G 30 -12.76 -58.26 34.29
CA LEU G 30 -12.92 -59.02 35.53
C LEU G 30 -11.57 -59.68 35.82
N HIS G 31 -11.00 -59.30 36.95
CA HIS G 31 -9.68 -59.68 37.39
C HIS G 31 -9.77 -60.94 38.29
N SER G 32 -8.67 -61.68 38.43
CA SER G 32 -8.69 -62.87 39.27
C SER G 32 -8.99 -62.57 40.76
N ASP G 33 -8.82 -61.32 41.19
CA ASP G 33 -9.15 -60.93 42.55
C ASP G 33 -10.64 -60.68 42.75
N GLY G 34 -11.43 -60.87 41.69
CA GLY G 34 -12.90 -60.76 41.77
C GLY G 34 -13.46 -59.38 41.44
N ILE G 35 -12.60 -58.38 41.30
CA ILE G 35 -13.03 -57.01 41.00
C ILE G 35 -13.13 -56.81 39.48
N THR G 36 -14.16 -56.10 39.02
CA THR G 36 -14.24 -55.72 37.61
C THR G 36 -13.76 -54.27 37.52
N TYR G 37 -12.66 -54.07 36.78
CA TYR G 37 -11.94 -52.81 36.82
C TYR G 37 -12.46 -51.86 35.73
N LEU G 38 -13.73 -51.50 35.90
CA LEU G 38 -14.47 -50.62 35.02
C LEU G 38 -14.74 -49.32 35.79
N TYR G 39 -14.54 -48.19 35.12
CA TYR G 39 -14.69 -46.88 35.75
C TYR G 39 -15.54 -46.02 34.85
N TRP G 40 -16.29 -45.11 35.46
CA TRP G 40 -17.04 -44.10 34.74
C TRP G 40 -16.59 -42.72 35.18
N TYR G 41 -16.43 -41.83 34.20
CA TYR G 41 -16.15 -40.40 34.42
C TYR G 41 -17.25 -39.55 33.79
N LEU G 42 -17.57 -38.39 34.40
CA LEU G 42 -18.45 -37.41 33.78
C LEU G 42 -17.63 -36.18 33.44
N GLN G 43 -17.74 -35.70 32.21
CA GLN G 43 -17.21 -34.38 31.84
C GLN G 43 -18.37 -33.46 31.53
N LYS G 44 -18.68 -32.58 32.47
CA LYS G 44 -19.74 -31.58 32.32
C LYS G 44 -19.26 -30.51 31.37
N PRO G 45 -20.19 -29.90 30.60
CA PRO G 45 -19.71 -28.92 29.62
C PRO G 45 -18.80 -27.86 30.27
N GLY G 46 -17.65 -27.62 29.65
CA GLY G 46 -16.69 -26.64 30.16
C GLY G 46 -15.76 -27.08 31.28
N GLN G 47 -15.95 -28.29 31.82
CA GLN G 47 -15.16 -28.80 32.93
C GLN G 47 -14.19 -29.91 32.50
N SER G 48 -13.32 -30.30 33.42
CA SER G 48 -12.50 -31.48 33.29
C SER G 48 -13.37 -32.70 33.59
N PRO G 49 -12.89 -33.91 33.22
CA PRO G 49 -13.57 -35.12 33.67
C PRO G 49 -13.49 -35.26 35.20
N HIS G 50 -14.49 -35.91 35.78
CA HIS G 50 -14.39 -36.33 37.16
C HIS G 50 -14.98 -37.72 37.36
N LEU G 51 -14.40 -38.42 38.33
CA LEU G 51 -14.74 -39.80 38.64
C LEU G 51 -16.13 -39.93 39.21
N LEU G 52 -16.90 -40.83 38.60
CA LEU G 52 -18.24 -41.14 39.09
C LEU G 52 -18.30 -42.47 39.83
N ILE G 53 -17.74 -43.50 39.21
CA ILE G 53 -17.88 -44.88 39.63
C ILE G 53 -16.56 -45.59 39.42
N TYR G 54 -16.12 -46.38 40.40
CA TYR G 54 -14.91 -47.17 40.26
C TYR G 54 -15.23 -48.63 40.57
N HIS G 55 -14.38 -49.53 40.09
CA HIS G 55 -14.54 -50.96 40.32
C HIS G 55 -15.95 -51.44 39.97
N LEU G 56 -16.42 -50.97 38.81
CA LEU G 56 -17.74 -51.31 38.22
C LEU G 56 -18.97 -50.76 38.95
N SER G 57 -19.02 -50.78 40.28
CA SER G 57 -20.26 -50.52 40.98
C SER G 57 -20.15 -49.59 42.17
N ASN G 58 -18.94 -49.15 42.53
CA ASN G 58 -18.77 -48.30 43.70
C ASN G 58 -18.83 -46.82 43.35
N LEU G 59 -19.62 -46.08 44.13
CA LEU G 59 -19.80 -44.66 43.88
C LEU G 59 -18.61 -43.90 44.45
N ALA G 60 -18.08 -42.97 43.67
CA ALA G 60 -17.04 -42.09 44.18
C ALA G 60 -17.64 -41.17 45.25
N SER G 61 -16.79 -40.74 46.15
CA SER G 61 -17.18 -39.89 47.27
C SER G 61 -17.97 -38.67 46.75
N GLY G 62 -19.13 -38.41 47.36
CA GLY G 62 -19.97 -37.30 46.96
C GLY G 62 -20.86 -37.49 45.74
N VAL G 63 -20.78 -38.64 45.07
CA VAL G 63 -21.69 -38.93 43.96
C VAL G 63 -23.06 -39.34 44.51
N PRO G 64 -24.14 -38.72 44.02
CA PRO G 64 -25.48 -39.06 44.51
C PRO G 64 -25.89 -40.51 44.23
N ASP G 65 -26.74 -41.07 45.08
CA ASP G 65 -27.15 -42.47 44.93
C ASP G 65 -28.07 -42.71 43.73
N ARG G 66 -28.46 -41.64 43.04
CA ARG G 66 -29.16 -41.77 41.75
C ARG G 66 -28.30 -42.49 40.71
N PHE G 67 -26.97 -42.44 40.87
CA PHE G 67 -26.05 -43.15 39.98
C PHE G 67 -25.80 -44.58 40.49
N SER G 68 -25.86 -45.53 39.57
CA SER G 68 -25.53 -46.91 39.86
C SER G 68 -24.92 -47.54 38.61
N SER G 69 -24.23 -48.66 38.77
CA SER G 69 -23.60 -49.31 37.64
C SER G 69 -23.45 -50.80 37.87
N SER G 70 -23.54 -51.56 36.78
CA SER G 70 -23.50 -53.00 36.82
C SER G 70 -22.83 -53.47 35.57
N GLY G 71 -22.38 -54.72 35.59
CA GLY G 71 -21.86 -55.34 34.38
C GLY G 71 -21.12 -56.65 34.54
N SER G 72 -20.80 -57.26 33.40
CA SER G 72 -19.97 -58.44 33.30
C SER G 72 -18.51 -57.98 33.23
N GLY G 73 -17.62 -58.84 32.76
CA GLY G 73 -16.24 -58.42 32.43
C GLY G 73 -16.17 -57.57 31.17
N THR G 74 -17.22 -57.61 30.34
CA THR G 74 -17.18 -57.02 28.99
C THR G 74 -18.32 -56.08 28.60
N ASP G 75 -19.42 -56.07 29.35
CA ASP G 75 -20.60 -55.27 29.03
C ASP G 75 -21.10 -54.62 30.30
N PHE G 76 -21.28 -53.30 30.25
CA PHE G 76 -21.51 -52.48 31.44
C PHE G 76 -22.64 -51.47 31.19
N THR G 77 -23.35 -51.10 32.25
CA THR G 77 -24.47 -50.21 32.17
C THR G 77 -24.43 -49.24 33.35
N LEU G 78 -24.33 -47.96 33.04
CA LEU G 78 -24.54 -46.90 34.03
C LEU G 78 -26.01 -46.47 33.97
N ARG G 79 -26.66 -46.42 35.13
CA ARG G 79 -28.03 -45.95 35.24
C ARG G 79 -28.10 -44.69 36.08
N ILE G 80 -28.85 -43.71 35.61
CA ILE G 80 -29.17 -42.53 36.41
C ILE G 80 -30.68 -42.57 36.61
N SER G 81 -31.12 -42.76 37.84
CA SER G 81 -32.54 -43.10 38.10
C SER G 81 -33.55 -41.99 37.83
N ARG G 82 -33.19 -40.77 38.23
CA ARG G 82 -34.05 -39.59 38.17
C ARG G 82 -33.19 -38.38 37.77
N VAL G 83 -33.00 -38.25 36.47
CA VAL G 83 -32.11 -37.26 35.89
C VAL G 83 -32.41 -35.80 36.34
N GLU G 84 -31.33 -35.11 36.68
CA GLU G 84 -31.35 -33.69 37.05
C GLU G 84 -30.56 -32.87 36.02
N ALA G 85 -30.87 -31.57 35.92
CA ALA G 85 -30.22 -30.70 34.96
C ALA G 85 -28.69 -30.83 35.00
N GLU G 86 -28.13 -30.87 36.22
CA GLU G 86 -26.67 -30.94 36.45
C GLU G 86 -26.00 -32.21 35.89
N ASP G 87 -26.78 -33.23 35.56
CA ASP G 87 -26.22 -34.47 35.04
C ASP G 87 -25.80 -34.41 33.56
N VAL G 88 -26.11 -33.31 32.86
CA VAL G 88 -25.75 -33.22 31.44
C VAL G 88 -24.24 -33.20 31.28
N GLY G 89 -23.76 -33.72 30.16
CA GLY G 89 -22.34 -33.83 29.97
C GLY G 89 -22.06 -35.09 29.21
N ILE G 90 -20.78 -35.40 29.11
CA ILE G 90 -20.34 -36.59 28.43
C ILE G 90 -19.84 -37.62 29.46
N TYR G 91 -20.40 -38.82 29.41
CA TYR G 91 -20.01 -39.94 30.25
C TYR G 91 -19.01 -40.84 29.53
N TYR G 92 -17.83 -41.00 30.12
CA TYR G 92 -16.79 -41.86 29.60
C TYR G 92 -16.57 -43.09 30.47
N CYS G 93 -16.49 -44.24 29.81
CA CYS G 93 -15.97 -45.48 30.43
C CYS G 93 -14.46 -45.65 30.24
N ALA G 94 -13.83 -46.37 31.18
CA ALA G 94 -12.39 -46.61 31.17
C ALA G 94 -12.10 -47.89 31.93
N HIS G 95 -11.00 -48.55 31.58
CA HIS G 95 -10.55 -49.75 32.27
C HIS G 95 -9.31 -49.44 33.12
N ASN G 96 -9.04 -50.32 34.08
CA ASN G 96 -7.81 -50.25 34.85
C ASN G 96 -7.27 -51.67 35.06
N VAL G 97 -7.03 -52.37 33.98
CA VAL G 97 -6.46 -53.72 34.08
C VAL G 97 -5.06 -53.86 33.48
N GLU G 98 -4.60 -52.81 32.79
CA GLU G 98 -3.36 -52.83 32.04
C GLU G 98 -3.02 -51.44 31.53
N LEU G 99 -1.80 -51.31 31.02
CA LEU G 99 -1.42 -50.16 30.18
C LEU G 99 -1.40 -50.66 28.75
N PRO G 100 -1.73 -49.80 27.76
CA PRO G 100 -2.12 -48.39 27.88
C PRO G 100 -3.50 -48.22 28.48
N ARG G 101 -3.67 -47.12 29.20
CA ARG G 101 -4.95 -46.80 29.75
C ARG G 101 -5.79 -46.30 28.59
N THR G 102 -6.99 -46.84 28.45
CA THR G 102 -7.86 -46.43 27.35
C THR G 102 -9.26 -46.09 27.84
N PHE G 103 -9.89 -45.18 27.10
CA PHE G 103 -11.20 -44.61 27.39
C PHE G 103 -12.16 -44.88 26.24
N GLY G 104 -13.45 -44.97 26.57
CA GLY G 104 -14.49 -44.95 25.56
C GLY G 104 -14.57 -43.56 24.94
N GLY G 105 -15.22 -43.44 23.79
CA GLY G 105 -15.34 -42.14 23.13
C GLY G 105 -16.33 -41.16 23.76
N GLY G 106 -17.04 -41.60 24.78
CA GLY G 106 -17.99 -40.73 25.49
C GLY G 106 -19.42 -40.84 24.97
N THR G 107 -20.38 -40.81 25.88
CA THR G 107 -21.79 -40.74 25.51
C THR G 107 -22.34 -39.43 26.07
N LYS G 108 -22.87 -38.58 25.19
CA LYS G 108 -23.51 -37.31 25.60
C LYS G 108 -24.91 -37.60 26.12
N LEU G 109 -25.20 -37.13 27.34
CA LEU G 109 -26.55 -37.19 27.88
C LEU G 109 -27.25 -35.89 27.54
N GLU G 110 -28.43 -36.04 26.94
CA GLU G 110 -29.26 -34.93 26.47
C GLU G 110 -30.57 -35.03 27.26
N ILE G 111 -31.02 -33.89 27.75
CA ILE G 111 -32.19 -33.81 28.59
C ILE G 111 -33.32 -33.14 27.85
N LYS G 112 -34.54 -33.65 28.07
CA LYS G 112 -35.75 -33.08 27.51
C LYS G 112 -36.46 -32.36 28.62
N ARG G 113 -36.85 -31.12 28.34
CA ARG G 113 -37.52 -30.29 29.30
C ARG G 113 -38.65 -29.56 28.60
N ALA G 114 -39.38 -28.74 29.36
CA ALA G 114 -40.48 -27.97 28.79
C ALA G 114 -39.96 -26.95 27.77
N ASP G 115 -40.68 -26.77 26.67
CA ASP G 115 -40.33 -25.71 25.71
C ASP G 115 -40.25 -24.32 26.36
N ALA G 116 -39.32 -23.50 25.89
CA ALA G 116 -39.05 -22.18 26.45
C ALA G 116 -38.65 -21.23 25.35
N ALA G 117 -39.24 -20.04 25.36
CA ALA G 117 -38.95 -19.06 24.32
C ALA G 117 -37.64 -18.37 24.67
N PRO G 118 -36.91 -17.95 23.65
CA PRO G 118 -35.67 -17.23 23.85
C PRO G 118 -35.88 -15.82 24.34
N THR G 119 -34.90 -15.36 25.12
CA THR G 119 -34.77 -13.96 25.52
C THR G 119 -33.78 -13.35 24.55
N VAL G 120 -34.24 -12.39 23.78
CA VAL G 120 -33.45 -11.79 22.71
C VAL G 120 -32.91 -10.42 23.08
N SER G 121 -31.61 -10.20 22.84
CA SER G 121 -30.92 -8.94 23.15
C SER G 121 -30.09 -8.56 21.94
N ILE G 122 -30.18 -7.28 21.52
CA ILE G 122 -29.36 -6.75 20.43
C ILE G 122 -28.35 -5.71 20.94
N PHE G 123 -27.16 -5.73 20.36
CA PHE G 123 -26.08 -4.85 20.77
C PHE G 123 -25.43 -4.20 19.56
N PRO G 124 -25.38 -2.85 19.55
CA PRO G 124 -24.73 -2.13 18.48
C PRO G 124 -23.23 -2.31 18.60
N PRO G 125 -22.50 -2.07 17.50
CA PRO G 125 -21.04 -1.99 17.57
C PRO G 125 -20.56 -1.04 18.65
N SER G 126 -19.48 -1.42 19.34
CA SER G 126 -18.90 -0.53 20.36
C SER G 126 -18.12 0.57 19.62
N SER G 127 -17.92 1.69 20.29
CA SER G 127 -17.18 2.80 19.72
C SER G 127 -15.77 2.36 19.38
N GLU G 128 -15.14 1.66 20.32
CA GLU G 128 -13.82 1.07 20.12
C GLU G 128 -13.69 0.41 18.78
N GLN G 129 -14.61 -0.49 18.46
CA GLN G 129 -14.49 -1.28 17.25
C GLN G 129 -14.52 -0.45 15.96
N LEU G 130 -15.34 0.59 15.93
CA LEU G 130 -15.55 1.35 14.70
C LEU G 130 -14.27 2.02 14.23
N THR G 131 -13.51 2.54 15.17
CA THR G 131 -12.17 3.04 14.88
C THR G 131 -11.28 2.05 14.13
N SER G 132 -11.44 0.77 14.44
CA SER G 132 -10.68 -0.28 13.76
C SER G 132 -11.04 -0.46 12.29
N GLY G 133 -12.13 0.14 11.82
CA GLY G 133 -12.59 -0.09 10.46
C GLY G 133 -13.68 -1.13 10.33
N GLY G 134 -13.98 -1.83 11.43
CA GLY G 134 -15.00 -2.89 11.44
C GLY G 134 -16.19 -2.54 12.34
N ALA G 135 -17.29 -3.23 12.14
CA ALA G 135 -18.50 -3.02 12.92
C ALA G 135 -19.22 -4.37 13.07
N SER G 136 -19.35 -4.79 14.32
CA SER G 136 -19.97 -6.08 14.64
C SER G 136 -21.26 -5.82 15.38
N VAL G 137 -22.37 -6.32 14.84
CA VAL G 137 -23.67 -6.27 15.51
C VAL G 137 -24.00 -7.66 16.03
N VAL G 138 -24.34 -7.72 17.31
CA VAL G 138 -24.49 -8.99 18.02
C VAL G 138 -25.90 -9.13 18.61
N CYS G 139 -26.48 -10.30 18.37
CA CYS G 139 -27.78 -10.66 18.89
C CYS G 139 -27.61 -11.94 19.72
N PHE G 140 -28.03 -11.90 20.99
CA PHE G 140 -28.11 -13.11 21.81
C PHE G 140 -29.56 -13.63 21.85
N LEU G 141 -29.70 -14.93 21.69
CA LEU G 141 -30.99 -15.62 21.78
C LEU G 141 -30.79 -16.62 22.87
N ASN G 142 -31.14 -16.21 24.08
CA ASN G 142 -30.77 -16.95 25.26
C ASN G 142 -31.88 -17.80 25.90
N ASN G 143 -31.46 -18.98 26.37
CA ASN G 143 -32.26 -19.84 27.25
C ASN G 143 -33.57 -20.27 26.62
N PHE G 144 -33.47 -20.90 25.46
CA PHE G 144 -34.63 -21.49 24.81
C PHE G 144 -34.53 -23.02 24.76
N TYR G 145 -35.67 -23.66 24.50
CA TYR G 145 -35.77 -25.09 24.31
C TYR G 145 -37.02 -25.32 23.49
N PRO G 146 -36.94 -26.12 22.40
CA PRO G 146 -35.84 -26.98 21.90
C PRO G 146 -34.70 -26.20 21.22
N LYS G 147 -33.64 -26.93 20.85
CA LYS G 147 -32.42 -26.34 20.28
C LYS G 147 -32.58 -25.65 18.91
N ASP G 148 -33.54 -26.10 18.13
CA ASP G 148 -33.73 -25.56 16.81
C ASP G 148 -34.25 -24.13 16.88
N ILE G 149 -33.67 -23.23 16.09
CA ILE G 149 -34.07 -21.84 16.09
C ILE G 149 -33.54 -21.15 14.84
N ASN G 150 -34.26 -20.14 14.36
CA ASN G 150 -33.84 -19.37 13.20
C ASN G 150 -33.70 -17.89 13.55
N VAL G 151 -32.68 -17.26 12.97
CA VAL G 151 -32.46 -15.83 13.18
C VAL G 151 -32.37 -15.13 11.83
N LYS G 152 -32.95 -13.95 11.77
CA LYS G 152 -33.00 -13.16 10.55
C LYS G 152 -32.53 -11.74 10.88
N TRP G 153 -31.62 -11.22 10.06
CA TRP G 153 -31.11 -9.87 10.20
C TRP G 153 -31.74 -8.98 9.16
N LYS G 154 -32.14 -7.78 9.57
CA LYS G 154 -32.63 -6.78 8.64
C LYS G 154 -31.93 -5.47 8.88
N ILE G 155 -31.51 -4.85 7.78
CA ILE G 155 -30.95 -3.51 7.79
C ILE G 155 -31.90 -2.62 7.00
N ASP G 156 -32.41 -1.57 7.65
CA ASP G 156 -33.46 -0.74 7.08
C ASP G 156 -34.53 -1.63 6.43
N GLY G 157 -35.05 -2.56 7.22
CA GLY G 157 -36.13 -3.44 6.77
C GLY G 157 -35.80 -4.46 5.69
N SER G 158 -34.57 -4.48 5.20
CA SER G 158 -34.18 -5.40 4.14
C SER G 158 -33.30 -6.53 4.70
N GLU G 159 -33.69 -7.78 4.43
CA GLU G 159 -32.97 -8.93 4.97
C GLU G 159 -31.53 -8.95 4.45
N ARG G 160 -30.63 -9.28 5.38
CA ARG G 160 -29.20 -9.26 5.15
C ARG G 160 -28.69 -10.68 5.36
N GLN G 161 -28.06 -11.27 4.35
CA GLN G 161 -27.66 -12.67 4.41
C GLN G 161 -26.13 -12.91 4.40
N ASN G 162 -25.38 -11.91 3.98
CA ASN G 162 -23.91 -11.95 4.02
C ASN G 162 -23.38 -11.45 5.36
N GLY G 163 -22.35 -12.09 5.90
CA GLY G 163 -21.62 -11.56 7.07
C GLY G 163 -22.16 -11.96 8.44
N VAL G 164 -23.02 -12.97 8.43
CA VAL G 164 -23.65 -13.51 9.63
C VAL G 164 -23.03 -14.85 10.01
N LEU G 165 -22.59 -14.95 11.26
CA LEU G 165 -22.09 -16.19 11.81
C LEU G 165 -22.83 -16.45 13.13
N ASN G 166 -23.31 -17.68 13.31
CA ASN G 166 -24.04 -18.10 14.51
C ASN G 166 -23.32 -19.20 15.26
N SER G 167 -23.48 -19.21 16.59
CA SER G 167 -22.87 -20.21 17.43
C SER G 167 -23.83 -20.62 18.54
N TRP G 168 -23.99 -21.93 18.75
CA TRP G 168 -24.89 -22.49 19.80
C TRP G 168 -24.09 -22.98 20.99
N THR G 169 -24.62 -22.76 22.19
CA THR G 169 -24.01 -23.33 23.38
C THR G 169 -24.41 -24.80 23.51
N ASP G 170 -23.68 -25.52 24.37
CA ASP G 170 -24.11 -26.82 24.85
C ASP G 170 -25.31 -26.63 25.79
N GLN G 171 -26.05 -27.70 26.03
CA GLN G 171 -27.17 -27.67 26.95
C GLN G 171 -26.71 -27.19 28.35
N ASP G 172 -27.47 -26.26 28.92
CA ASP G 172 -27.12 -25.61 30.18
C ASP G 172 -27.30 -26.57 31.38
N SER G 173 -26.30 -26.59 32.26
CA SER G 173 -26.30 -27.46 33.45
C SER G 173 -27.27 -27.05 34.55
N LYS G 174 -27.87 -25.87 34.43
CA LYS G 174 -28.75 -25.38 35.48
C LYS G 174 -30.21 -25.43 35.06
N ASP G 175 -30.50 -25.16 33.79
CA ASP G 175 -31.90 -25.14 33.34
C ASP G 175 -32.18 -25.94 32.09
N SER G 176 -31.20 -26.68 31.59
CA SER G 176 -31.39 -27.55 30.44
C SER G 176 -31.79 -26.84 29.17
N THR G 177 -31.50 -25.54 29.07
CA THR G 177 -31.84 -24.81 27.85
C THR G 177 -30.62 -24.69 26.93
N TYR G 178 -30.85 -24.12 25.75
CA TYR G 178 -29.80 -23.75 24.81
C TYR G 178 -29.80 -22.24 24.63
N SER G 179 -28.67 -21.71 24.17
CA SER G 179 -28.58 -20.33 23.73
C SER G 179 -27.81 -20.29 22.41
N MET G 180 -27.91 -19.17 21.72
CA MET G 180 -27.27 -18.97 20.43
C MET G 180 -26.91 -17.50 20.25
N SER G 181 -25.71 -17.21 19.76
CA SER G 181 -25.29 -15.85 19.38
C SER G 181 -25.28 -15.77 17.88
N SER G 182 -25.73 -14.64 17.36
CA SER G 182 -25.64 -14.33 15.95
C SER G 182 -24.91 -13.01 15.84
N THR G 183 -23.90 -12.99 15.00
CA THR G 183 -23.06 -11.82 14.85
C THR G 183 -23.02 -11.42 13.39
N LEU G 184 -23.39 -10.16 13.14
CA LEU G 184 -23.37 -9.57 11.81
C LEU G 184 -22.18 -8.64 11.76
N THR G 185 -21.24 -8.95 10.88
CA THR G 185 -19.98 -8.19 10.79
C THR G 185 -19.93 -7.33 9.53
N LEU G 186 -19.76 -6.03 9.70
CA LEU G 186 -19.79 -5.06 8.60
C LEU G 186 -18.57 -4.14 8.68
N THR G 187 -18.39 -3.30 7.66
CA THR G 187 -17.40 -2.22 7.71
C THR G 187 -17.97 -1.09 8.56
N LYS G 188 -17.11 -0.17 9.01
CA LYS G 188 -17.59 1.04 9.68
C LYS G 188 -18.57 1.80 8.76
N ASP G 189 -18.35 1.67 7.45
CA ASP G 189 -19.16 2.34 6.43
C ASP G 189 -20.56 1.76 6.26
N GLU G 190 -20.64 0.52 5.79
CA GLU G 190 -21.93 -0.18 5.70
C GLU G 190 -22.76 0.17 6.94
N TYR G 191 -22.19 -0.10 8.10
CA TYR G 191 -22.85 0.22 9.36
C TYR G 191 -23.36 1.66 9.40
N GLU G 192 -22.49 2.61 9.06
CA GLU G 192 -22.84 4.04 9.14
C GLU G 192 -23.73 4.52 7.99
N ARG G 193 -23.72 3.78 6.88
CA ARG G 193 -24.57 4.07 5.72
C ARG G 193 -26.02 3.56 5.83
N HIS G 194 -26.35 2.85 6.91
CA HIS G 194 -27.73 2.53 7.22
C HIS G 194 -28.01 2.93 8.67
N ASN G 195 -29.27 2.92 9.09
CA ASN G 195 -29.61 3.42 10.42
C ASN G 195 -30.30 2.43 11.34
N SER G 196 -31.19 1.62 10.77
CA SER G 196 -32.01 0.69 11.53
C SER G 196 -31.46 -0.74 11.43
N TYR G 197 -31.17 -1.33 12.58
CA TYR G 197 -30.62 -2.69 12.63
C TYR G 197 -31.55 -3.56 13.45
N THR G 198 -31.91 -4.70 12.88
CA THR G 198 -32.93 -5.57 13.45
C THR G 198 -32.52 -7.05 13.48
N CYS G 199 -32.69 -7.66 14.66
CA CYS G 199 -32.52 -9.09 14.85
C CYS G 199 -33.90 -9.71 15.08
N GLU G 200 -34.25 -10.73 14.28
CA GLU G 200 -35.53 -11.46 14.46
C GLU G 200 -35.33 -12.94 14.78
N ALA G 201 -35.90 -13.38 15.89
CA ALA G 201 -35.78 -14.75 16.34
C ALA G 201 -37.12 -15.49 16.15
N THR G 202 -37.10 -16.51 15.30
CA THR G 202 -38.23 -17.44 15.15
C THR G 202 -37.95 -18.81 15.77
N HIS G 203 -38.81 -19.21 16.70
CA HIS G 203 -38.65 -20.43 17.47
C HIS G 203 -40.01 -21.10 17.57
N LYS G 204 -40.04 -22.41 17.77
CA LYS G 204 -41.32 -23.12 17.72
C LYS G 204 -42.30 -22.68 18.82
N THR G 205 -41.81 -22.02 19.86
CA THR G 205 -42.65 -21.54 20.94
C THR G 205 -43.67 -20.47 20.51
N SER G 206 -43.46 -19.82 19.36
CA SER G 206 -44.49 -18.95 18.77
C SER G 206 -44.41 -18.84 17.26
N THR G 207 -45.54 -18.58 16.64
CA THR G 207 -45.58 -18.33 15.20
C THR G 207 -45.01 -16.94 14.90
N SER G 208 -45.08 -16.04 15.89
CA SER G 208 -44.56 -14.66 15.77
C SER G 208 -43.07 -14.59 16.15
N PRO G 209 -42.22 -14.01 15.28
CA PRO G 209 -40.83 -13.79 15.70
C PRO G 209 -40.67 -12.76 16.80
N ILE G 210 -39.66 -12.96 17.65
CA ILE G 210 -39.26 -11.97 18.64
C ILE G 210 -38.27 -11.04 17.95
N VAL G 211 -38.59 -9.75 17.93
CA VAL G 211 -37.86 -8.76 17.16
C VAL G 211 -37.18 -7.78 18.10
N LYS G 212 -35.88 -7.57 17.91
CA LYS G 212 -35.16 -6.51 18.62
C LYS G 212 -34.41 -5.64 17.62
N SER G 213 -34.38 -4.34 17.91
CA SER G 213 -33.85 -3.37 16.98
C SER G 213 -33.15 -2.25 17.70
N PHE G 214 -32.26 -1.59 16.99
CA PHE G 214 -31.77 -0.28 17.41
C PHE G 214 -31.59 0.64 16.22
N ASN G 215 -31.57 1.94 16.51
CA ASN G 215 -31.20 2.97 15.56
C ASN G 215 -29.82 3.53 15.88
N ARG G 216 -28.94 3.51 14.88
CA ARG G 216 -27.55 3.93 15.03
C ARG G 216 -27.37 5.34 15.60
N GLU H 1 -10.26 -30.13 48.02
CA GLU H 1 -8.96 -30.03 48.74
C GLU H 1 -7.79 -30.49 47.88
N VAL H 2 -7.97 -31.56 47.11
CA VAL H 2 -6.98 -31.90 46.09
C VAL H 2 -7.08 -30.90 44.92
N LYS H 3 -5.94 -30.37 44.53
CA LYS H 3 -5.87 -29.38 43.48
C LYS H 3 -4.73 -29.79 42.56
N VAL H 4 -5.06 -29.97 41.29
CA VAL H 4 -4.09 -30.33 40.25
C VAL H 4 -4.12 -29.19 39.23
N GLU H 5 -2.97 -28.53 39.03
CA GLU H 5 -2.93 -27.33 38.18
C GLU H 5 -1.81 -27.33 37.14
N GLU H 6 -2.18 -27.38 35.87
CA GLU H 6 -1.21 -27.48 34.78
C GLU H 6 -0.79 -26.09 34.31
N SER H 7 0.40 -26.01 33.70
CA SER H 7 0.86 -24.78 33.06
C SER H 7 1.82 -25.15 31.94
N GLY H 8 2.22 -24.17 31.13
CA GLY H 8 3.24 -24.37 30.10
C GLY H 8 2.78 -24.52 28.65
N GLY H 9 1.48 -24.46 28.43
CA GLY H 9 0.93 -24.60 27.08
C GLY H 9 1.26 -23.38 26.23
N GLY H 10 0.80 -23.40 24.99
CA GLY H 10 1.11 -22.33 24.06
C GLY H 10 1.17 -22.96 22.66
N LEU H 11 1.96 -22.36 21.77
CA LEU H 11 2.01 -22.76 20.33
C LEU H 11 3.45 -23.05 19.94
N VAL H 12 3.67 -24.07 19.11
CA VAL H 12 4.97 -24.26 18.49
C VAL H 12 4.70 -24.88 17.11
N GLN H 13 5.71 -24.77 16.28
CA GLN H 13 5.67 -25.29 14.91
C GLN H 13 5.96 -26.78 14.90
N PRO H 14 5.42 -27.49 13.90
CA PRO H 14 5.84 -28.88 13.70
C PRO H 14 7.37 -29.06 13.68
N GLY H 15 7.85 -30.06 14.40
CA GLY H 15 9.25 -30.29 14.62
C GLY H 15 9.79 -29.78 15.95
N GLY H 16 9.02 -28.88 16.56
CA GLY H 16 9.43 -28.12 17.73
C GLY H 16 9.12 -28.84 19.01
N SER H 17 9.38 -28.15 20.12
CA SER H 17 9.34 -28.76 21.45
C SER H 17 8.52 -27.88 22.37
N MET H 18 7.96 -28.50 23.41
CA MET H 18 7.30 -27.78 24.51
C MET H 18 7.60 -28.54 25.78
N LYS H 19 7.46 -27.87 26.93
CA LYS H 19 7.59 -28.54 28.22
C LYS H 19 6.45 -28.03 29.08
N ILE H 20 5.56 -28.93 29.48
CA ILE H 20 4.43 -28.58 30.32
C ILE H 20 4.60 -29.21 31.69
N SER H 21 3.87 -28.71 32.67
CA SER H 21 4.00 -29.20 34.02
C SER H 21 2.70 -29.09 34.80
N CYS H 22 2.61 -29.82 35.90
CA CYS H 22 1.53 -29.54 36.84
C CYS H 22 2.02 -29.69 38.27
N VAL H 23 1.39 -28.91 39.14
CA VAL H 23 1.64 -28.97 40.56
C VAL H 23 0.38 -29.42 41.27
N VAL H 24 0.58 -30.32 42.25
CA VAL H 24 -0.52 -30.93 42.96
C VAL H 24 -0.41 -30.51 44.43
N SER H 25 -1.52 -30.01 44.98
CA SER H 25 -1.63 -29.81 46.43
C SER H 25 -2.82 -30.56 47.02
N GLY H 26 -2.86 -30.63 48.36
CA GLY H 26 -3.96 -31.33 49.04
C GLY H 26 -3.75 -32.83 49.15
N LEU H 27 -2.57 -33.31 48.77
CA LEU H 27 -2.18 -34.70 48.94
C LEU H 27 -0.66 -34.82 48.96
N THR H 28 -0.16 -36.01 49.27
CA THR H 28 1.29 -36.24 49.28
C THR H 28 1.72 -36.75 47.91
N PHE H 29 2.21 -35.81 47.11
CA PHE H 29 2.52 -36.04 45.68
C PHE H 29 3.38 -37.27 45.48
N SER H 30 4.42 -37.42 46.30
CA SER H 30 5.33 -38.54 46.17
C SER H 30 4.68 -39.92 46.31
N ASN H 31 3.46 -39.97 46.82
CA ASN H 31 2.80 -41.25 47.04
C ASN H 31 1.89 -41.69 45.87
N TYR H 32 1.76 -40.84 44.85
CA TYR H 32 0.76 -41.07 43.80
C TYR H 32 1.38 -41.29 42.44
N TRP H 33 0.83 -42.25 41.71
CA TRP H 33 1.17 -42.43 40.32
C TRP H 33 0.71 -41.17 39.57
N MET H 34 1.51 -40.77 38.60
CA MET H 34 1.22 -39.58 37.82
C MET H 34 1.16 -39.91 36.32
N SER H 35 0.19 -39.35 35.61
CA SER H 35 0.07 -39.50 34.15
C SER H 35 -0.39 -38.25 33.43
N TRP H 36 -0.16 -38.25 32.09
CA TRP H 36 -0.67 -37.20 31.23
C TRP H 36 -1.67 -37.85 30.30
N VAL H 37 -2.85 -37.24 30.22
CA VAL H 37 -3.88 -37.65 29.29
C VAL H 37 -4.25 -36.45 28.43
N ARG H 38 -4.27 -36.60 27.11
CA ARG H 38 -4.65 -35.45 26.25
C ARG H 38 -6.02 -35.66 25.63
N GLN H 39 -6.71 -34.56 25.32
CA GLN H 39 -8.03 -34.62 24.71
C GLN H 39 -8.04 -33.80 23.42
N SER H 40 -8.46 -34.44 22.34
CA SER H 40 -8.75 -33.78 21.09
C SER H 40 -10.11 -34.24 20.55
N PRO H 41 -10.73 -33.42 19.69
CA PRO H 41 -11.95 -33.88 18.95
C PRO H 41 -11.75 -35.16 18.12
N GLU H 42 -10.58 -35.34 17.55
CA GLU H 42 -10.34 -36.47 16.65
C GLU H 42 -10.09 -37.78 17.39
N LYS H 43 -9.40 -37.74 18.54
CA LYS H 43 -9.02 -38.95 19.27
C LYS H 43 -9.62 -39.07 20.67
N GLY H 44 -10.47 -38.11 21.05
CA GLY H 44 -11.03 -38.11 22.40
C GLY H 44 -9.95 -38.10 23.47
N LEU H 45 -10.14 -38.86 24.54
CA LEU H 45 -9.18 -38.89 25.64
C LEU H 45 -8.12 -39.95 25.34
N GLU H 46 -6.86 -39.52 25.38
CA GLU H 46 -5.70 -40.34 25.02
C GLU H 46 -4.64 -40.26 26.12
N TRP H 47 -4.47 -41.34 26.87
CA TRP H 47 -3.34 -41.50 27.83
C TRP H 47 -2.04 -41.49 27.02
N VAL H 48 -1.07 -40.72 27.45
CA VAL H 48 0.21 -40.69 26.72
C VAL H 48 1.45 -41.11 27.46
N ALA H 49 1.48 -40.90 28.78
CA ALA H 49 2.69 -41.17 29.57
C ALA H 49 2.33 -41.30 31.03
N GLU H 50 3.06 -42.18 31.73
CA GLU H 50 2.87 -42.38 33.18
C GLU H 50 4.20 -42.59 33.88
N ILE H 51 4.28 -42.14 35.12
CA ILE H 51 5.46 -42.37 35.92
C ILE H 51 5.04 -42.83 37.29
N ARG H 52 5.76 -43.81 37.82
CA ARG H 52 5.45 -44.42 39.11
C ARG H 52 6.31 -43.83 40.25
N LEU H 53 6.49 -44.59 41.33
CA LEU H 53 7.07 -44.02 42.56
C LEU H 53 8.57 -44.18 42.72
N LYS H 54 9.13 -43.44 43.67
CA LYS H 54 10.53 -43.62 44.04
C LYS H 54 10.81 -45.10 44.32
N SER H 55 9.89 -45.77 45.00
CA SER H 55 10.03 -47.21 45.31
C SER H 55 10.01 -48.13 44.08
N ASP H 56 9.54 -47.62 42.94
CA ASP H 56 9.56 -48.38 41.68
C ASP H 56 10.67 -47.89 40.74
N ASN H 57 11.65 -47.22 41.34
CA ASN H 57 12.72 -46.53 40.62
C ASN H 57 12.18 -45.56 39.58
N TYR H 58 11.10 -44.88 39.94
CA TYR H 58 10.47 -43.90 39.06
C TYR H 58 10.22 -44.46 37.66
N ALA H 59 9.74 -45.71 37.60
CA ALA H 59 9.42 -46.37 36.32
C ALA H 59 8.47 -45.51 35.43
N THR H 60 8.77 -45.46 34.13
CA THR H 60 8.00 -44.67 33.17
C THR H 60 7.47 -45.55 32.06
N TYR H 61 6.26 -45.18 31.60
CA TYR H 61 5.54 -45.90 30.53
C TYR H 61 4.94 -44.87 29.55
N TYR H 62 4.82 -45.24 28.28
CA TYR H 62 4.42 -44.30 27.22
C TYR H 62 3.46 -44.95 26.24
N ALA H 63 2.54 -44.16 25.71
CA ALA H 63 1.72 -44.65 24.61
C ALA H 63 2.66 -44.84 23.40
N GLU H 64 2.36 -45.83 22.56
CA GLU H 64 3.15 -46.05 21.36
C GLU H 64 3.19 -44.81 20.46
N SER H 65 2.09 -44.04 20.45
CA SER H 65 2.02 -42.83 19.62
C SER H 65 3.04 -41.74 19.97
N VAL H 66 3.60 -41.75 21.17
CA VAL H 66 4.54 -40.71 21.56
C VAL H 66 5.88 -41.25 22.05
N LYS H 67 6.08 -42.56 21.98
CA LYS H 67 7.31 -43.12 22.51
C LYS H 67 8.48 -42.64 21.64
N GLY H 68 9.56 -42.23 22.30
CA GLY H 68 10.71 -41.63 21.64
C GLY H 68 10.62 -40.12 21.51
N LYS H 69 9.41 -39.56 21.64
CA LYS H 69 9.17 -38.11 21.48
C LYS H 69 8.94 -37.37 22.78
N PHE H 70 8.25 -38.02 23.73
CA PHE H 70 7.88 -37.40 24.99
C PHE H 70 8.67 -38.04 26.12
N THR H 71 8.92 -37.26 27.17
CA THR H 71 9.63 -37.73 28.34
C THR H 71 8.92 -37.17 29.57
N ILE H 72 8.39 -38.05 30.40
CA ILE H 72 7.69 -37.67 31.62
C ILE H 72 8.68 -37.75 32.79
N SER H 73 8.60 -36.81 33.72
CA SER H 73 9.41 -36.79 34.95
C SER H 73 8.67 -36.13 36.09
N ARG H 74 9.17 -36.31 37.32
CA ARG H 74 8.54 -35.74 38.51
C ARG H 74 9.61 -35.21 39.44
N ASP H 75 9.25 -34.19 40.19
CA ASP H 75 10.10 -33.66 41.24
C ASP H 75 9.27 -33.69 42.50
N ASP H 76 9.43 -34.76 43.28
CA ASP H 76 8.61 -34.97 44.48
C ASP H 76 8.76 -33.81 45.48
N SER H 77 9.98 -33.28 45.61
CA SER H 77 10.22 -32.20 46.56
C SER H 77 9.41 -30.94 46.24
N LYS H 78 9.07 -30.74 44.96
CA LYS H 78 8.28 -29.57 44.56
C LYS H 78 6.83 -29.92 44.24
N SER H 79 6.48 -31.20 44.36
CA SER H 79 5.15 -31.71 44.03
C SER H 79 4.79 -31.38 42.57
N ARG H 80 5.76 -31.52 41.67
CA ARG H 80 5.59 -31.10 40.27
C ARG H 80 5.85 -32.27 39.33
N LEU H 81 4.95 -32.42 38.34
CA LEU H 81 5.11 -33.39 37.23
C LEU H 81 5.43 -32.61 35.96
N TYR H 82 6.26 -33.18 35.09
CA TYR H 82 6.67 -32.54 33.83
C TYR H 82 6.39 -33.43 32.65
N LEU H 83 6.16 -32.81 31.49
CA LEU H 83 6.18 -33.53 30.22
C LEU H 83 7.00 -32.73 29.22
N GLN H 84 8.14 -33.29 28.83
CA GLN H 84 8.99 -32.75 27.78
C GLN H 84 8.54 -33.37 26.46
N MET H 85 8.15 -32.51 25.53
CA MET H 85 7.55 -32.93 24.27
C MET H 85 8.44 -32.43 23.14
N ASN H 86 9.04 -33.37 22.42
CA ASN H 86 9.89 -33.04 21.29
C ASN H 86 9.27 -33.57 20.00
N ASN H 87 9.75 -33.06 18.88
CA ASN H 87 9.36 -33.54 17.58
C ASN H 87 7.84 -33.50 17.45
N LEU H 88 7.26 -32.33 17.79
CA LEU H 88 5.81 -32.21 17.82
C LEU H 88 5.24 -32.15 16.43
N ARG H 89 4.05 -32.71 16.26
CA ARG H 89 3.35 -32.70 15.00
C ARG H 89 1.92 -32.24 15.22
N THR H 90 1.19 -31.91 14.16
CA THR H 90 -0.16 -31.34 14.36
C THR H 90 -1.05 -32.28 15.21
N GLU H 91 -0.89 -33.59 15.03
CA GLU H 91 -1.67 -34.60 15.76
C GLU H 91 -1.41 -34.59 17.26
N ASP H 92 -0.35 -33.92 17.67
CA ASP H 92 -0.11 -33.72 19.11
C ASP H 92 -0.87 -32.52 19.71
N THR H 93 -1.58 -31.75 18.91
CA THR H 93 -2.43 -30.63 19.38
C THR H 93 -3.53 -31.13 20.32
N GLY H 94 -3.69 -30.50 21.48
CA GLY H 94 -4.82 -30.85 22.37
C GLY H 94 -4.70 -30.22 23.73
N ILE H 95 -5.65 -30.55 24.58
CA ILE H 95 -5.64 -30.14 25.97
C ILE H 95 -4.93 -31.25 26.72
N TYR H 96 -3.86 -30.93 27.45
CA TYR H 96 -3.10 -31.91 28.19
C TYR H 96 -3.52 -31.82 29.66
N TYR H 97 -4.03 -32.95 30.15
CA TYR H 97 -4.39 -33.08 31.58
C TYR H 97 -3.40 -33.90 32.39
N CYS H 98 -3.10 -33.42 33.61
CA CYS H 98 -2.51 -34.28 34.58
C CYS H 98 -3.63 -35.17 35.10
N PHE H 99 -3.39 -36.48 35.07
CA PHE H 99 -4.32 -37.49 35.56
C PHE H 99 -3.57 -38.41 36.53
N LEU H 100 -4.02 -38.39 37.80
CA LEU H 100 -3.51 -39.27 38.85
C LEU H 100 -4.40 -40.50 38.83
N PRO H 101 -3.94 -41.58 38.18
CA PRO H 101 -4.84 -42.70 37.99
C PRO H 101 -5.31 -43.21 39.36
N MET H 102 -6.61 -43.44 39.60
CA MET H 102 -7.74 -43.26 38.66
C MET H 102 -8.65 -42.11 39.08
N ASP H 103 -8.23 -41.35 40.09
CA ASP H 103 -9.16 -40.54 40.86
C ASP H 103 -9.23 -39.03 40.55
N TYR H 104 -8.12 -38.42 40.13
CA TYR H 104 -8.06 -36.96 40.03
C TYR H 104 -7.58 -36.47 38.68
N TRP H 105 -8.22 -35.39 38.21
CA TRP H 105 -7.87 -34.73 36.96
C TRP H 105 -7.60 -33.26 37.22
N GLY H 106 -6.65 -32.72 36.46
CA GLY H 106 -6.37 -31.31 36.42
C GLY H 106 -7.36 -30.50 35.61
N GLN H 107 -6.99 -29.26 35.36
CA GLN H 107 -7.83 -28.34 34.60
C GLN H 107 -7.44 -28.32 33.12
N GLY H 108 -6.26 -28.84 32.84
CA GLY H 108 -5.76 -28.94 31.48
C GLY H 108 -4.98 -27.73 31.02
N THR H 109 -4.02 -27.97 30.14
CA THR H 109 -3.30 -26.86 29.50
C THR H 109 -3.29 -27.16 28.00
N SER H 110 -3.53 -26.14 27.21
CA SER H 110 -3.65 -26.33 25.75
C SER H 110 -2.29 -26.21 25.03
N VAL H 111 -2.07 -27.13 24.10
CA VAL H 111 -0.86 -27.16 23.28
C VAL H 111 -1.33 -27.14 21.83
N THR H 112 -0.88 -26.14 21.08
CA THR H 112 -1.18 -26.06 19.69
C THR H 112 0.13 -26.25 18.90
N VAL H 113 0.11 -27.19 17.96
CA VAL H 113 1.20 -27.40 17.00
C VAL H 113 0.73 -26.91 15.65
N SER H 114 1.31 -25.82 15.19
CA SER H 114 0.76 -25.05 14.08
C SER H 114 1.85 -24.24 13.42
N SER H 115 1.70 -24.02 12.12
CA SER H 115 2.55 -23.09 11.41
C SER H 115 1.95 -21.67 11.30
N ALA H 116 0.75 -21.44 11.84
CA ALA H 116 0.15 -20.11 11.84
C ALA H 116 0.71 -19.29 13.01
N LYS H 117 0.58 -17.96 12.95
CA LYS H 117 1.12 -17.11 14.01
C LYS H 117 0.05 -16.87 15.06
N THR H 118 0.49 -16.75 16.30
CA THR H 118 -0.39 -16.32 17.40
C THR H 118 -0.82 -14.85 17.20
N THR H 119 -2.10 -14.57 17.39
CA THR H 119 -2.69 -13.24 17.26
C THR H 119 -3.54 -13.05 18.51
N PRO H 120 -3.29 -11.99 19.25
CA PRO H 120 -4.15 -11.77 20.41
C PRO H 120 -5.52 -11.20 20.03
N PRO H 121 -6.52 -11.39 20.90
CA PRO H 121 -7.87 -10.89 20.65
C PRO H 121 -8.02 -9.39 20.86
N SER H 122 -8.98 -8.83 20.14
CA SER H 122 -9.53 -7.51 20.40
C SER H 122 -10.78 -7.74 21.20
N VAL H 123 -10.96 -6.97 22.27
CA VAL H 123 -12.05 -7.20 23.21
C VAL H 123 -12.98 -5.98 23.22
N TYR H 124 -14.27 -6.22 22.98
CA TYR H 124 -15.23 -5.14 22.85
C TYR H 124 -16.41 -5.30 23.77
N PRO H 125 -16.84 -4.20 24.42
CA PRO H 125 -17.99 -4.29 25.33
C PRO H 125 -19.28 -4.37 24.55
N LEU H 126 -20.25 -5.08 25.12
CA LEU H 126 -21.59 -5.11 24.58
C LEU H 126 -22.52 -4.58 25.67
N ALA H 127 -22.82 -3.30 25.60
CA ALA H 127 -23.78 -2.66 26.49
C ALA H 127 -25.06 -2.45 25.69
N PRO H 128 -26.22 -2.50 26.37
CA PRO H 128 -27.47 -2.29 25.65
C PRO H 128 -27.55 -0.90 25.03
N GLY H 129 -28.27 -0.80 23.92
CA GLY H 129 -28.54 0.49 23.27
C GLY H 129 -29.36 1.41 24.18
N SER H 136 -36.67 -6.24 34.77
CA SER H 136 -36.11 -6.79 36.02
C SER H 136 -34.65 -7.25 35.83
N MET H 137 -34.35 -7.79 34.65
CA MET H 137 -32.99 -8.27 34.36
C MET H 137 -32.40 -7.47 33.22
N VAL H 138 -31.08 -7.45 33.12
CA VAL H 138 -30.38 -6.83 32.01
C VAL H 138 -29.31 -7.79 31.51
N THR H 139 -29.14 -7.85 30.20
CA THR H 139 -28.11 -8.68 29.59
C THR H 139 -26.98 -7.83 28.97
N LEU H 140 -25.76 -8.14 29.36
CA LEU H 140 -24.54 -7.49 28.87
C LEU H 140 -23.67 -8.54 28.18
N GLY H 141 -22.57 -8.10 27.56
CA GLY H 141 -21.76 -9.03 26.77
C GLY H 141 -20.37 -8.53 26.51
N CYS H 142 -19.53 -9.42 25.96
CA CYS H 142 -18.19 -9.06 25.51
C CYS H 142 -17.97 -9.79 24.20
N LEU H 143 -17.38 -9.10 23.23
CA LEU H 143 -17.06 -9.71 21.94
C LEU H 143 -15.53 -9.85 21.92
N VAL H 144 -15.05 -11.04 21.59
CA VAL H 144 -13.64 -11.36 21.70
C VAL H 144 -13.27 -11.77 20.28
N LYS H 145 -12.58 -10.88 19.58
CA LYS H 145 -12.51 -11.00 18.12
C LYS H 145 -11.10 -11.12 17.58
N GLY H 146 -10.91 -12.01 16.59
CA GLY H 146 -9.69 -12.02 15.80
C GLY H 146 -8.46 -12.66 16.40
N TYR H 147 -8.60 -13.77 17.13
CA TYR H 147 -7.46 -14.35 17.83
C TYR H 147 -7.10 -15.68 17.25
N PHE H 148 -5.87 -16.09 17.53
CA PHE H 148 -5.42 -17.43 17.19
C PHE H 148 -4.25 -17.81 18.12
N PRO H 149 -4.18 -19.09 18.58
CA PRO H 149 -5.11 -20.19 18.49
C PRO H 149 -6.14 -20.13 19.61
N GLU H 150 -7.09 -21.06 19.58
CA GLU H 150 -7.89 -21.32 20.75
C GLU H 150 -6.97 -21.91 21.80
N PRO H 151 -7.37 -21.82 23.08
CA PRO H 151 -8.54 -21.25 23.69
C PRO H 151 -8.41 -19.84 24.21
N VAL H 152 -9.55 -19.22 24.51
CA VAL H 152 -9.59 -18.10 25.43
C VAL H 152 -10.44 -18.52 26.60
N THR H 153 -10.20 -17.85 27.73
CA THR H 153 -11.02 -17.99 28.93
C THR H 153 -11.67 -16.65 29.25
N VAL H 154 -13.00 -16.63 29.26
CA VAL H 154 -13.71 -15.41 29.58
C VAL H 154 -14.36 -15.58 30.96
N THR H 155 -14.19 -14.59 31.81
CA THR H 155 -14.84 -14.61 33.13
C THR H 155 -15.43 -13.25 33.32
N TRP H 156 -16.28 -13.11 34.35
CA TRP H 156 -16.96 -11.85 34.59
C TRP H 156 -16.67 -11.51 36.05
N ASN H 157 -16.29 -10.27 36.33
CA ASN H 157 -15.84 -9.84 37.66
C ASN H 157 -14.86 -10.79 38.30
N SER H 158 -13.84 -11.14 37.52
CA SER H 158 -12.79 -12.05 37.92
C SER H 158 -13.30 -13.42 38.36
N GLY H 159 -14.46 -13.82 37.85
CA GLY H 159 -15.05 -15.11 38.18
C GLY H 159 -16.10 -15.05 39.28
N SER H 160 -16.15 -13.92 39.99
CA SER H 160 -17.18 -13.67 41.02
C SER H 160 -18.58 -13.73 40.47
N LEU H 161 -18.72 -13.22 39.25
CA LEU H 161 -20.01 -13.23 38.56
C LEU H 161 -20.02 -14.46 37.67
N SER H 162 -20.66 -15.54 38.14
CA SER H 162 -20.65 -16.78 37.38
C SER H 162 -22.04 -17.33 37.02
N SER H 163 -23.08 -16.92 37.73
CA SER H 163 -24.44 -17.30 37.35
C SER H 163 -24.96 -16.39 36.25
N GLY H 164 -25.76 -16.95 35.35
CA GLY H 164 -26.33 -16.18 34.27
C GLY H 164 -25.33 -15.89 33.15
N VAL H 165 -24.26 -16.67 33.10
CA VAL H 165 -23.24 -16.52 32.05
C VAL H 165 -23.38 -17.59 30.95
N HIS H 166 -23.32 -17.17 29.69
CA HIS H 166 -23.18 -18.07 28.52
C HIS H 166 -21.96 -17.59 27.74
N THR H 167 -20.98 -18.45 27.54
CA THR H 167 -19.91 -18.15 26.60
C THR H 167 -20.09 -19.07 25.40
N PHE H 168 -20.22 -18.47 24.22
CA PHE H 168 -20.53 -19.22 23.03
C PHE H 168 -19.26 -19.80 22.45
N PRO H 169 -19.36 -20.96 21.77
CA PRO H 169 -18.21 -21.49 21.08
C PRO H 169 -17.67 -20.54 20.00
N ALA H 170 -16.36 -20.59 19.79
CA ALA H 170 -15.72 -19.70 18.84
C ALA H 170 -16.01 -20.17 17.43
N VAL H 171 -16.04 -19.24 16.51
CA VAL H 171 -16.20 -19.53 15.10
C VAL H 171 -14.91 -19.08 14.42
N LEU H 172 -14.44 -19.85 13.44
CA LEU H 172 -13.25 -19.53 12.71
C LEU H 172 -13.67 -18.84 11.43
N GLN H 173 -13.14 -17.66 11.16
CA GLN H 173 -13.33 -17.00 9.87
C GLN H 173 -12.05 -16.32 9.45
N SER H 174 -11.63 -16.56 8.22
CA SER H 174 -10.40 -15.98 7.68
C SER H 174 -9.24 -16.28 8.60
N ASP H 175 -9.19 -17.52 9.06
CA ASP H 175 -8.08 -18.06 9.86
C ASP H 175 -8.03 -17.52 11.29
N LEU H 176 -9.03 -16.76 11.73
CA LEU H 176 -9.03 -16.23 13.10
C LEU H 176 -10.31 -16.57 13.83
N TYR H 177 -10.21 -16.74 15.15
CA TYR H 177 -11.39 -17.06 15.95
C TYR H 177 -12.09 -15.81 16.51
N THR H 178 -13.40 -15.92 16.61
CA THR H 178 -14.22 -14.93 17.33
C THR H 178 -15.25 -15.64 18.21
N LEU H 179 -15.46 -15.12 19.42
CA LEU H 179 -16.56 -15.60 20.21
C LEU H 179 -17.12 -14.46 21.05
N SER H 180 -18.31 -14.67 21.59
CA SER H 180 -18.92 -13.73 22.53
C SER H 180 -19.31 -14.43 23.81
N SER H 181 -19.39 -13.62 24.86
CA SER H 181 -19.92 -14.06 26.14
C SER H 181 -21.10 -13.16 26.52
N SER H 182 -22.11 -13.75 27.15
CA SER H 182 -23.19 -12.94 27.71
C SER H 182 -23.34 -13.19 29.18
N VAL H 183 -23.71 -12.12 29.88
CA VAL H 183 -24.10 -12.22 31.28
C VAL H 183 -25.42 -11.48 31.51
N THR H 184 -26.27 -12.08 32.32
CA THR H 184 -27.55 -11.49 32.65
C THR H 184 -27.60 -11.28 34.17
N VAL H 185 -27.81 -10.03 34.58
CA VAL H 185 -27.83 -9.63 35.98
C VAL H 185 -29.10 -8.84 36.30
N PRO H 186 -29.49 -8.75 37.59
CA PRO H 186 -30.65 -7.91 37.90
C PRO H 186 -30.40 -6.44 37.57
N SER H 187 -31.42 -5.76 37.04
CA SER H 187 -31.27 -4.34 36.68
C SER H 187 -30.91 -3.48 37.89
N SER H 188 -31.31 -3.93 39.08
CA SER H 188 -30.94 -3.27 40.34
C SER H 188 -29.43 -3.30 40.66
N THR H 189 -28.68 -4.18 40.00
CA THR H 189 -27.23 -4.28 40.21
C THR H 189 -26.37 -3.62 39.12
N TRP H 190 -26.95 -3.33 37.96
CA TRP H 190 -26.20 -2.68 36.87
C TRP H 190 -27.01 -1.55 36.25
N PRO H 191 -26.38 -0.40 35.97
CA PRO H 191 -24.99 0.03 36.15
C PRO H 191 -24.59 0.49 37.54
N SER H 192 -25.47 0.26 38.51
CA SER H 192 -25.22 0.57 39.91
C SER H 192 -23.86 0.02 40.37
N GLU H 193 -23.67 -1.29 40.18
CA GLU H 193 -22.43 -1.97 40.52
C GLU H 193 -21.76 -2.50 39.24
N THR H 194 -20.43 -2.52 39.24
CA THR H 194 -19.65 -2.68 37.99
C THR H 194 -19.67 -4.12 37.48
N VAL H 195 -19.72 -4.25 36.17
CA VAL H 195 -19.61 -5.53 35.48
C VAL H 195 -18.46 -5.40 34.49
N THR H 196 -17.47 -6.28 34.66
CA THR H 196 -16.25 -6.27 33.85
C THR H 196 -16.06 -7.67 33.24
N CYS H 197 -15.80 -7.77 31.95
CA CYS H 197 -15.37 -9.07 31.44
C CYS H 197 -13.85 -9.13 31.39
N ASN H 198 -13.34 -10.31 31.70
CA ASN H 198 -11.90 -10.60 31.74
C ASN H 198 -11.59 -11.66 30.68
N VAL H 199 -10.64 -11.36 29.79
CA VAL H 199 -10.35 -12.26 28.68
C VAL H 199 -8.88 -12.65 28.74
N ALA H 200 -8.65 -13.93 28.93
CA ALA H 200 -7.31 -14.47 28.93
C ALA H 200 -7.11 -15.30 27.67
N HIS H 201 -5.97 -15.08 27.02
CA HIS H 201 -5.55 -15.82 25.84
C HIS H 201 -4.16 -16.35 26.15
N PRO H 202 -4.07 -17.60 26.61
CA PRO H 202 -2.79 -18.10 27.07
C PRO H 202 -1.69 -18.08 26.03
N ALA H 203 -2.02 -18.32 24.77
CA ALA H 203 -0.96 -18.34 23.78
C ALA H 203 -0.24 -16.99 23.63
N SER H 204 -0.92 -15.88 23.90
CA SER H 204 -0.31 -14.53 23.80
C SER H 204 0.03 -13.98 25.18
N SER H 205 -0.21 -14.77 26.23
CA SER H 205 0.06 -14.32 27.59
C SER H 205 -0.62 -12.99 27.87
N THR H 206 -1.85 -12.83 27.38
CA THR H 206 -2.59 -11.60 27.57
C THR H 206 -3.80 -11.82 28.48
N LYS H 207 -4.09 -10.81 29.28
CA LYS H 207 -5.29 -10.80 30.09
C LYS H 207 -5.81 -9.37 30.00
N VAL H 208 -7.00 -9.22 29.43
CA VAL H 208 -7.57 -7.91 29.14
C VAL H 208 -8.89 -7.82 29.92
N ASP H 209 -9.12 -6.66 30.54
CA ASP H 209 -10.34 -6.38 31.28
C ASP H 209 -11.09 -5.28 30.56
N LYS H 210 -12.39 -5.47 30.32
CA LYS H 210 -13.21 -4.41 29.75
C LYS H 210 -14.47 -4.26 30.62
N LYS H 211 -14.57 -3.11 31.28
CA LYS H 211 -15.76 -2.77 32.06
C LYS H 211 -16.90 -2.41 31.10
N ILE H 212 -18.09 -2.92 31.39
CA ILE H 212 -19.26 -2.61 30.61
C ILE H 212 -19.88 -1.32 31.14
N VAL H 213 -19.92 -0.28 30.32
CA VAL H 213 -20.47 1.01 30.75
C VAL H 213 -21.70 1.37 29.92
N PRO H 214 -22.72 1.98 30.55
CA PRO H 214 -23.85 2.42 29.74
C PRO H 214 -23.39 3.37 28.65
N ARG H 215 -24.09 3.38 27.53
CA ARG H 215 -23.64 4.10 26.34
C ARG H 215 -23.68 5.62 26.53
#